data_2CO9
#
_entry.id   2CO9
#
_entity_poly.entity_id   1
_entity_poly.type   'polypeptide(L)'
_entity_poly.pdbx_seq_one_letter_code
;GSSGSSGKKKKKKDPNEPQKPVSAYALFFRDTQAAIKGQNPNATFGEVSKIVASMWDGLGEEQKQVYKKKTEAAKKEYLK
QLAAYRASLVSKSYTDSGPSSG
;
_entity_poly.pdbx_strand_id   A
#
# COMPACT_ATOMS: atom_id res chain seq x y z
N GLY A 1 -2.92 7.86 26.70
CA GLY A 1 -1.47 7.82 26.67
C GLY A 1 -0.93 7.02 25.49
N SER A 2 -0.24 7.70 24.59
CA SER A 2 0.32 7.06 23.41
C SER A 2 1.59 7.77 22.94
N SER A 3 2.71 7.06 22.97
CA SER A 3 3.99 7.62 22.56
C SER A 3 4.90 6.54 22.01
N GLY A 4 6.02 6.96 21.42
CA GLY A 4 6.97 6.01 20.85
C GLY A 4 8.07 5.65 21.83
N SER A 5 8.86 4.64 21.48
CA SER A 5 9.95 4.20 22.33
C SER A 5 11.25 4.08 21.53
N SER A 6 11.16 3.45 20.36
CA SER A 6 12.33 3.26 19.51
C SER A 6 12.82 4.60 18.96
N GLY A 7 14.14 4.72 18.79
CA GLY A 7 14.71 5.95 18.29
C GLY A 7 15.17 5.83 16.84
N LYS A 8 16.17 6.61 16.46
CA LYS A 8 16.70 6.59 15.11
C LYS A 8 15.56 6.72 14.09
N LYS A 9 14.65 7.64 14.36
CA LYS A 9 13.52 7.87 13.46
C LYS A 9 12.55 6.69 13.48
N LYS A 10 12.98 5.58 12.92
CA LYS A 10 12.16 4.37 12.87
C LYS A 10 11.10 4.48 11.78
N LYS A 11 11.07 5.62 11.10
CA LYS A 11 10.10 5.84 10.03
C LYS A 11 10.74 6.63 8.89
N LYS A 12 11.44 5.94 8.00
CA LYS A 12 12.10 6.57 6.87
C LYS A 12 11.26 7.72 6.33
N LYS A 13 11.85 8.92 6.29
CA LYS A 13 11.16 10.10 5.81
C LYS A 13 10.32 9.77 4.57
N ASP A 14 9.03 10.03 4.66
CA ASP A 14 8.11 9.76 3.56
C ASP A 14 7.23 10.98 3.27
N PRO A 15 6.94 11.20 1.98
CA PRO A 15 6.11 12.32 1.54
C PRO A 15 4.66 12.16 1.95
N ASN A 16 3.83 13.16 1.61
CA ASN A 16 2.42 13.12 1.94
C ASN A 16 1.58 12.68 0.73
N GLU A 17 0.32 13.08 0.72
CA GLU A 17 -0.58 12.72 -0.38
C GLU A 17 -0.71 11.20 -0.50
N PRO A 18 -1.94 10.75 -0.75
CA PRO A 18 -2.24 9.31 -0.90
C PRO A 18 -1.65 8.73 -2.18
N GLN A 19 -1.24 7.46 -2.10
CA GLN A 19 -0.65 6.78 -3.25
C GLN A 19 -1.59 5.70 -3.77
N LYS A 20 -1.80 5.68 -5.09
CA LYS A 20 -2.66 4.70 -5.71
C LYS A 20 -2.33 3.29 -5.23
N PRO A 21 -3.37 2.48 -4.99
CA PRO A 21 -3.21 1.10 -4.52
C PRO A 21 -2.63 0.19 -5.59
N VAL A 22 -1.92 -0.86 -5.16
CA VAL A 22 -1.31 -1.80 -6.08
C VAL A 22 -2.36 -2.71 -6.71
N SER A 23 -2.00 -3.33 -7.83
CA SER A 23 -2.92 -4.22 -8.53
C SER A 23 -3.22 -5.47 -7.70
N ALA A 24 -4.10 -6.33 -8.23
CA ALA A 24 -4.46 -7.55 -7.53
C ALA A 24 -3.22 -8.37 -7.17
N TYR A 25 -2.56 -8.91 -8.17
CA TYR A 25 -1.36 -9.72 -7.95
C TYR A 25 -0.37 -8.98 -7.05
N ALA A 26 -0.36 -7.65 -7.13
CA ALA A 26 0.53 -6.83 -6.33
C ALA A 26 0.08 -6.82 -4.87
N LEU A 27 -1.23 -6.74 -4.66
CA LEU A 27 -1.78 -6.71 -3.31
C LEU A 27 -1.30 -7.91 -2.50
N PHE A 28 -1.09 -9.03 -3.18
CA PHE A 28 -0.62 -10.25 -2.52
C PHE A 28 0.90 -10.26 -2.40
N PHE A 29 1.55 -9.35 -3.12
CA PHE A 29 3.01 -9.26 -3.11
C PHE A 29 3.48 -8.50 -1.86
N ARG A 30 2.81 -7.40 -1.57
CA ARG A 30 3.16 -6.58 -0.41
C ARG A 30 2.80 -7.29 0.89
N ASP A 31 2.00 -8.35 0.78
CA ASP A 31 1.58 -9.11 1.95
C ASP A 31 2.50 -10.32 2.17
N THR A 32 2.97 -10.90 1.07
CA THR A 32 3.86 -12.06 1.15
C THR A 32 5.30 -11.63 1.34
N GLN A 33 5.77 -10.73 0.48
CA GLN A 33 7.14 -10.24 0.55
C GLN A 33 7.59 -10.09 2.01
N ALA A 34 6.85 -9.29 2.77
CA ALA A 34 7.16 -9.07 4.18
C ALA A 34 7.40 -10.39 4.90
N ALA A 35 6.60 -11.39 4.58
CA ALA A 35 6.73 -12.70 5.20
C ALA A 35 7.99 -13.42 4.72
N ILE A 36 8.42 -13.08 3.51
CA ILE A 36 9.61 -13.69 2.93
C ILE A 36 10.88 -13.07 3.48
N LYS A 37 11.04 -11.77 3.26
CA LYS A 37 12.21 -11.04 3.75
C LYS A 37 12.32 -11.15 5.26
N GLY A 38 11.19 -11.01 5.95
CA GLY A 38 11.19 -11.09 7.40
C GLY A 38 11.76 -12.41 7.90
N GLN A 39 11.41 -13.50 7.24
CA GLN A 39 11.90 -14.81 7.62
C GLN A 39 13.30 -15.06 7.08
N ASN A 40 13.61 -14.44 5.95
CA ASN A 40 14.92 -14.59 5.33
C ASN A 40 15.48 -13.24 4.89
N PRO A 41 16.06 -12.50 5.86
CA PRO A 41 16.64 -11.18 5.60
C PRO A 41 17.91 -11.27 4.77
N ASN A 42 18.32 -12.49 4.43
CA ASN A 42 19.53 -12.70 3.63
C ASN A 42 19.21 -12.64 2.15
N ALA A 43 17.92 -12.71 1.82
CA ALA A 43 17.48 -12.66 0.43
C ALA A 43 17.35 -11.22 -0.05
N THR A 44 17.80 -10.96 -1.29
CA THR A 44 17.73 -9.63 -1.86
C THR A 44 16.39 -9.40 -2.56
N PHE A 45 16.07 -8.14 -2.80
CA PHE A 45 14.82 -7.78 -3.46
C PHE A 45 14.51 -8.75 -4.60
N GLY A 46 15.53 -9.03 -5.42
CA GLY A 46 15.34 -9.95 -6.53
C GLY A 46 14.87 -11.31 -6.09
N GLU A 47 15.41 -11.80 -4.98
CA GLU A 47 15.04 -13.11 -4.46
C GLU A 47 13.62 -13.08 -3.89
N VAL A 48 13.40 -12.22 -2.90
CA VAL A 48 12.09 -12.10 -2.28
C VAL A 48 10.98 -12.09 -3.32
N SER A 49 11.26 -11.46 -4.46
CA SER A 49 10.29 -11.38 -5.55
C SER A 49 10.16 -12.72 -6.27
N LYS A 50 11.25 -13.17 -6.84
CA LYS A 50 11.27 -14.44 -7.57
C LYS A 50 10.53 -15.52 -6.79
N ILE A 51 10.45 -15.34 -5.47
CA ILE A 51 9.76 -16.30 -4.61
C ILE A 51 8.26 -16.08 -4.62
N VAL A 52 7.85 -14.82 -4.49
CA VAL A 52 6.44 -14.47 -4.49
C VAL A 52 5.78 -14.85 -5.81
N ALA A 53 6.40 -14.44 -6.91
CA ALA A 53 5.88 -14.73 -8.25
C ALA A 53 5.44 -16.18 -8.35
N SER A 54 6.19 -17.07 -7.70
CA SER A 54 5.87 -18.50 -7.73
C SER A 54 4.66 -18.81 -6.85
N MET A 55 4.48 -18.00 -5.81
CA MET A 55 3.36 -18.18 -4.89
C MET A 55 2.05 -17.82 -5.55
N TRP A 56 1.97 -16.60 -6.08
CA TRP A 56 0.77 -16.13 -6.75
C TRP A 56 0.39 -17.03 -7.91
N ASP A 57 1.40 -17.46 -8.67
CA ASP A 57 1.17 -18.34 -9.82
C ASP A 57 0.50 -19.64 -9.37
N GLY A 58 0.44 -19.86 -8.06
CA GLY A 58 -0.17 -21.06 -7.53
C GLY A 58 -1.22 -20.77 -6.48
N LEU A 59 -1.93 -19.66 -6.65
CA LEU A 59 -2.96 -19.26 -5.69
C LEU A 59 -4.33 -19.77 -6.14
N GLY A 60 -5.18 -20.08 -5.17
CA GLY A 60 -6.51 -20.58 -5.48
C GLY A 60 -7.36 -19.54 -6.21
N GLU A 61 -8.29 -20.01 -7.03
CA GLU A 61 -9.16 -19.12 -7.79
C GLU A 61 -9.90 -18.17 -6.86
N GLU A 62 -10.25 -18.67 -5.67
CA GLU A 62 -10.97 -17.86 -4.69
C GLU A 62 -10.04 -16.82 -4.06
N GLN A 63 -8.75 -17.13 -4.01
CA GLN A 63 -7.77 -16.24 -3.43
C GLN A 63 -7.35 -15.17 -4.44
N LYS A 64 -7.35 -15.53 -5.71
CA LYS A 64 -6.98 -14.60 -6.77
C LYS A 64 -8.10 -13.61 -7.06
N GLN A 65 -9.32 -14.12 -7.18
CA GLN A 65 -10.48 -13.28 -7.44
C GLN A 65 -10.67 -12.24 -6.35
N VAL A 66 -10.56 -12.68 -5.10
CA VAL A 66 -10.71 -11.77 -3.96
C VAL A 66 -9.74 -10.59 -4.06
N TYR A 67 -8.49 -10.90 -4.40
CA TYR A 67 -7.47 -9.85 -4.52
C TYR A 67 -7.85 -8.85 -5.60
N LYS A 68 -8.56 -9.33 -6.62
CA LYS A 68 -8.99 -8.46 -7.72
C LYS A 68 -10.14 -7.58 -7.30
N LYS A 69 -11.08 -8.15 -6.54
CA LYS A 69 -12.24 -7.39 -6.06
C LYS A 69 -11.82 -6.28 -5.11
N LYS A 70 -10.68 -6.48 -4.44
CA LYS A 70 -10.17 -5.49 -3.51
C LYS A 70 -9.54 -4.32 -4.25
N THR A 71 -8.94 -4.61 -5.40
CA THR A 71 -8.30 -3.59 -6.21
C THR A 71 -9.29 -2.51 -6.64
N GLU A 72 -10.34 -2.92 -7.34
CA GLU A 72 -11.35 -1.98 -7.81
C GLU A 72 -11.92 -1.17 -6.65
N ALA A 73 -11.98 -1.78 -5.47
CA ALA A 73 -12.49 -1.11 -4.29
C ALA A 73 -11.44 -0.19 -3.69
N ALA A 74 -10.17 -0.55 -3.86
CA ALA A 74 -9.07 0.24 -3.34
C ALA A 74 -8.81 1.48 -4.21
N LYS A 75 -8.60 1.25 -5.49
CA LYS A 75 -8.34 2.34 -6.43
C LYS A 75 -9.46 3.38 -6.37
N LYS A 76 -10.70 2.90 -6.34
CA LYS A 76 -11.85 3.79 -6.27
C LYS A 76 -11.74 4.74 -5.09
N GLU A 77 -11.72 4.18 -3.89
CA GLU A 77 -11.62 4.98 -2.67
C GLU A 77 -10.43 5.94 -2.75
N TYR A 78 -9.30 5.42 -3.21
CA TYR A 78 -8.08 6.23 -3.33
C TYR A 78 -8.38 7.56 -4.01
N LEU A 79 -9.31 7.54 -4.96
CA LEU A 79 -9.69 8.74 -5.68
C LEU A 79 -10.53 9.67 -4.81
N LYS A 80 -11.43 9.08 -4.04
CA LYS A 80 -12.29 9.85 -3.15
C LYS A 80 -11.49 10.49 -2.02
N GLN A 81 -10.64 9.68 -1.37
CA GLN A 81 -9.82 10.18 -0.27
C GLN A 81 -8.84 11.24 -0.77
N LEU A 82 -8.27 11.02 -1.94
CA LEU A 82 -7.31 11.96 -2.52
C LEU A 82 -7.99 13.29 -2.85
N ALA A 83 -9.15 13.21 -3.50
CA ALA A 83 -9.89 14.40 -3.86
C ALA A 83 -10.07 15.32 -2.66
N ALA A 84 -9.88 14.77 -1.47
CA ALA A 84 -10.03 15.55 -0.24
C ALA A 84 -8.69 16.11 0.21
N TYR A 85 -7.65 15.29 0.15
CA TYR A 85 -6.32 15.72 0.56
C TYR A 85 -5.97 17.07 -0.03
N ARG A 86 -6.53 17.38 -1.20
CA ARG A 86 -6.28 18.65 -1.87
C ARG A 86 -7.08 19.77 -1.21
N ALA A 87 -8.29 19.45 -0.76
CA ALA A 87 -9.14 20.43 -0.11
C ALA A 87 -8.35 21.27 0.89
N SER A 88 -7.27 20.70 1.41
CA SER A 88 -6.42 21.40 2.38
C SER A 88 -5.32 22.18 1.67
N LEU A 89 -4.78 21.60 0.61
CA LEU A 89 -3.71 22.24 -0.16
C LEU A 89 -4.22 23.49 -0.87
N VAL A 90 -5.44 23.40 -1.40
CA VAL A 90 -6.05 24.52 -2.10
C VAL A 90 -6.30 25.69 -1.16
N SER A 91 -6.04 25.48 0.13
CA SER A 91 -6.25 26.51 1.13
C SER A 91 -4.91 26.99 1.70
N LYS A 92 -4.59 28.26 1.45
CA LYS A 92 -3.34 28.83 1.93
C LYS A 92 -2.14 28.13 1.32
N SER A 93 -1.57 28.72 0.28
CA SER A 93 -0.41 28.15 -0.39
C SER A 93 0.09 29.08 -1.50
N TYR A 94 1.22 28.72 -2.10
CA TYR A 94 1.81 29.52 -3.17
C TYR A 94 2.32 30.84 -2.63
N THR A 95 2.95 31.63 -3.50
CA THR A 95 3.49 32.92 -3.12
C THR A 95 4.54 32.77 -2.02
N ASP A 96 5.81 32.83 -2.41
CA ASP A 96 6.90 32.70 -1.45
C ASP A 96 8.22 33.15 -2.08
N SER A 97 8.38 32.89 -3.37
CA SER A 97 9.60 33.26 -4.08
C SER A 97 10.81 32.57 -3.48
N GLY A 98 11.28 31.53 -4.16
CA GLY A 98 12.44 30.78 -3.69
C GLY A 98 13.07 29.94 -4.78
N PRO A 99 13.76 28.86 -4.37
CA PRO A 99 14.43 27.95 -5.30
C PRO A 99 13.44 27.12 -6.10
N SER A 100 12.16 27.23 -5.76
CA SER A 100 11.12 26.49 -6.46
C SER A 100 11.12 26.80 -7.95
N SER A 101 11.29 28.08 -8.28
CA SER A 101 11.31 28.50 -9.67
C SER A 101 11.80 29.95 -9.78
N GLY A 102 12.59 30.22 -10.81
CA GLY A 102 13.11 31.56 -11.01
C GLY A 102 14.62 31.60 -11.12
N GLY A 1 10.96 -3.39 -13.20
CA GLY A 1 12.03 -2.71 -13.90
C GLY A 1 13.34 -2.73 -13.14
N SER A 2 14.25 -1.85 -13.52
CA SER A 2 15.56 -1.77 -12.87
C SER A 2 15.67 -0.49 -12.05
N SER A 3 16.63 -0.47 -11.13
CA SER A 3 16.85 0.70 -10.28
C SER A 3 15.55 1.09 -9.55
N GLY A 4 15.26 0.39 -8.47
CA GLY A 4 14.06 0.68 -7.70
C GLY A 4 14.35 1.40 -6.41
N SER A 5 14.24 0.69 -5.29
CA SER A 5 14.49 1.28 -3.98
C SER A 5 13.63 2.52 -3.77
N SER A 6 13.61 3.01 -2.54
CA SER A 6 12.81 4.19 -2.20
C SER A 6 12.99 4.55 -0.72
N GLY A 7 12.74 3.59 0.16
CA GLY A 7 12.87 3.82 1.58
C GLY A 7 14.28 4.22 1.98
N LYS A 8 14.40 4.93 3.09
CA LYS A 8 15.72 5.37 3.57
C LYS A 8 16.34 6.39 2.62
N LYS A 9 16.16 7.66 2.94
CA LYS A 9 16.72 8.73 2.11
C LYS A 9 16.02 8.77 0.75
N LYS A 10 16.37 9.77 -0.05
CA LYS A 10 15.79 9.93 -1.38
C LYS A 10 14.31 10.27 -1.30
N LYS A 11 13.95 11.46 -1.75
CA LYS A 11 12.56 11.91 -1.72
C LYS A 11 12.00 11.84 -0.31
N LYS A 12 12.27 12.86 0.48
CA LYS A 12 11.78 12.92 1.86
C LYS A 12 11.53 14.36 2.29
N LYS A 13 10.31 14.63 2.73
CA LYS A 13 9.94 15.96 3.19
C LYS A 13 8.60 15.93 3.93
N ASP A 14 8.47 15.01 4.87
CA ASP A 14 7.24 14.88 5.65
C ASP A 14 6.03 14.82 4.74
N PRO A 15 5.87 13.70 4.03
CA PRO A 15 4.75 13.49 3.11
C PRO A 15 3.42 13.33 3.85
N ASN A 16 2.34 13.18 3.09
CA ASN A 16 1.01 13.01 3.67
C ASN A 16 0.07 12.33 2.68
N GLU A 17 0.15 12.74 1.42
CA GLU A 17 -0.69 12.17 0.37
C GLU A 17 -0.81 10.66 0.53
N PRO A 18 -2.00 10.12 0.21
CA PRO A 18 -2.27 8.68 0.32
C PRO A 18 -1.51 7.88 -0.74
N GLN A 19 -1.11 6.67 -0.38
CA GLN A 19 -0.38 5.80 -1.29
C GLN A 19 -1.34 4.96 -2.13
N LYS A 20 -1.42 5.29 -3.42
CA LYS A 20 -2.30 4.57 -4.33
C LYS A 20 -2.14 3.06 -4.16
N PRO A 21 -3.25 2.33 -4.22
CA PRO A 21 -3.27 0.87 -4.08
C PRO A 21 -2.63 0.17 -5.29
N VAL A 22 -2.01 -0.98 -5.04
CA VAL A 22 -1.37 -1.75 -6.11
C VAL A 22 -2.36 -2.69 -6.78
N SER A 23 -1.97 -3.23 -7.92
CA SER A 23 -2.82 -4.15 -8.67
C SER A 23 -3.21 -5.35 -7.80
N ALA A 24 -3.87 -6.32 -8.42
CA ALA A 24 -4.31 -7.52 -7.70
C ALA A 24 -3.12 -8.38 -7.30
N TYR A 25 -2.31 -8.77 -8.29
CA TYR A 25 -1.14 -9.59 -8.04
C TYR A 25 -0.14 -8.87 -7.15
N ALA A 26 -0.25 -7.55 -7.10
CA ALA A 26 0.64 -6.74 -6.27
C ALA A 26 0.20 -6.73 -4.82
N LEU A 27 -1.11 -6.65 -4.60
CA LEU A 27 -1.66 -6.64 -3.25
C LEU A 27 -1.18 -7.85 -2.46
N PHE A 28 -0.86 -8.93 -3.17
CA PHE A 28 -0.39 -10.16 -2.53
C PHE A 28 1.13 -10.14 -2.38
N PHE A 29 1.78 -9.27 -3.15
CA PHE A 29 3.24 -9.16 -3.11
C PHE A 29 3.68 -8.40 -1.86
N ARG A 30 2.93 -7.37 -1.49
CA ARG A 30 3.24 -6.56 -0.32
C ARG A 30 2.77 -7.24 0.95
N ASP A 31 1.85 -8.19 0.81
CA ASP A 31 1.31 -8.92 1.95
C ASP A 31 2.17 -10.15 2.25
N THR A 32 2.77 -10.72 1.22
CA THR A 32 3.61 -11.91 1.38
C THR A 32 5.07 -11.51 1.55
N GLN A 33 5.55 -10.66 0.66
CA GLN A 33 6.94 -10.20 0.71
C GLN A 33 7.41 -10.08 2.15
N ALA A 34 6.74 -9.24 2.92
CA ALA A 34 7.09 -9.03 4.32
C ALA A 34 7.43 -10.35 5.01
N ALA A 35 6.54 -11.33 4.89
CA ALA A 35 6.75 -12.64 5.49
C ALA A 35 7.99 -13.32 4.91
N ILE A 36 8.24 -13.07 3.63
CA ILE A 36 9.39 -13.66 2.96
C ILE A 36 10.70 -13.01 3.41
N LYS A 37 10.83 -11.72 3.14
CA LYS A 37 12.03 -10.98 3.52
C LYS A 37 12.33 -11.17 5.01
N GLY A 38 11.27 -11.24 5.82
CA GLY A 38 11.45 -11.43 7.24
C GLY A 38 12.24 -12.68 7.58
N GLN A 39 11.95 -13.77 6.86
CA GLN A 39 12.63 -15.03 7.08
C GLN A 39 13.99 -15.06 6.38
N ASN A 40 14.11 -14.25 5.32
CA ASN A 40 15.34 -14.18 4.56
C ASN A 40 15.74 -12.73 4.27
N PRO A 41 16.36 -12.09 5.27
CA PRO A 41 16.80 -10.70 5.16
C PRO A 41 17.97 -10.53 4.19
N ASN A 42 18.48 -11.65 3.69
CA ASN A 42 19.60 -11.64 2.75
C ASN A 42 19.10 -11.33 1.34
N ALA A 43 17.85 -11.67 1.07
CA ALA A 43 17.26 -11.42 -0.24
C ALA A 43 17.30 -9.95 -0.60
N THR A 44 17.59 -9.65 -1.86
CA THR A 44 17.66 -8.28 -2.34
C THR A 44 16.58 -8.00 -3.36
N PHE A 45 15.32 -8.09 -2.94
CA PHE A 45 14.19 -7.84 -3.83
C PHE A 45 14.09 -8.93 -4.89
N GLY A 46 15.01 -8.91 -5.85
CA GLY A 46 15.01 -9.90 -6.91
C GLY A 46 14.68 -11.28 -6.41
N GLU A 47 15.07 -11.57 -5.17
CA GLU A 47 14.82 -12.88 -4.58
C GLU A 47 13.41 -12.94 -3.98
N VAL A 48 13.15 -12.09 -2.99
CA VAL A 48 11.85 -12.05 -2.35
C VAL A 48 10.72 -12.10 -3.37
N SER A 49 10.99 -11.56 -4.56
CA SER A 49 10.00 -11.53 -5.63
C SER A 49 9.95 -12.87 -6.35
N LYS A 50 11.10 -13.33 -6.83
CA LYS A 50 11.18 -14.60 -7.54
C LYS A 50 10.35 -15.67 -6.84
N ILE A 51 10.25 -15.57 -5.52
CA ILE A 51 9.49 -16.53 -4.74
C ILE A 51 7.99 -16.21 -4.80
N VAL A 52 7.65 -14.97 -4.46
CA VAL A 52 6.25 -14.54 -4.48
C VAL A 52 5.57 -14.89 -5.80
N ALA A 53 6.24 -14.55 -6.89
CA ALA A 53 5.70 -14.83 -8.22
C ALA A 53 5.17 -16.25 -8.31
N SER A 54 5.92 -17.20 -7.75
CA SER A 54 5.52 -18.61 -7.76
C SER A 54 4.33 -18.84 -6.84
N MET A 55 4.30 -18.12 -5.73
CA MET A 55 3.21 -18.25 -4.77
C MET A 55 1.88 -17.84 -5.39
N TRP A 56 1.84 -16.63 -5.93
CA TRP A 56 0.62 -16.12 -6.56
C TRP A 56 0.14 -17.06 -7.66
N ASP A 57 1.05 -17.44 -8.54
CA ASP A 57 0.72 -18.34 -9.64
C ASP A 57 0.12 -19.65 -9.12
N GLY A 58 0.28 -19.88 -7.83
CA GLY A 58 -0.25 -21.09 -7.22
C GLY A 58 -1.39 -20.81 -6.28
N LEU A 59 -1.65 -19.54 -6.03
CA LEU A 59 -2.74 -19.14 -5.14
C LEU A 59 -4.08 -19.70 -5.61
N GLY A 60 -5.00 -19.89 -4.67
CA GLY A 60 -6.31 -20.42 -5.02
C GLY A 60 -7.17 -19.40 -5.73
N GLU A 61 -7.99 -19.87 -6.66
CA GLU A 61 -8.88 -18.99 -7.41
C GLU A 61 -9.60 -18.02 -6.49
N GLU A 62 -10.05 -18.53 -5.35
CA GLU A 62 -10.76 -17.70 -4.37
C GLU A 62 -9.85 -16.62 -3.80
N GLN A 63 -8.56 -16.92 -3.76
CA GLN A 63 -7.57 -15.97 -3.24
C GLN A 63 -7.12 -15.01 -4.32
N LYS A 64 -7.13 -15.47 -5.56
CA LYS A 64 -6.71 -14.66 -6.70
C LYS A 64 -7.76 -13.60 -7.02
N GLN A 65 -9.02 -14.02 -7.08
CA GLN A 65 -10.12 -13.11 -7.37
C GLN A 65 -10.25 -12.04 -6.28
N VAL A 66 -10.35 -12.48 -5.04
CA VAL A 66 -10.47 -11.56 -3.91
C VAL A 66 -9.53 -10.37 -4.07
N TYR A 67 -8.28 -10.65 -4.39
CA TYR A 67 -7.27 -9.59 -4.57
C TYR A 67 -7.70 -8.63 -5.67
N LYS A 68 -8.29 -9.17 -6.73
CA LYS A 68 -8.75 -8.35 -7.84
C LYS A 68 -9.90 -7.45 -7.42
N LYS A 69 -10.80 -7.98 -6.60
CA LYS A 69 -11.95 -7.23 -6.12
C LYS A 69 -11.51 -6.05 -5.25
N LYS A 70 -10.53 -6.31 -4.39
CA LYS A 70 -10.02 -5.27 -3.50
C LYS A 70 -9.30 -4.17 -4.28
N THR A 71 -8.65 -4.57 -5.38
CA THR A 71 -7.93 -3.62 -6.22
C THR A 71 -8.87 -2.56 -6.78
N GLU A 72 -10.06 -3.00 -7.19
CA GLU A 72 -11.05 -2.09 -7.75
C GLU A 72 -11.74 -1.29 -6.65
N ALA A 73 -11.89 -1.90 -5.48
CA ALA A 73 -12.52 -1.25 -4.34
C ALA A 73 -11.55 -0.30 -3.64
N ALA A 74 -10.26 -0.57 -3.79
CA ALA A 74 -9.24 0.26 -3.16
C ALA A 74 -8.78 1.37 -4.11
N LYS A 75 -8.80 1.10 -5.40
CA LYS A 75 -8.39 2.07 -6.41
C LYS A 75 -9.42 3.19 -6.53
N LYS A 76 -10.67 2.81 -6.81
CA LYS A 76 -11.75 3.77 -6.95
C LYS A 76 -11.82 4.69 -5.73
N GLU A 77 -11.79 4.09 -4.55
CA GLU A 77 -11.85 4.86 -3.30
C GLU A 77 -10.64 5.76 -3.16
N TYR A 78 -9.46 5.20 -3.38
CA TYR A 78 -8.22 5.96 -3.28
C TYR A 78 -8.39 7.36 -3.85
N LEU A 79 -9.16 7.47 -4.92
CA LEU A 79 -9.40 8.75 -5.57
C LEU A 79 -10.30 9.63 -4.70
N LYS A 80 -11.37 9.05 -4.18
CA LYS A 80 -12.31 9.78 -3.33
C LYS A 80 -11.61 10.27 -2.07
N GLN A 81 -10.97 9.36 -1.35
CA GLN A 81 -10.27 9.72 -0.12
C GLN A 81 -9.24 10.81 -0.37
N LEU A 82 -8.44 10.64 -1.41
CA LEU A 82 -7.42 11.61 -1.76
C LEU A 82 -8.02 12.98 -1.98
N ALA A 83 -9.18 13.02 -2.66
CA ALA A 83 -9.86 14.28 -2.93
C ALA A 83 -10.14 15.04 -1.63
N ALA A 84 -10.14 14.31 -0.52
CA ALA A 84 -10.40 14.92 0.79
C ALA A 84 -9.10 15.35 1.45
N TYR A 85 -8.06 14.53 1.32
CA TYR A 85 -6.77 14.83 1.92
C TYR A 85 -6.41 16.29 1.74
N ARG A 86 -6.63 16.82 0.54
CA ARG A 86 -6.32 18.21 0.23
C ARG A 86 -7.17 19.14 1.09
N ALA A 87 -8.41 18.74 1.35
CA ALA A 87 -9.32 19.54 2.16
C ALA A 87 -8.66 19.98 3.46
N SER A 88 -7.78 19.14 3.99
CA SER A 88 -7.09 19.43 5.23
C SER A 88 -5.88 20.33 4.97
N LEU A 89 -5.40 20.32 3.73
CA LEU A 89 -4.25 21.14 3.35
C LEU A 89 -4.65 22.59 3.16
N VAL A 90 -5.73 22.81 2.41
CA VAL A 90 -6.22 24.16 2.15
C VAL A 90 -6.64 24.85 3.44
N SER A 91 -6.84 26.16 3.37
CA SER A 91 -7.25 26.94 4.53
C SER A 91 -8.68 26.63 4.94
N LYS A 92 -9.62 27.13 4.15
CA LYS A 92 -11.05 26.90 4.42
C LYS A 92 -11.47 27.60 5.71
N SER A 93 -12.03 28.79 5.57
CA SER A 93 -12.48 29.56 6.73
C SER A 93 -13.82 29.03 7.24
N TYR A 94 -13.76 28.17 8.26
CA TYR A 94 -14.97 27.59 8.84
C TYR A 94 -14.71 27.15 10.27
N THR A 95 -13.67 26.35 10.47
CA THR A 95 -13.32 25.85 11.80
C THR A 95 -11.82 25.94 12.04
N ASP A 96 -11.40 25.60 13.26
CA ASP A 96 -9.98 25.64 13.61
C ASP A 96 -9.49 24.24 13.98
N SER A 97 -10.16 23.62 14.93
CA SER A 97 -9.77 22.28 15.38
C SER A 97 -8.52 22.33 16.25
N GLY A 98 -8.64 21.81 17.47
CA GLY A 98 -7.51 21.81 18.38
C GLY A 98 -7.62 20.72 19.44
N PRO A 99 -7.06 19.54 19.14
CA PRO A 99 -7.08 18.41 20.05
C PRO A 99 -6.20 18.62 21.28
N SER A 100 -6.72 18.25 22.45
CA SER A 100 -5.99 18.41 23.69
C SER A 100 -6.13 17.17 24.58
N SER A 101 -5.00 16.58 24.94
CA SER A 101 -5.00 15.39 25.79
C SER A 101 -3.77 15.35 26.69
N GLY A 102 -3.87 14.63 27.79
CA GLY A 102 -2.77 14.53 28.73
C GLY A 102 -3.00 13.49 29.80
N GLY A 1 27.38 2.88 35.70
CA GLY A 1 26.19 2.15 35.32
C GLY A 1 25.21 3.02 34.55
N SER A 2 23.92 2.82 34.80
CA SER A 2 22.88 3.58 34.11
C SER A 2 22.91 3.33 32.61
N SER A 3 21.75 3.34 31.99
CA SER A 3 21.64 3.12 30.55
C SER A 3 20.23 3.43 30.05
N GLY A 4 20.14 4.43 29.18
CA GLY A 4 18.84 4.82 28.64
C GLY A 4 18.31 6.09 29.26
N SER A 5 17.96 7.06 28.42
CA SER A 5 17.43 8.33 28.89
C SER A 5 16.45 8.93 27.89
N SER A 6 15.20 8.49 27.94
CA SER A 6 14.17 8.98 27.04
C SER A 6 12.78 8.74 27.61
N GLY A 7 11.76 9.22 26.91
CA GLY A 7 10.39 9.06 27.37
C GLY A 7 9.39 9.73 26.45
N LYS A 8 9.25 11.05 26.60
CA LYS A 8 8.32 11.81 25.78
C LYS A 8 8.50 11.49 24.30
N LYS A 9 7.41 11.48 23.56
CA LYS A 9 7.45 11.19 22.14
C LYS A 9 7.99 9.79 21.88
N LYS A 10 7.25 9.02 21.09
CA LYS A 10 7.64 7.66 20.75
C LYS A 10 7.35 7.33 19.29
N LYS A 11 6.07 7.34 18.93
CA LYS A 11 5.66 7.06 17.57
C LYS A 11 4.33 7.74 17.25
N LYS A 12 4.39 8.88 16.57
CA LYS A 12 3.19 9.62 16.21
C LYS A 12 3.46 10.53 15.01
N LYS A 13 3.12 10.04 13.82
CA LYS A 13 3.32 10.81 12.60
C LYS A 13 2.04 10.85 11.77
N ASP A 14 1.39 12.00 11.75
CA ASP A 14 0.15 12.17 10.99
C ASP A 14 0.34 11.74 9.54
N PRO A 15 -0.73 11.22 8.93
CA PRO A 15 -0.71 10.75 7.54
C PRO A 15 -0.58 11.90 6.55
N ASN A 16 -0.52 11.57 5.26
CA ASN A 16 -0.41 12.57 4.22
C ASN A 16 -1.13 12.13 2.95
N GLU A 17 -0.68 12.64 1.81
CA GLU A 17 -1.29 12.30 0.52
C GLU A 17 -1.39 10.78 0.36
N PRO A 18 -2.56 10.32 -0.11
CA PRO A 18 -2.82 8.90 -0.32
C PRO A 18 -2.01 8.31 -1.48
N GLN A 19 -1.72 7.02 -1.40
CA GLN A 19 -0.96 6.35 -2.45
C GLN A 19 -1.81 5.35 -3.21
N LYS A 20 -1.89 5.51 -4.52
CA LYS A 20 -2.68 4.62 -5.36
C LYS A 20 -2.42 3.16 -4.99
N PRO A 21 -3.51 2.37 -4.97
CA PRO A 21 -3.43 0.94 -4.64
C PRO A 21 -2.73 0.13 -5.72
N VAL A 22 -2.02 -0.92 -5.31
CA VAL A 22 -1.31 -1.78 -6.23
C VAL A 22 -2.24 -2.78 -6.89
N SER A 23 -1.80 -3.36 -8.01
CA SER A 23 -2.60 -4.33 -8.74
C SER A 23 -2.89 -5.55 -7.88
N ALA A 24 -3.90 -6.31 -8.27
CA ALA A 24 -4.28 -7.52 -7.54
C ALA A 24 -3.06 -8.34 -7.15
N TYR A 25 -2.32 -8.80 -8.17
CA TYR A 25 -1.13 -9.60 -7.93
C TYR A 25 -0.12 -8.84 -7.06
N ALA A 26 -0.11 -7.52 -7.20
CA ALA A 26 0.80 -6.69 -6.42
C ALA A 26 0.36 -6.61 -4.96
N LEU A 27 -0.94 -6.69 -4.74
CA LEU A 27 -1.50 -6.62 -3.39
C LEU A 27 -1.01 -7.79 -2.54
N PHE A 28 -0.74 -8.91 -3.20
CA PHE A 28 -0.26 -10.11 -2.52
C PHE A 28 1.26 -10.11 -2.42
N PHE A 29 1.90 -9.21 -3.17
CA PHE A 29 3.36 -9.11 -3.18
C PHE A 29 3.85 -8.37 -1.94
N ARG A 30 3.17 -7.30 -1.59
CA ARG A 30 3.54 -6.50 -0.42
C ARG A 30 3.09 -7.18 0.87
N ASP A 31 2.21 -8.17 0.73
CA ASP A 31 1.69 -8.90 1.88
C ASP A 31 2.58 -10.10 2.21
N THR A 32 3.08 -10.76 1.17
CA THR A 32 3.94 -11.92 1.34
C THR A 32 5.39 -11.50 1.60
N GLN A 33 5.89 -10.60 0.77
CA GLN A 33 7.26 -10.12 0.90
C GLN A 33 7.66 -10.01 2.37
N ALA A 34 6.87 -9.27 3.14
CA ALA A 34 7.14 -9.09 4.56
C ALA A 34 7.46 -10.42 5.23
N ALA A 35 6.67 -11.45 4.93
CA ALA A 35 6.87 -12.77 5.50
C ALA A 35 8.12 -13.42 4.93
N ILE A 36 8.38 -13.18 3.65
CA ILE A 36 9.56 -13.74 2.98
C ILE A 36 10.84 -13.36 3.71
N LYS A 37 11.07 -12.06 3.86
CA LYS A 37 12.26 -11.56 4.54
C LYS A 37 12.34 -12.11 5.96
N GLY A 38 11.32 -11.82 6.76
CA GLY A 38 11.30 -12.29 8.14
C GLY A 38 11.84 -13.69 8.28
N GLN A 39 11.65 -14.51 7.25
CA GLN A 39 12.13 -15.88 7.27
C GLN A 39 13.40 -16.03 6.43
N ASN A 40 13.60 -15.10 5.51
CA ASN A 40 14.78 -15.12 4.65
C ASN A 40 15.21 -13.71 4.27
N PRO A 41 15.93 -13.05 5.18
CA PRO A 41 16.42 -11.68 4.97
C PRO A 41 17.50 -11.61 3.90
N ASN A 42 18.27 -12.69 3.77
CA ASN A 42 19.35 -12.76 2.80
C ASN A 42 18.81 -12.59 1.38
N ALA A 43 17.57 -13.02 1.17
CA ALA A 43 16.93 -12.92 -0.14
C ALA A 43 16.68 -11.46 -0.51
N THR A 44 17.36 -11.00 -1.56
CA THR A 44 17.20 -9.63 -2.02
C THR A 44 15.94 -9.47 -2.86
N PHE A 45 15.58 -8.22 -3.14
CA PHE A 45 14.39 -7.93 -3.94
C PHE A 45 14.22 -8.97 -5.05
N GLY A 46 15.29 -9.20 -5.80
CA GLY A 46 15.24 -10.17 -6.89
C GLY A 46 14.76 -11.53 -6.43
N GLU A 47 15.30 -11.99 -5.31
CA GLU A 47 14.93 -13.30 -4.76
C GLU A 47 13.52 -13.27 -4.22
N VAL A 48 13.28 -12.44 -3.21
CA VAL A 48 11.97 -12.33 -2.59
C VAL A 48 10.87 -12.28 -3.65
N SER A 49 11.12 -11.51 -4.71
CA SER A 49 10.15 -11.38 -5.80
C SER A 49 9.94 -12.71 -6.51
N LYS A 50 10.99 -13.18 -7.18
CA LYS A 50 10.93 -14.45 -7.90
C LYS A 50 10.18 -15.50 -7.09
N ILE A 51 10.20 -15.36 -5.78
CA ILE A 51 9.53 -16.30 -4.89
C ILE A 51 8.03 -16.01 -4.83
N VAL A 52 7.68 -14.73 -4.76
CA VAL A 52 6.28 -14.32 -4.69
C VAL A 52 5.55 -14.67 -5.98
N ALA A 53 6.17 -14.36 -7.11
CA ALA A 53 5.58 -14.65 -8.41
C ALA A 53 5.04 -16.07 -8.47
N SER A 54 5.85 -17.03 -8.02
CA SER A 54 5.45 -18.43 -8.02
C SER A 54 4.34 -18.68 -7.01
N MET A 55 4.37 -17.94 -5.91
CA MET A 55 3.37 -18.07 -4.86
C MET A 55 1.99 -17.67 -5.37
N TRP A 56 1.90 -16.47 -5.94
CA TRP A 56 0.64 -15.97 -6.47
C TRP A 56 0.09 -16.89 -7.54
N ASP A 57 0.95 -17.28 -8.48
CA ASP A 57 0.55 -18.16 -9.56
C ASP A 57 -0.03 -19.46 -9.02
N GLY A 58 0.26 -19.76 -7.76
CA GLY A 58 -0.25 -20.97 -7.14
C GLY A 58 -1.39 -20.71 -6.18
N LEU A 59 -1.59 -19.43 -5.85
CA LEU A 59 -2.67 -19.04 -4.94
C LEU A 59 -4.00 -19.65 -5.37
N GLY A 60 -4.91 -19.82 -4.43
CA GLY A 60 -6.22 -20.37 -4.73
C GLY A 60 -7.11 -19.40 -5.48
N GLU A 61 -7.87 -19.90 -6.44
CA GLU A 61 -8.77 -19.07 -7.22
C GLU A 61 -9.52 -18.08 -6.33
N GLU A 62 -9.97 -18.57 -5.17
CA GLU A 62 -10.70 -17.72 -4.23
C GLU A 62 -9.81 -16.61 -3.70
N GLN A 63 -8.53 -16.89 -3.55
CA GLN A 63 -7.56 -15.91 -3.05
C GLN A 63 -7.18 -14.92 -4.16
N LYS A 64 -7.21 -15.39 -5.40
CA LYS A 64 -6.87 -14.55 -6.53
C LYS A 64 -7.98 -13.55 -6.84
N GLN A 65 -9.21 -14.05 -6.85
CA GLN A 65 -10.37 -13.20 -7.14
C GLN A 65 -10.51 -12.11 -6.07
N VAL A 66 -10.40 -12.51 -4.81
CA VAL A 66 -10.52 -11.57 -3.70
C VAL A 66 -9.55 -10.41 -3.85
N TYR A 67 -8.32 -10.73 -4.23
CA TYR A 67 -7.28 -9.72 -4.42
C TYR A 67 -7.67 -8.73 -5.50
N LYS A 68 -8.41 -9.21 -6.51
CA LYS A 68 -8.85 -8.36 -7.60
C LYS A 68 -9.99 -7.45 -7.16
N LYS A 69 -10.91 -8.00 -6.36
CA LYS A 69 -12.05 -7.23 -5.86
C LYS A 69 -11.58 -6.11 -4.95
N LYS A 70 -10.36 -6.22 -4.44
CA LYS A 70 -9.80 -5.21 -3.55
C LYS A 70 -9.13 -4.10 -4.35
N THR A 71 -8.71 -4.43 -5.57
CA THR A 71 -8.05 -3.46 -6.43
C THR A 71 -9.03 -2.37 -6.89
N GLU A 72 -10.09 -2.78 -7.55
CA GLU A 72 -11.09 -1.84 -8.05
C GLU A 72 -11.78 -1.12 -6.88
N ALA A 73 -11.94 -1.83 -5.77
CA ALA A 73 -12.57 -1.25 -4.58
C ALA A 73 -11.60 -0.33 -3.84
N ALA A 74 -10.31 -0.55 -4.04
CA ALA A 74 -9.29 0.26 -3.39
C ALA A 74 -8.88 1.43 -4.27
N LYS A 75 -9.04 1.27 -5.59
CA LYS A 75 -8.69 2.32 -6.54
C LYS A 75 -9.78 3.39 -6.61
N LYS A 76 -10.99 2.97 -6.95
CA LYS A 76 -12.12 3.89 -7.04
C LYS A 76 -12.22 4.75 -5.79
N GLU A 77 -11.89 4.16 -4.64
CA GLU A 77 -11.96 4.87 -3.37
C GLU A 77 -10.74 5.78 -3.20
N TYR A 78 -9.57 5.28 -3.60
CA TYR A 78 -8.33 6.03 -3.47
C TYR A 78 -8.51 7.45 -4.03
N LEU A 79 -9.31 7.58 -5.08
CA LEU A 79 -9.56 8.87 -5.70
C LEU A 79 -10.47 9.72 -4.83
N LYS A 80 -11.55 9.12 -4.34
CA LYS A 80 -12.51 9.82 -3.49
C LYS A 80 -11.84 10.31 -2.21
N GLN A 81 -11.26 9.38 -1.46
CA GLN A 81 -10.57 9.72 -0.22
C GLN A 81 -9.61 10.88 -0.42
N LEU A 82 -8.80 10.80 -1.47
CA LEU A 82 -7.83 11.84 -1.78
C LEU A 82 -8.50 13.20 -1.85
N ALA A 83 -9.65 13.26 -2.52
CA ALA A 83 -10.39 14.51 -2.65
C ALA A 83 -10.51 15.22 -1.30
N ALA A 84 -10.58 14.44 -0.22
CA ALA A 84 -10.70 14.99 1.12
C ALA A 84 -9.34 15.44 1.64
N TYR A 85 -8.31 14.65 1.36
CA TYR A 85 -6.96 14.96 1.81
C TYR A 85 -6.63 16.43 1.55
N ARG A 86 -7.14 16.95 0.44
CA ARG A 86 -6.89 18.35 0.07
C ARG A 86 -7.44 19.29 1.13
N ALA A 87 -8.64 18.99 1.63
CA ALA A 87 -9.28 19.81 2.65
C ALA A 87 -8.26 20.31 3.67
N SER A 88 -7.29 19.46 3.99
CA SER A 88 -6.25 19.82 4.96
C SER A 88 -5.20 20.72 4.31
N LEU A 89 -4.87 20.44 3.05
CA LEU A 89 -3.88 21.21 2.33
C LEU A 89 -4.32 22.67 2.18
N VAL A 90 -5.58 22.86 1.79
CA VAL A 90 -6.13 24.20 1.62
C VAL A 90 -6.24 24.92 2.96
N SER A 91 -5.71 26.15 3.00
CA SER A 91 -5.74 26.95 4.22
C SER A 91 -6.89 27.95 4.17
N LYS A 92 -7.16 28.59 5.31
CA LYS A 92 -8.22 29.58 5.40
C LYS A 92 -9.59 28.92 5.28
N SER A 93 -10.48 29.22 6.22
CA SER A 93 -11.82 28.66 6.23
C SER A 93 -12.65 29.23 7.38
N TYR A 94 -13.93 28.87 7.41
CA TYR A 94 -14.83 29.35 8.44
C TYR A 94 -15.67 28.21 9.00
N THR A 95 -15.19 27.58 10.07
CA THR A 95 -15.89 26.47 10.69
C THR A 95 -15.02 25.77 11.73
N ASP A 96 -13.71 25.84 11.53
CA ASP A 96 -12.76 25.22 12.46
C ASP A 96 -12.97 23.71 12.52
N SER A 97 -12.13 23.04 13.29
CA SER A 97 -12.20 21.59 13.43
C SER A 97 -11.24 21.08 14.49
N GLY A 98 -11.80 20.58 15.59
CA GLY A 98 -10.97 20.07 16.67
C GLY A 98 -11.57 18.83 17.32
N PRO A 99 -11.20 17.66 16.79
CA PRO A 99 -11.69 16.37 17.31
C PRO A 99 -11.11 16.04 18.69
N SER A 100 -9.84 16.37 18.89
CA SER A 100 -9.17 16.11 20.15
C SER A 100 -9.25 14.64 20.52
N SER A 101 -8.56 14.26 21.58
CA SER A 101 -8.55 12.86 22.04
C SER A 101 -8.56 12.79 23.56
N GLY A 102 -9.75 12.57 24.12
CA GLY A 102 -9.88 12.48 25.56
C GLY A 102 -11.09 13.23 26.08
N GLY A 1 19.74 9.41 -8.89
CA GLY A 1 19.90 10.37 -9.97
C GLY A 1 19.16 11.67 -9.72
N SER A 2 17.84 11.57 -9.60
CA SER A 2 17.01 12.75 -9.36
C SER A 2 15.95 12.46 -8.30
N SER A 3 16.03 13.18 -7.19
CA SER A 3 15.08 13.00 -6.09
C SER A 3 13.64 13.10 -6.60
N GLY A 4 12.87 12.06 -6.33
CA GLY A 4 11.47 12.05 -6.76
C GLY A 4 10.51 11.83 -5.61
N SER A 5 9.39 11.16 -5.89
CA SER A 5 8.38 10.90 -4.88
C SER A 5 8.32 9.40 -4.54
N SER A 6 9.16 8.98 -3.60
CA SER A 6 9.21 7.58 -3.19
C SER A 6 9.65 6.70 -4.35
N GLY A 7 10.54 5.75 -4.06
CA GLY A 7 11.03 4.85 -5.10
C GLY A 7 11.70 3.62 -4.52
N LYS A 8 12.70 3.83 -3.67
CA LYS A 8 13.42 2.72 -3.05
C LYS A 8 14.52 3.25 -2.12
N LYS A 9 14.12 4.00 -1.10
CA LYS A 9 15.06 4.56 -0.14
C LYS A 9 14.57 4.34 1.28
N LYS A 10 15.44 4.61 2.25
CA LYS A 10 15.10 4.45 3.66
C LYS A 10 14.83 5.80 4.31
N LYS A 11 14.18 6.69 3.57
CA LYS A 11 13.87 8.02 4.07
C LYS A 11 12.98 8.78 3.07
N LYS A 12 11.70 8.47 3.07
CA LYS A 12 10.76 9.13 2.17
C LYS A 12 9.37 8.52 2.30
N LYS A 13 9.02 8.10 3.51
CA LYS A 13 7.72 7.51 3.77
C LYS A 13 6.60 8.51 3.53
N ASP A 14 6.78 9.71 4.07
CA ASP A 14 5.78 10.78 3.92
C ASP A 14 4.37 10.20 3.98
N PRO A 15 3.90 9.95 5.21
CA PRO A 15 2.55 9.40 5.44
C PRO A 15 1.45 10.40 5.12
N ASN A 16 1.85 11.63 4.82
CA ASN A 16 0.90 12.68 4.49
C ASN A 16 -0.23 12.15 3.63
N GLU A 17 -0.05 12.23 2.31
CA GLU A 17 -1.07 11.74 1.38
C GLU A 17 -1.47 10.31 1.70
N PRO A 18 -2.61 9.88 1.16
CA PRO A 18 -3.14 8.53 1.37
C PRO A 18 -2.30 7.47 0.68
N GLN A 19 -2.39 6.23 1.17
CA GLN A 19 -1.64 5.12 0.61
C GLN A 19 -2.38 4.52 -0.59
N LYS A 20 -1.76 4.65 -1.77
CA LYS A 20 -2.36 4.12 -3.00
C LYS A 20 -2.29 2.60 -3.02
N PRO A 21 -3.40 1.96 -3.43
CA PRO A 21 -3.48 0.50 -3.51
C PRO A 21 -2.62 -0.07 -4.63
N VAL A 22 -2.39 -1.38 -4.58
CA VAL A 22 -1.58 -2.05 -5.59
C VAL A 22 -2.38 -3.13 -6.30
N SER A 23 -2.06 -3.36 -7.56
CA SER A 23 -2.74 -4.37 -8.36
C SER A 23 -3.03 -5.61 -7.53
N ALA A 24 -3.98 -6.43 -7.98
CA ALA A 24 -4.34 -7.65 -7.29
C ALA A 24 -3.10 -8.47 -6.94
N TYR A 25 -2.35 -8.86 -7.96
CA TYR A 25 -1.14 -9.65 -7.76
C TYR A 25 -0.16 -8.92 -6.84
N ALA A 26 -0.31 -7.61 -6.74
CA ALA A 26 0.56 -6.80 -5.91
C ALA A 26 0.11 -6.84 -4.45
N LEU A 27 -1.20 -6.92 -4.24
CA LEU A 27 -1.76 -6.96 -2.90
C LEU A 27 -1.28 -8.19 -2.15
N PHE A 28 -0.93 -9.23 -2.90
CA PHE A 28 -0.46 -10.48 -2.31
C PHE A 28 1.06 -10.46 -2.16
N PHE A 29 1.71 -9.52 -2.83
CA PHE A 29 3.16 -9.39 -2.77
C PHE A 29 3.59 -8.60 -1.54
N ARG A 30 2.80 -7.59 -1.19
CA ARG A 30 3.10 -6.75 -0.03
C ARG A 30 2.74 -7.48 1.27
N ASP A 31 1.83 -8.44 1.16
CA ASP A 31 1.40 -9.21 2.32
C ASP A 31 2.35 -10.37 2.58
N THR A 32 2.99 -10.85 1.53
CA THR A 32 3.93 -11.96 1.64
C THR A 32 5.36 -11.47 1.76
N GLN A 33 5.75 -10.57 0.87
CA GLN A 33 7.10 -10.02 0.87
C GLN A 33 7.62 -9.87 2.30
N ALA A 34 6.81 -9.28 3.16
CA ALA A 34 7.18 -9.08 4.56
C ALA A 34 7.54 -10.40 5.22
N ALA A 35 6.70 -11.41 5.02
CA ALA A 35 6.93 -12.72 5.60
C ALA A 35 8.14 -13.39 4.97
N ILE A 36 8.36 -13.14 3.68
CA ILE A 36 9.49 -13.73 2.96
C ILE A 36 10.80 -13.33 3.62
N LYS A 37 11.06 -12.03 3.70
CA LYS A 37 12.29 -11.52 4.30
C LYS A 37 12.44 -12.02 5.73
N GLY A 38 11.44 -11.75 6.56
CA GLY A 38 11.48 -12.18 7.95
C GLY A 38 12.07 -13.57 8.10
N GLN A 39 11.85 -14.42 7.10
CA GLN A 39 12.36 -15.79 7.14
C GLN A 39 13.64 -15.91 6.31
N ASN A 40 13.80 -15.01 5.34
CA ASN A 40 14.98 -15.02 4.48
C ASN A 40 15.37 -13.60 4.08
N PRO A 41 16.07 -12.90 4.97
CA PRO A 41 16.52 -11.52 4.73
C PRO A 41 17.61 -11.44 3.66
N ASN A 42 18.27 -12.56 3.43
CA ASN A 42 19.35 -12.62 2.43
C ASN A 42 18.80 -12.40 1.03
N ALA A 43 17.55 -12.81 0.82
CA ALA A 43 16.90 -12.65 -0.48
C ALA A 43 16.51 -11.19 -0.71
N THR A 44 17.27 -10.52 -1.57
CA THR A 44 17.00 -9.12 -1.90
C THR A 44 15.71 -8.98 -2.69
N PHE A 45 15.28 -7.74 -2.90
CA PHE A 45 14.06 -7.46 -3.64
C PHE A 45 13.94 -8.37 -4.85
N GLY A 46 14.98 -8.39 -5.68
CA GLY A 46 14.98 -9.22 -6.87
C GLY A 46 14.61 -10.66 -6.56
N GLU A 47 15.05 -11.15 -5.41
CA GLU A 47 14.77 -12.51 -5.01
C GLU A 47 13.34 -12.65 -4.48
N VAL A 48 13.04 -11.91 -3.41
CA VAL A 48 11.72 -11.94 -2.81
C VAL A 48 10.63 -11.98 -3.88
N SER A 49 10.80 -11.17 -4.92
CA SER A 49 9.84 -11.12 -6.01
C SER A 49 9.76 -12.45 -6.74
N LYS A 50 10.89 -12.88 -7.30
CA LYS A 50 10.96 -14.13 -8.03
C LYS A 50 10.30 -15.26 -7.23
N ILE A 51 10.29 -15.11 -5.91
CA ILE A 51 9.68 -16.12 -5.05
C ILE A 51 8.17 -15.98 -5.01
N VAL A 52 7.69 -14.75 -4.82
CA VAL A 52 6.26 -14.48 -4.77
C VAL A 52 5.59 -14.85 -6.10
N ALA A 53 6.11 -14.31 -7.19
CA ALA A 53 5.55 -14.59 -8.51
C ALA A 53 5.26 -16.07 -8.68
N SER A 54 6.06 -16.91 -8.04
CA SER A 54 5.88 -18.36 -8.12
C SER A 54 4.72 -18.81 -7.24
N MET A 55 4.52 -18.11 -6.14
CA MET A 55 3.45 -18.45 -5.21
C MET A 55 2.10 -17.94 -5.73
N TRP A 56 2.09 -16.72 -6.24
CA TRP A 56 0.86 -16.12 -6.77
C TRP A 56 0.30 -16.96 -7.91
N ASP A 57 1.16 -17.30 -8.86
CA ASP A 57 0.75 -18.10 -10.01
C ASP A 57 0.09 -19.40 -9.56
N GLY A 58 0.30 -19.75 -8.29
CA GLY A 58 -0.28 -20.97 -7.75
C GLY A 58 -1.21 -20.70 -6.58
N LEU A 59 -1.84 -19.54 -6.59
CA LEU A 59 -2.77 -19.16 -5.52
C LEU A 59 -4.17 -19.68 -5.81
N GLY A 60 -4.97 -19.81 -4.76
CA GLY A 60 -6.33 -20.29 -4.92
C GLY A 60 -7.20 -19.32 -5.68
N GLU A 61 -7.96 -19.83 -6.65
CA GLU A 61 -8.83 -19.00 -7.46
C GLU A 61 -9.61 -18.01 -6.58
N GLU A 62 -10.10 -18.51 -5.45
CA GLU A 62 -10.86 -17.68 -4.51
C GLU A 62 -9.99 -16.56 -3.94
N GLN A 63 -8.69 -16.82 -3.83
CA GLN A 63 -7.75 -15.85 -3.28
C GLN A 63 -7.36 -14.84 -4.37
N LYS A 64 -7.26 -15.31 -5.60
CA LYS A 64 -6.88 -14.44 -6.72
C LYS A 64 -8.01 -13.46 -7.04
N GLN A 65 -9.22 -13.98 -7.19
CA GLN A 65 -10.37 -13.14 -7.51
C GLN A 65 -10.56 -12.07 -6.45
N VAL A 66 -10.62 -12.48 -5.19
CA VAL A 66 -10.81 -11.54 -4.08
C VAL A 66 -9.77 -10.43 -4.13
N TYR A 67 -8.51 -10.81 -4.35
CA TYR A 67 -7.42 -9.84 -4.42
C TYR A 67 -7.70 -8.78 -5.47
N LYS A 68 -8.41 -9.17 -6.53
CA LYS A 68 -8.75 -8.26 -7.61
C LYS A 68 -9.90 -7.34 -7.21
N LYS A 69 -10.97 -7.95 -6.68
CA LYS A 69 -12.13 -7.18 -6.25
C LYS A 69 -11.75 -6.08 -5.28
N LYS A 70 -10.72 -6.35 -4.47
CA LYS A 70 -10.25 -5.37 -3.49
C LYS A 70 -9.52 -4.22 -4.18
N THR A 71 -8.57 -4.57 -5.04
CA THR A 71 -7.81 -3.56 -5.77
C THR A 71 -8.69 -2.44 -6.27
N GLU A 72 -9.80 -2.80 -6.90
CA GLU A 72 -10.75 -1.83 -7.43
C GLU A 72 -11.43 -1.07 -6.30
N ALA A 73 -11.90 -1.80 -5.29
CA ALA A 73 -12.56 -1.20 -4.14
C ALA A 73 -11.65 -0.20 -3.44
N ALA A 74 -10.35 -0.47 -3.47
CA ALA A 74 -9.37 0.40 -2.83
C ALA A 74 -8.82 1.42 -3.82
N LYS A 75 -8.89 1.10 -5.11
CA LYS A 75 -8.41 1.99 -6.15
C LYS A 75 -9.42 3.11 -6.42
N LYS A 76 -10.62 2.72 -6.83
CA LYS A 76 -11.68 3.68 -7.12
C LYS A 76 -11.94 4.60 -5.92
N GLU A 77 -11.84 4.02 -4.72
CA GLU A 77 -12.07 4.79 -3.50
C GLU A 77 -10.89 5.70 -3.20
N TYR A 78 -9.67 5.15 -3.30
CA TYR A 78 -8.46 5.92 -3.04
C TYR A 78 -8.47 7.24 -3.82
N LEU A 79 -8.86 7.16 -5.08
CA LEU A 79 -8.93 8.34 -5.95
C LEU A 79 -9.86 9.39 -5.37
N LYS A 80 -11.00 8.93 -4.85
CA LYS A 80 -11.98 9.84 -4.26
C LYS A 80 -11.43 10.51 -3.01
N GLN A 81 -11.01 9.71 -2.05
CA GLN A 81 -10.45 10.23 -0.80
C GLN A 81 -9.25 11.13 -1.08
N LEU A 82 -8.31 10.63 -1.89
CA LEU A 82 -7.12 11.38 -2.23
C LEU A 82 -7.48 12.67 -2.98
N ALA A 83 -8.08 12.51 -4.16
CA ALA A 83 -8.48 13.65 -4.97
C ALA A 83 -9.03 14.78 -4.10
N ALA A 84 -9.56 14.41 -2.93
CA ALA A 84 -10.11 15.39 -2.01
C ALA A 84 -9.07 15.84 -0.98
N TYR A 85 -8.31 14.88 -0.47
CA TYR A 85 -7.28 15.17 0.51
C TYR A 85 -6.43 16.37 0.09
N ARG A 86 -6.10 16.42 -1.19
CA ARG A 86 -5.29 17.51 -1.73
C ARG A 86 -5.97 18.86 -1.50
N ALA A 87 -7.30 18.85 -1.54
CA ALA A 87 -8.07 20.07 -1.34
C ALA A 87 -7.44 20.95 -0.26
N SER A 88 -7.09 20.33 0.87
CA SER A 88 -6.48 21.05 1.97
C SER A 88 -5.03 21.40 1.67
N LEU A 89 -4.39 20.56 0.87
CA LEU A 89 -2.99 20.76 0.49
C LEU A 89 -2.85 21.99 -0.40
N VAL A 90 -3.82 22.18 -1.30
CA VAL A 90 -3.80 23.32 -2.21
C VAL A 90 -4.22 24.60 -1.50
N SER A 91 -4.28 25.70 -2.25
CA SER A 91 -4.66 26.99 -1.69
C SER A 91 -6.18 27.10 -1.57
N LYS A 92 -6.86 27.08 -2.73
CA LYS A 92 -8.31 27.17 -2.76
C LYS A 92 -8.78 28.57 -2.33
N SER A 93 -9.90 29.00 -2.89
CA SER A 93 -10.45 30.32 -2.57
C SER A 93 -11.87 30.46 -3.11
N TYR A 94 -12.82 29.90 -2.39
CA TYR A 94 -14.22 29.95 -2.79
C TYR A 94 -15.11 29.27 -1.76
N THR A 95 -14.75 28.05 -1.38
CA THR A 95 -15.51 27.29 -0.40
C THR A 95 -15.71 28.09 0.89
N ASP A 96 -16.96 28.37 1.21
CA ASP A 96 -17.29 29.13 2.41
C ASP A 96 -18.21 28.32 3.33
N SER A 97 -17.62 27.50 4.19
CA SER A 97 -18.38 26.67 5.11
C SER A 97 -17.69 26.60 6.47
N GLY A 98 -18.42 27.00 7.52
CA GLY A 98 -17.85 26.96 8.85
C GLY A 98 -18.79 27.56 9.89
N PRO A 99 -18.73 27.04 11.12
CA PRO A 99 -19.57 27.51 12.23
C PRO A 99 -19.19 28.91 12.69
N SER A 100 -20.16 29.82 12.69
CA SER A 100 -19.92 31.20 13.11
C SER A 100 -19.85 31.30 14.64
N SER A 101 -18.94 32.14 15.13
CA SER A 101 -18.77 32.32 16.56
C SER A 101 -17.81 33.48 16.85
N GLY A 102 -18.30 34.48 17.58
CA GLY A 102 -17.48 35.63 17.92
C GLY A 102 -18.00 36.38 19.12
N GLY A 1 13.86 2.11 24.11
CA GLY A 1 13.45 3.47 24.43
C GLY A 1 14.26 4.05 25.58
N SER A 2 14.40 3.29 26.65
CA SER A 2 15.15 3.73 27.82
C SER A 2 14.29 4.64 28.70
N SER A 3 13.99 5.84 28.19
CA SER A 3 13.17 6.80 28.93
C SER A 3 11.69 6.43 28.85
N GLY A 4 11.25 6.02 27.67
CA GLY A 4 9.86 5.65 27.49
C GLY A 4 8.91 6.55 28.25
N SER A 5 9.22 7.85 28.26
CA SER A 5 8.39 8.83 28.95
C SER A 5 8.66 10.25 28.43
N SER A 6 7.99 10.60 27.35
CA SER A 6 8.16 11.92 26.75
C SER A 6 9.60 12.12 26.28
N GLY A 7 9.79 13.09 25.39
CA GLY A 7 11.12 13.37 24.87
C GLY A 7 11.67 12.24 24.02
N LYS A 8 11.14 12.11 22.81
CA LYS A 8 11.58 11.06 21.89
C LYS A 8 10.99 11.27 20.50
N LYS A 9 10.77 12.54 20.14
CA LYS A 9 10.22 12.88 18.84
C LYS A 9 10.31 14.38 18.58
N LYS A 10 10.25 14.77 17.31
CA LYS A 10 10.32 16.17 16.93
C LYS A 10 9.87 16.37 15.49
N LYS A 11 10.70 15.92 14.55
CA LYS A 11 10.38 16.04 13.14
C LYS A 11 11.07 14.95 12.33
N LYS A 12 10.34 14.36 11.39
CA LYS A 12 10.88 13.31 10.55
C LYS A 12 10.26 13.34 9.15
N LYS A 13 8.93 13.32 9.10
CA LYS A 13 8.22 13.36 7.83
C LYS A 13 6.71 13.37 8.05
N ASP A 14 6.00 14.10 7.21
CA ASP A 14 4.55 14.19 7.31
C ASP A 14 3.90 14.14 5.94
N PRO A 15 3.81 12.92 5.37
CA PRO A 15 3.22 12.70 4.04
C PRO A 15 1.71 12.90 4.06
N ASN A 16 1.25 13.91 3.32
CA ASN A 16 -0.18 14.20 3.23
C ASN A 16 -0.86 13.32 2.20
N GLU A 17 -0.40 13.40 0.95
CA GLU A 17 -0.96 12.62 -0.13
C GLU A 17 -1.30 11.20 0.35
N PRO A 18 -2.50 10.72 -0.03
CA PRO A 18 -2.97 9.39 0.34
C PRO A 18 -2.18 8.28 -0.35
N GLN A 19 -2.22 7.08 0.22
CA GLN A 19 -1.51 5.93 -0.34
C GLN A 19 -2.36 5.24 -1.39
N LYS A 20 -1.77 4.98 -2.56
CA LYS A 20 -2.47 4.32 -3.65
C LYS A 20 -2.36 2.80 -3.52
N PRO A 21 -3.48 2.11 -3.71
CA PRO A 21 -3.53 0.64 -3.62
C PRO A 21 -2.81 -0.03 -4.78
N VAL A 22 -2.22 -1.20 -4.51
CA VAL A 22 -1.49 -1.94 -5.53
C VAL A 22 -2.40 -2.94 -6.22
N SER A 23 -2.12 -3.21 -7.49
CA SER A 23 -2.91 -4.16 -8.28
C SER A 23 -3.20 -5.42 -7.46
N ALA A 24 -4.12 -6.24 -7.98
CA ALA A 24 -4.49 -7.47 -7.30
C ALA A 24 -3.25 -8.32 -6.98
N TYR A 25 -2.55 -8.76 -8.01
CA TYR A 25 -1.36 -9.57 -7.85
C TYR A 25 -0.33 -8.85 -6.98
N ALA A 26 -0.45 -7.54 -6.92
CA ALA A 26 0.48 -6.72 -6.13
C ALA A 26 0.08 -6.72 -4.66
N LEU A 27 -1.23 -6.77 -4.40
CA LEU A 27 -1.74 -6.78 -3.04
C LEU A 27 -1.23 -7.98 -2.27
N PHE A 28 -0.97 -9.07 -2.98
CA PHE A 28 -0.47 -10.30 -2.37
C PHE A 28 1.04 -10.25 -2.20
N PHE A 29 1.69 -9.40 -3.00
CA PHE A 29 3.15 -9.26 -2.95
C PHE A 29 3.58 -8.50 -1.69
N ARG A 30 2.84 -7.44 -1.37
CA ARG A 30 3.14 -6.63 -0.21
C ARG A 30 2.76 -7.37 1.08
N ASP A 31 1.95 -8.42 0.94
CA ASP A 31 1.51 -9.20 2.08
C ASP A 31 2.44 -10.38 2.32
N THR A 32 3.09 -10.85 1.25
CA THR A 32 4.00 -11.98 1.34
C THR A 32 5.42 -11.52 1.60
N GLN A 33 5.85 -10.49 0.88
CA GLN A 33 7.20 -9.94 1.03
C GLN A 33 7.65 -10.03 2.48
N ALA A 34 6.83 -9.51 3.40
CA ALA A 34 7.15 -9.54 4.81
C ALA A 34 7.53 -10.94 5.27
N ALA A 35 6.73 -11.92 4.88
CA ALA A 35 6.99 -13.31 5.24
C ALA A 35 8.28 -13.82 4.60
N ILE A 36 8.57 -13.31 3.41
CA ILE A 36 9.77 -13.73 2.69
C ILE A 36 11.03 -13.28 3.42
N LYS A 37 11.14 -11.97 3.65
CA LYS A 37 12.29 -11.41 4.34
C LYS A 37 12.52 -12.11 5.67
N GLY A 38 11.51 -12.07 6.53
CA GLY A 38 11.63 -12.72 7.83
C GLY A 38 12.38 -14.03 7.76
N GLN A 39 12.23 -14.74 6.65
CA GLN A 39 12.90 -16.02 6.48
C GLN A 39 14.15 -15.87 5.62
N ASN A 40 14.19 -14.80 4.83
CA ASN A 40 15.33 -14.54 3.96
C ASN A 40 15.54 -13.03 3.77
N PRO A 41 16.19 -12.40 4.76
CA PRO A 41 16.47 -10.96 4.74
C PRO A 41 17.51 -10.60 3.69
N ASN A 42 18.43 -11.52 3.42
CA ASN A 42 19.48 -11.29 2.43
C ASN A 42 18.89 -10.93 1.07
N ALA A 43 17.69 -11.46 0.81
CA ALA A 43 17.01 -11.19 -0.46
C ALA A 43 16.79 -9.69 -0.67
N THR A 44 16.67 -9.29 -1.93
CA THR A 44 16.46 -7.88 -2.25
C THR A 44 15.73 -7.74 -3.59
N PHE A 45 14.41 -7.88 -3.56
CA PHE A 45 13.60 -7.75 -4.76
C PHE A 45 13.82 -8.95 -5.69
N GLY A 46 15.02 -9.02 -6.27
CA GLY A 46 15.34 -10.11 -7.17
C GLY A 46 14.98 -11.47 -6.60
N GLU A 47 15.13 -11.61 -5.28
CA GLU A 47 14.82 -12.85 -4.61
C GLU A 47 13.41 -12.83 -4.03
N VAL A 48 13.15 -11.87 -3.15
CA VAL A 48 11.84 -11.73 -2.53
C VAL A 48 10.72 -11.84 -3.56
N SER A 49 10.93 -11.23 -4.72
CA SER A 49 9.94 -11.26 -5.78
C SER A 49 9.87 -12.65 -6.42
N LYS A 50 11.00 -13.12 -6.94
CA LYS A 50 11.07 -14.42 -7.57
C LYS A 50 10.21 -15.44 -6.82
N ILE A 51 10.20 -15.33 -5.49
CA ILE A 51 9.41 -16.24 -4.67
C ILE A 51 7.93 -15.91 -4.75
N VAL A 52 7.61 -14.62 -4.57
CA VAL A 52 6.23 -14.17 -4.62
C VAL A 52 5.58 -14.49 -5.97
N ALA A 53 6.25 -14.07 -7.05
CA ALA A 53 5.75 -14.32 -8.39
C ALA A 53 5.32 -15.76 -8.57
N SER A 54 6.13 -16.68 -8.04
CA SER A 54 5.85 -18.11 -8.14
C SER A 54 4.73 -18.51 -7.18
N MET A 55 4.61 -17.75 -6.09
CA MET A 55 3.58 -18.03 -5.09
C MET A 55 2.19 -17.69 -5.63
N TRP A 56 2.05 -16.49 -6.17
CA TRP A 56 0.77 -16.04 -6.72
C TRP A 56 0.32 -16.96 -7.85
N ASP A 57 1.25 -17.36 -8.71
CA ASP A 57 0.95 -18.24 -9.84
C ASP A 57 0.32 -19.54 -9.34
N GLY A 58 0.44 -19.80 -8.05
CA GLY A 58 -0.12 -21.01 -7.47
C GLY A 58 -1.12 -20.72 -6.36
N LEU A 59 -1.78 -19.58 -6.45
CA LEU A 59 -2.76 -19.19 -5.44
C LEU A 59 -4.14 -19.71 -5.80
N GLY A 60 -4.99 -19.87 -4.79
CA GLY A 60 -6.34 -20.36 -5.01
C GLY A 60 -7.20 -19.36 -5.77
N GLU A 61 -8.01 -19.86 -6.69
CA GLU A 61 -8.88 -19.01 -7.49
C GLU A 61 -9.70 -18.08 -6.59
N GLU A 62 -9.86 -18.48 -5.33
CA GLU A 62 -10.61 -17.68 -4.38
C GLU A 62 -9.77 -16.51 -3.84
N GLN A 63 -8.48 -16.76 -3.69
CA GLN A 63 -7.57 -15.73 -3.19
C GLN A 63 -7.20 -14.75 -4.30
N LYS A 64 -7.15 -15.24 -5.53
CA LYS A 64 -6.81 -14.41 -6.68
C LYS A 64 -7.95 -13.46 -7.01
N GLN A 65 -9.16 -13.98 -7.05
CA GLN A 65 -10.34 -13.18 -7.36
C GLN A 65 -10.53 -12.07 -6.32
N VAL A 66 -10.54 -12.47 -5.05
CA VAL A 66 -10.71 -11.51 -3.96
C VAL A 66 -9.70 -10.38 -4.06
N TYR A 67 -8.46 -10.71 -4.38
CA TYR A 67 -7.40 -9.72 -4.50
C TYR A 67 -7.72 -8.72 -5.61
N LYS A 68 -8.41 -9.20 -6.64
CA LYS A 68 -8.79 -8.34 -7.76
C LYS A 68 -9.99 -7.47 -7.41
N LYS A 69 -10.96 -8.06 -6.72
CA LYS A 69 -12.16 -7.34 -6.32
C LYS A 69 -11.82 -6.22 -5.34
N LYS A 70 -10.71 -6.39 -4.62
CA LYS A 70 -10.27 -5.40 -3.65
C LYS A 70 -9.53 -4.26 -4.33
N THR A 71 -8.69 -4.60 -5.31
CA THR A 71 -7.92 -3.59 -6.04
C THR A 71 -8.82 -2.46 -6.53
N GLU A 72 -9.98 -2.83 -7.06
CA GLU A 72 -10.94 -1.85 -7.58
C GLU A 72 -11.62 -1.11 -6.43
N ALA A 73 -12.03 -1.86 -5.42
CA ALA A 73 -12.71 -1.27 -4.27
C ALA A 73 -11.76 -0.36 -3.48
N ALA A 74 -10.46 -0.62 -3.62
CA ALA A 74 -9.45 0.18 -2.92
C ALA A 74 -8.98 1.33 -3.80
N LYS A 75 -8.86 1.08 -5.10
CA LYS A 75 -8.41 2.10 -6.04
C LYS A 75 -9.47 3.19 -6.21
N LYS A 76 -10.70 2.77 -6.51
CA LYS A 76 -11.80 3.71 -6.70
C LYS A 76 -11.92 4.65 -5.49
N GLU A 77 -11.94 4.07 -4.30
CA GLU A 77 -12.05 4.86 -3.08
C GLU A 77 -10.83 5.76 -2.90
N TYR A 78 -9.66 5.23 -3.24
CA TYR A 78 -8.42 5.99 -3.12
C TYR A 78 -8.49 7.29 -3.91
N LEU A 79 -9.15 7.24 -5.06
CA LEU A 79 -9.28 8.42 -5.91
C LEU A 79 -10.23 9.44 -5.28
N LYS A 80 -11.33 8.96 -4.71
CA LYS A 80 -12.31 9.83 -4.07
C LYS A 80 -11.68 10.55 -2.88
N GLN A 81 -10.97 9.81 -2.05
CA GLN A 81 -10.32 10.38 -0.87
C GLN A 81 -9.28 11.41 -1.27
N LEU A 82 -8.48 11.09 -2.28
CA LEU A 82 -7.44 12.00 -2.76
C LEU A 82 -8.05 13.28 -3.31
N ALA A 83 -8.91 13.14 -4.32
CA ALA A 83 -9.56 14.29 -4.92
C ALA A 83 -9.94 15.33 -3.88
N ALA A 84 -10.21 14.87 -2.66
CA ALA A 84 -10.57 15.76 -1.57
C ALA A 84 -9.35 16.45 -1.00
N TYR A 85 -8.31 15.67 -0.69
CA TYR A 85 -7.08 16.20 -0.13
C TYR A 85 -6.69 17.52 -0.82
N ARG A 86 -6.96 17.61 -2.11
CA ARG A 86 -6.65 18.81 -2.87
C ARG A 86 -7.61 19.94 -2.52
N ALA A 87 -8.88 19.61 -2.37
CA ALA A 87 -9.89 20.60 -2.02
C ALA A 87 -9.42 21.51 -0.90
N SER A 88 -8.64 20.95 0.02
CA SER A 88 -8.12 21.70 1.15
C SER A 88 -6.89 22.51 0.75
N LEU A 89 -6.18 22.03 -0.26
CA LEU A 89 -4.99 22.71 -0.76
C LEU A 89 -5.36 23.93 -1.60
N VAL A 90 -6.29 23.74 -2.53
CA VAL A 90 -6.74 24.83 -3.39
C VAL A 90 -7.56 25.85 -2.61
N SER A 91 -8.04 26.87 -3.31
CA SER A 91 -8.84 27.91 -2.69
C SER A 91 -9.77 28.57 -3.71
N LYS A 92 -10.72 27.79 -4.22
CA LYS A 92 -11.68 28.28 -5.19
C LYS A 92 -12.81 27.28 -5.41
N SER A 93 -12.43 26.00 -5.55
CA SER A 93 -13.41 24.95 -5.77
C SER A 93 -14.08 24.54 -4.46
N TYR A 94 -14.97 23.57 -4.54
CA TYR A 94 -15.69 23.09 -3.36
C TYR A 94 -15.92 21.58 -3.44
N THR A 95 -16.56 21.03 -2.40
CA THR A 95 -16.85 19.61 -2.36
C THR A 95 -18.36 19.35 -2.42
N ASP A 96 -19.09 19.92 -1.47
CA ASP A 96 -20.53 19.76 -1.42
C ASP A 96 -21.16 20.75 -0.47
N SER A 97 -22.49 20.85 -0.50
CA SER A 97 -23.21 21.77 0.36
C SER A 97 -24.37 21.07 1.07
N GLY A 98 -25.22 20.40 0.27
CA GLY A 98 -26.36 19.70 0.84
C GLY A 98 -27.48 19.52 -0.17
N PRO A 99 -27.38 18.47 -0.99
CA PRO A 99 -28.38 18.17 -2.02
C PRO A 99 -29.70 17.70 -1.41
N SER A 100 -30.74 17.65 -2.24
CA SER A 100 -32.06 17.22 -1.80
C SER A 100 -32.53 16.00 -2.57
N SER A 101 -33.84 15.82 -2.65
CA SER A 101 -34.42 14.70 -3.37
C SER A 101 -35.51 15.16 -4.34
N GLY A 102 -35.76 16.47 -4.34
CA GLY A 102 -36.79 17.03 -5.22
C GLY A 102 -36.94 18.52 -5.05
N GLY A 1 23.77 -14.96 16.97
CA GLY A 1 24.15 -15.18 15.58
C GLY A 1 24.71 -13.95 14.93
N SER A 2 25.32 -14.11 13.75
CA SER A 2 25.91 -13.00 13.02
C SER A 2 24.93 -12.44 11.99
N SER A 3 25.04 -11.15 11.71
CA SER A 3 24.16 -10.50 10.73
C SER A 3 24.68 -9.11 10.38
N GLY A 4 25.11 -8.36 11.39
CA GLY A 4 25.62 -7.03 11.17
C GLY A 4 24.64 -6.14 10.43
N SER A 5 25.15 -5.07 9.83
CA SER A 5 24.31 -4.14 9.08
C SER A 5 23.23 -3.54 9.98
N SER A 6 22.75 -2.37 9.61
CA SER A 6 21.72 -1.69 10.39
C SER A 6 21.29 -0.39 9.70
N GLY A 7 19.99 -0.09 9.77
CA GLY A 7 19.49 1.13 9.16
C GLY A 7 18.49 1.85 10.04
N LYS A 8 17.87 2.89 9.50
CA LYS A 8 16.90 3.67 10.26
C LYS A 8 16.02 4.48 9.32
N LYS A 9 14.71 4.24 9.38
CA LYS A 9 13.76 4.95 8.53
C LYS A 9 13.07 6.06 9.31
N LYS A 10 13.77 7.18 9.47
CA LYS A 10 13.23 8.33 10.19
C LYS A 10 12.53 9.30 9.24
N LYS A 11 13.20 9.61 8.13
CA LYS A 11 12.65 10.52 7.14
C LYS A 11 11.15 10.32 6.97
N LYS A 12 10.38 11.33 7.34
CA LYS A 12 8.93 11.26 7.24
C LYS A 12 8.28 12.61 7.55
N LYS A 13 8.79 13.26 8.60
CA LYS A 13 8.27 14.56 9.01
C LYS A 13 6.77 14.49 9.27
N ASP A 14 5.98 14.60 8.21
CA ASP A 14 4.52 14.55 8.32
C ASP A 14 3.90 14.15 6.98
N PRO A 15 2.80 13.37 7.06
CA PRO A 15 2.08 12.90 5.87
C PRO A 15 1.35 14.03 5.15
N ASN A 16 0.70 13.70 4.05
CA ASN A 16 -0.05 14.69 3.28
C ASN A 16 -0.82 14.02 2.13
N GLU A 17 -0.09 13.46 1.18
CA GLU A 17 -0.71 12.79 0.04
C GLU A 17 -1.03 11.33 0.38
N PRO A 18 -2.21 10.88 -0.08
CA PRO A 18 -2.67 9.50 0.15
C PRO A 18 -1.84 8.47 -0.61
N GLN A 19 -1.90 7.23 -0.16
CA GLN A 19 -1.15 6.15 -0.81
C GLN A 19 -2.03 5.43 -1.83
N LYS A 20 -1.44 5.13 -2.99
CA LYS A 20 -2.16 4.44 -4.06
C LYS A 20 -2.05 2.93 -3.91
N PRO A 21 -3.17 2.22 -4.10
CA PRO A 21 -3.22 0.76 -4.00
C PRO A 21 -2.48 0.08 -5.13
N VAL A 22 -2.24 -1.22 -4.98
CA VAL A 22 -1.53 -2.00 -6.00
C VAL A 22 -2.45 -3.01 -6.64
N SER A 23 -2.10 -3.44 -7.85
CA SER A 23 -2.90 -4.42 -8.59
C SER A 23 -3.14 -5.67 -7.74
N ALA A 24 -4.13 -6.46 -8.14
CA ALA A 24 -4.46 -7.69 -7.43
C ALA A 24 -3.20 -8.49 -7.11
N TYR A 25 -2.52 -8.94 -8.16
CA TYR A 25 -1.30 -9.73 -7.99
C TYR A 25 -0.31 -9.01 -7.07
N ALA A 26 -0.37 -7.68 -7.08
CA ALA A 26 0.52 -6.88 -6.24
C ALA A 26 0.07 -6.89 -4.79
N LEU A 27 -1.24 -6.89 -4.58
CA LEU A 27 -1.80 -6.90 -3.23
C LEU A 27 -1.31 -8.10 -2.45
N PHE A 28 -1.00 -9.18 -3.16
CA PHE A 28 -0.51 -10.41 -2.53
C PHE A 28 1.01 -10.37 -2.37
N PHE A 29 1.66 -9.47 -3.13
CA PHE A 29 3.10 -9.35 -3.07
C PHE A 29 3.54 -8.63 -1.80
N ARG A 30 2.93 -7.48 -1.53
CA ARG A 30 3.25 -6.70 -0.34
C ARG A 30 2.86 -7.46 0.93
N ASP A 31 1.96 -8.42 0.79
CA ASP A 31 1.51 -9.22 1.92
C ASP A 31 2.50 -10.35 2.22
N THR A 32 3.01 -10.98 1.16
CA THR A 32 3.95 -12.07 1.32
C THR A 32 5.37 -11.55 1.55
N GLN A 33 5.82 -10.66 0.68
CA GLN A 33 7.14 -10.08 0.80
C GLN A 33 7.55 -9.91 2.26
N ALA A 34 6.67 -9.27 3.03
CA ALA A 34 6.93 -9.05 4.45
C ALA A 34 7.29 -10.35 5.16
N ALA A 35 6.48 -11.37 4.95
CA ALA A 35 6.71 -12.68 5.56
C ALA A 35 7.95 -13.34 4.98
N ILE A 36 8.21 -13.08 3.71
CA ILE A 36 9.36 -13.66 3.02
C ILE A 36 10.66 -13.22 3.68
N LYS A 37 10.89 -11.91 3.73
CA LYS A 37 12.10 -11.36 4.33
C LYS A 37 12.22 -11.80 5.79
N GLY A 38 11.12 -11.71 6.53
CA GLY A 38 11.13 -12.10 7.93
C GLY A 38 11.76 -13.47 8.14
N GLN A 39 11.57 -14.36 7.16
CA GLN A 39 12.12 -15.70 7.25
C GLN A 39 13.45 -15.80 6.50
N ASN A 40 13.64 -14.92 5.54
CA ASN A 40 14.86 -14.90 4.74
C ASN A 40 15.21 -13.49 4.29
N PRO A 41 15.82 -12.70 5.20
CA PRO A 41 16.21 -11.33 4.92
C PRO A 41 17.37 -11.24 3.92
N ASN A 42 18.23 -12.25 3.93
CA ASN A 42 19.37 -12.29 3.03
C ASN A 42 18.92 -12.16 1.57
N ALA A 43 17.71 -12.62 1.29
CA ALA A 43 17.16 -12.55 -0.06
C ALA A 43 16.85 -11.11 -0.45
N THR A 44 17.62 -10.58 -1.40
CA THR A 44 17.43 -9.22 -1.87
C THR A 44 16.07 -9.04 -2.54
N PHE A 45 15.66 -7.79 -2.73
CA PHE A 45 14.38 -7.49 -3.35
C PHE A 45 14.13 -8.42 -4.53
N GLY A 46 15.15 -8.61 -5.37
CA GLY A 46 15.01 -9.48 -6.52
C GLY A 46 14.60 -10.88 -6.14
N GLU A 47 15.23 -11.44 -5.12
CA GLU A 47 14.93 -12.79 -4.65
C GLU A 47 13.50 -12.87 -4.12
N VAL A 48 13.24 -12.10 -3.06
CA VAL A 48 11.91 -12.09 -2.45
C VAL A 48 10.82 -12.03 -3.51
N SER A 49 11.06 -11.26 -4.56
CA SER A 49 10.10 -11.12 -5.65
C SER A 49 10.03 -12.39 -6.48
N LYS A 50 11.16 -12.79 -7.03
CA LYS A 50 11.23 -14.00 -7.86
C LYS A 50 10.51 -15.16 -7.19
N ILE A 51 10.36 -15.07 -5.87
CA ILE A 51 9.69 -16.12 -5.10
C ILE A 51 8.17 -15.93 -5.14
N VAL A 52 7.72 -14.71 -4.88
CA VAL A 52 6.30 -14.39 -4.88
C VAL A 52 5.66 -14.76 -6.22
N ALA A 53 6.33 -14.39 -7.31
CA ALA A 53 5.83 -14.68 -8.64
C ALA A 53 5.43 -16.14 -8.78
N SER A 54 6.18 -17.02 -8.10
CA SER A 54 5.91 -18.45 -8.14
C SER A 54 4.78 -18.82 -7.19
N MET A 55 4.58 -18.01 -6.16
CA MET A 55 3.53 -18.25 -5.18
C MET A 55 2.17 -17.86 -5.75
N TRP A 56 2.07 -16.66 -6.28
CA TRP A 56 0.82 -16.17 -6.85
C TRP A 56 0.38 -17.04 -8.01
N ASP A 57 1.34 -17.48 -8.82
CA ASP A 57 1.06 -18.33 -9.97
C ASP A 57 0.43 -19.65 -9.53
N GLY A 58 0.45 -19.90 -8.23
CA GLY A 58 -0.13 -21.12 -7.70
C GLY A 58 -1.12 -20.87 -6.59
N LEU A 59 -1.76 -19.70 -6.62
CA LEU A 59 -2.73 -19.34 -5.60
C LEU A 59 -4.11 -19.88 -5.96
N GLY A 60 -4.97 -20.02 -4.94
CA GLY A 60 -6.31 -20.52 -5.17
C GLY A 60 -7.18 -19.53 -5.92
N GLU A 61 -8.02 -20.04 -6.82
CA GLU A 61 -8.91 -19.19 -7.60
C GLU A 61 -9.72 -18.27 -6.70
N GLU A 62 -9.89 -18.69 -5.44
CA GLU A 62 -10.64 -17.90 -4.47
C GLU A 62 -9.81 -16.75 -3.92
N GLN A 63 -8.50 -16.97 -3.83
CA GLN A 63 -7.59 -15.96 -3.33
C GLN A 63 -7.27 -14.92 -4.40
N LYS A 64 -7.24 -15.36 -5.66
CA LYS A 64 -6.95 -14.49 -6.78
C LYS A 64 -8.14 -13.57 -7.06
N GLN A 65 -9.34 -14.13 -7.05
CA GLN A 65 -10.55 -13.37 -7.31
C GLN A 65 -10.74 -12.28 -6.26
N VAL A 66 -10.55 -12.65 -5.00
CA VAL A 66 -10.70 -11.71 -3.90
C VAL A 66 -9.69 -10.57 -4.00
N TYR A 67 -8.48 -10.90 -4.42
CA TYR A 67 -7.42 -9.91 -4.56
C TYR A 67 -7.75 -8.92 -5.68
N LYS A 68 -8.55 -9.37 -6.64
CA LYS A 68 -8.93 -8.54 -7.77
C LYS A 68 -10.09 -7.61 -7.38
N LYS A 69 -11.04 -8.14 -6.63
CA LYS A 69 -12.20 -7.36 -6.19
C LYS A 69 -11.77 -6.23 -5.26
N LYS A 70 -10.79 -6.51 -4.41
CA LYS A 70 -10.28 -5.53 -3.46
C LYS A 70 -9.61 -4.37 -4.19
N THR A 71 -8.74 -4.69 -5.16
CA THR A 71 -8.04 -3.68 -5.93
C THR A 71 -8.97 -2.52 -6.29
N GLU A 72 -10.08 -2.85 -6.94
CA GLU A 72 -11.05 -1.84 -7.36
C GLU A 72 -11.66 -1.15 -6.13
N ALA A 73 -11.79 -1.90 -5.04
CA ALA A 73 -12.35 -1.35 -3.80
C ALA A 73 -11.39 -0.36 -3.16
N ALA A 74 -10.10 -0.61 -3.30
CA ALA A 74 -9.09 0.27 -2.73
C ALA A 74 -8.67 1.35 -3.72
N LYS A 75 -8.97 1.12 -4.99
CA LYS A 75 -8.63 2.08 -6.04
C LYS A 75 -9.65 3.22 -6.09
N LYS A 76 -10.91 2.87 -6.33
CA LYS A 76 -11.97 3.86 -6.40
C LYS A 76 -11.93 4.80 -5.20
N GLU A 77 -11.69 4.23 -4.01
CA GLU A 77 -11.62 5.02 -2.79
C GLU A 77 -10.43 5.97 -2.82
N TYR A 78 -9.27 5.42 -3.14
CA TYR A 78 -8.04 6.21 -3.20
C TYR A 78 -8.26 7.50 -4.00
N LEU A 79 -9.01 7.38 -5.09
CA LEU A 79 -9.30 8.53 -5.95
C LEU A 79 -10.19 9.53 -5.22
N LYS A 80 -11.29 9.05 -4.65
CA LYS A 80 -12.21 9.90 -3.93
C LYS A 80 -11.50 10.67 -2.82
N GLN A 81 -10.76 9.94 -1.99
CA GLN A 81 -10.02 10.56 -0.89
C GLN A 81 -9.03 11.59 -1.40
N LEU A 82 -8.17 11.17 -2.33
CA LEU A 82 -7.17 12.07 -2.90
C LEU A 82 -7.82 13.31 -3.49
N ALA A 83 -8.92 13.10 -4.21
CA ALA A 83 -9.64 14.21 -4.82
C ALA A 83 -9.88 15.34 -3.82
N ALA A 84 -9.92 14.98 -2.54
CA ALA A 84 -10.14 15.96 -1.49
C ALA A 84 -8.82 16.54 -0.99
N TYR A 85 -7.79 15.71 -0.96
CA TYR A 85 -6.47 16.13 -0.50
C TYR A 85 -6.04 17.41 -1.21
N ARG A 86 -6.31 17.49 -2.51
CA ARG A 86 -5.95 18.66 -3.30
C ARG A 86 -6.53 19.93 -2.69
N ALA A 87 -7.70 19.80 -2.07
CA ALA A 87 -8.36 20.94 -1.44
C ALA A 87 -7.35 21.83 -0.74
N SER A 88 -6.41 21.22 -0.02
CA SER A 88 -5.40 21.97 0.70
C SER A 88 -4.31 22.47 -0.25
N LEU A 89 -4.10 21.74 -1.33
CA LEU A 89 -3.09 22.09 -2.32
C LEU A 89 -3.52 23.34 -3.10
N VAL A 90 -4.79 23.39 -3.46
CA VAL A 90 -5.33 24.53 -4.21
C VAL A 90 -5.59 25.72 -3.29
N SER A 91 -5.94 26.86 -3.89
CA SER A 91 -6.22 28.07 -3.13
C SER A 91 -7.57 28.65 -3.50
N LYS A 92 -8.63 28.06 -2.98
CA LYS A 92 -9.99 28.53 -3.26
C LYS A 92 -11.01 27.80 -2.40
N SER A 93 -12.24 28.30 -2.39
CA SER A 93 -13.30 27.70 -1.60
C SER A 93 -14.27 26.93 -2.50
N TYR A 94 -14.81 25.84 -1.97
CA TYR A 94 -15.75 25.00 -2.72
C TYR A 94 -17.07 25.74 -2.93
N THR A 95 -17.96 25.13 -3.71
CA THR A 95 -19.27 25.71 -3.98
C THR A 95 -20.38 24.68 -3.87
N ASP A 96 -21.57 25.13 -3.51
CA ASP A 96 -22.71 24.24 -3.37
C ASP A 96 -23.42 24.05 -4.71
N SER A 97 -24.00 22.86 -4.89
CA SER A 97 -24.71 22.54 -6.13
C SER A 97 -25.20 21.10 -6.11
N GLY A 98 -26.31 20.86 -6.80
CA GLY A 98 -26.89 19.53 -6.85
C GLY A 98 -28.07 19.44 -7.79
N PRO A 99 -28.23 18.28 -8.45
CA PRO A 99 -29.32 18.05 -9.39
C PRO A 99 -30.68 17.95 -8.69
N SER A 100 -31.74 17.83 -9.48
CA SER A 100 -33.09 17.74 -8.94
C SER A 100 -33.86 16.60 -9.60
N SER A 101 -34.81 16.03 -8.87
CA SER A 101 -35.62 14.93 -9.38
C SER A 101 -37.10 15.18 -9.13
N GLY A 102 -37.92 14.93 -10.14
CA GLY A 102 -39.35 15.14 -10.01
C GLY A 102 -39.81 16.43 -10.65
N GLY A 1 26.58 2.73 39.83
CA GLY A 1 26.61 3.05 38.42
C GLY A 1 25.34 3.77 37.97
N SER A 2 25.41 4.40 36.79
CA SER A 2 24.27 5.13 36.25
C SER A 2 24.70 6.01 35.08
N SER A 3 23.73 6.61 34.41
CA SER A 3 24.00 7.48 33.28
C SER A 3 24.64 6.69 32.13
N GLY A 4 24.18 6.94 30.92
CA GLY A 4 24.73 6.25 29.76
C GLY A 4 23.77 6.25 28.59
N SER A 5 24.28 5.89 27.41
CA SER A 5 23.48 5.87 26.20
C SER A 5 22.94 7.26 25.87
N SER A 6 23.08 7.67 24.62
CA SER A 6 22.62 8.97 24.18
C SER A 6 22.80 9.14 22.67
N GLY A 7 21.96 9.97 22.07
CA GLY A 7 22.05 10.21 20.64
C GLY A 7 20.73 10.67 20.04
N LYS A 8 20.54 11.99 20.00
CA LYS A 8 19.32 12.57 19.45
C LYS A 8 19.44 12.75 17.94
N LYS A 9 18.29 12.70 17.25
CA LYS A 9 18.26 12.87 15.81
C LYS A 9 17.01 13.61 15.37
N LYS A 10 17.10 14.31 14.25
CA LYS A 10 15.97 15.06 13.72
C LYS A 10 15.27 14.29 12.61
N LYS A 11 13.97 14.50 12.46
CA LYS A 11 13.19 13.82 11.43
C LYS A 11 11.96 14.64 11.06
N LYS A 12 11.43 14.41 9.85
CA LYS A 12 10.25 15.12 9.37
C LYS A 12 9.05 14.85 10.28
N LYS A 13 8.42 15.92 10.75
CA LYS A 13 7.27 15.80 11.63
C LYS A 13 6.42 14.59 11.25
N ASP A 14 5.60 14.75 10.21
CA ASP A 14 4.75 13.66 9.75
C ASP A 14 4.35 13.87 8.29
N PRO A 15 4.32 12.77 7.52
CA PRO A 15 3.97 12.80 6.10
C PRO A 15 2.49 13.11 5.88
N ASN A 16 2.08 13.08 4.62
CA ASN A 16 0.68 13.36 4.28
C ASN A 16 0.28 12.62 3.00
N GLU A 17 -0.85 13.02 2.42
CA GLU A 17 -1.35 12.39 1.20
C GLU A 17 -1.60 10.90 1.42
N PRO A 18 -2.68 10.39 0.82
CA PRO A 18 -3.06 8.97 0.93
C PRO A 18 -2.09 8.05 0.21
N GLN A 19 -2.20 6.76 0.47
CA GLN A 19 -1.34 5.77 -0.16
C GLN A 19 -2.09 4.97 -1.21
N LYS A 20 -1.78 5.22 -2.48
CA LYS A 20 -2.44 4.52 -3.57
C LYS A 20 -2.28 3.01 -3.45
N PRO A 21 -3.35 2.26 -3.74
CA PRO A 21 -3.35 0.81 -3.66
C PRO A 21 -2.48 0.16 -4.74
N VAL A 22 -2.28 -1.15 -4.64
CA VAL A 22 -1.48 -1.88 -5.61
C VAL A 22 -2.33 -2.88 -6.39
N SER A 23 -1.90 -3.19 -7.60
CA SER A 23 -2.61 -4.14 -8.45
C SER A 23 -2.99 -5.39 -7.67
N ALA A 24 -3.87 -6.19 -8.25
CA ALA A 24 -4.31 -7.44 -7.61
C ALA A 24 -3.12 -8.30 -7.22
N TYR A 25 -2.32 -8.69 -8.21
CA TYR A 25 -1.16 -9.53 -7.97
C TYR A 25 -0.17 -8.83 -7.03
N ALA A 26 -0.28 -7.51 -6.95
CA ALA A 26 0.59 -6.72 -6.09
C ALA A 26 0.13 -6.79 -4.63
N LEU A 27 -1.18 -6.81 -4.43
CA LEU A 27 -1.75 -6.86 -3.09
C LEU A 27 -1.23 -8.06 -2.32
N PHE A 28 -0.94 -9.15 -3.06
CA PHE A 28 -0.44 -10.36 -2.44
C PHE A 28 1.08 -10.31 -2.28
N PHE A 29 1.71 -9.39 -3.01
CA PHE A 29 3.15 -9.23 -2.95
C PHE A 29 3.56 -8.49 -1.68
N ARG A 30 2.84 -7.41 -1.37
CA ARG A 30 3.14 -6.60 -0.19
C ARG A 30 2.75 -7.36 1.08
N ASP A 31 1.92 -8.39 0.92
CA ASP A 31 1.48 -9.19 2.06
C ASP A 31 2.39 -10.40 2.26
N THR A 32 2.91 -10.94 1.16
CA THR A 32 3.79 -12.10 1.22
C THR A 32 5.25 -11.67 1.38
N GLN A 33 5.71 -10.81 0.49
CA GLN A 33 7.09 -10.32 0.54
C GLN A 33 7.56 -10.18 1.99
N ALA A 34 6.87 -9.34 2.76
CA ALA A 34 7.22 -9.12 4.15
C ALA A 34 7.55 -10.44 4.85
N ALA A 35 6.66 -11.41 4.68
CA ALA A 35 6.85 -12.73 5.30
C ALA A 35 8.09 -13.42 4.74
N ILE A 36 8.38 -13.18 3.46
CA ILE A 36 9.53 -13.79 2.82
C ILE A 36 10.83 -13.18 3.33
N LYS A 37 11.01 -11.88 3.09
CA LYS A 37 12.20 -11.18 3.53
C LYS A 37 12.40 -11.33 5.04
N GLY A 38 11.37 -11.01 5.81
CA GLY A 38 11.44 -11.12 7.25
C GLY A 38 12.03 -12.44 7.69
N GLN A 39 11.61 -13.53 7.05
CA GLN A 39 12.10 -14.85 7.38
C GLN A 39 13.48 -15.11 6.76
N ASN A 40 13.74 -14.46 5.64
CA ASN A 40 15.01 -14.61 4.95
C ASN A 40 15.55 -13.26 4.48
N PRO A 41 16.18 -12.51 5.41
CA PRO A 41 16.75 -11.20 5.12
C PRO A 41 17.97 -11.28 4.21
N ASN A 42 18.54 -12.48 4.10
CA ASN A 42 19.72 -12.68 3.26
C ASN A 42 19.35 -12.58 1.79
N ALA A 43 18.10 -12.91 1.46
CA ALA A 43 17.63 -12.86 0.08
C ALA A 43 17.41 -11.41 -0.36
N THR A 44 17.93 -11.08 -1.54
CA THR A 44 17.79 -9.74 -2.09
C THR A 44 16.41 -9.52 -2.68
N PHE A 45 16.01 -8.25 -2.79
CA PHE A 45 14.70 -7.91 -3.34
C PHE A 45 14.36 -8.80 -4.53
N GLY A 46 15.37 -9.11 -5.34
CA GLY A 46 15.15 -9.96 -6.50
C GLY A 46 14.72 -11.36 -6.12
N GLU A 47 15.35 -11.92 -5.10
CA GLU A 47 15.02 -13.26 -4.64
C GLU A 47 13.62 -13.30 -4.03
N VAL A 48 13.40 -12.43 -3.05
CA VAL A 48 12.10 -12.36 -2.38
C VAL A 48 10.96 -12.28 -3.38
N SER A 49 11.19 -11.57 -4.48
CA SER A 49 10.18 -11.42 -5.52
C SER A 49 9.96 -12.73 -6.26
N LYS A 50 11.04 -13.26 -6.83
CA LYS A 50 10.97 -14.51 -7.57
C LYS A 50 10.20 -15.57 -6.79
N ILE A 51 10.27 -15.48 -5.47
CA ILE A 51 9.57 -16.44 -4.61
C ILE A 51 8.08 -16.15 -4.57
N VAL A 52 7.73 -14.88 -4.39
CA VAL A 52 6.33 -14.47 -4.33
C VAL A 52 5.63 -14.71 -5.66
N ALA A 53 6.33 -14.37 -6.75
CA ALA A 53 5.78 -14.55 -8.09
C ALA A 53 5.34 -15.99 -8.31
N SER A 54 6.11 -16.93 -7.79
CA SER A 54 5.79 -18.35 -7.93
C SER A 54 4.62 -18.74 -7.04
N MET A 55 4.40 -17.95 -5.99
CA MET A 55 3.31 -18.21 -5.06
C MET A 55 1.96 -17.83 -5.67
N TRP A 56 1.87 -16.60 -6.17
CA TRP A 56 0.65 -16.11 -6.79
C TRP A 56 0.22 -17.02 -7.94
N ASP A 57 1.17 -17.37 -8.79
CA ASP A 57 0.90 -18.23 -9.94
C ASP A 57 0.30 -19.56 -9.49
N GLY A 58 0.43 -19.85 -8.19
CA GLY A 58 -0.11 -21.09 -7.66
C GLY A 58 -1.20 -20.86 -6.65
N LEU A 59 -1.64 -19.62 -6.51
CA LEU A 59 -2.68 -19.27 -5.57
C LEU A 59 -4.04 -19.81 -6.02
N GLY A 60 -5.00 -19.84 -5.11
CA GLY A 60 -6.33 -20.34 -5.44
C GLY A 60 -7.18 -19.29 -6.13
N GLU A 61 -8.19 -19.75 -6.87
CA GLU A 61 -9.08 -18.84 -7.58
C GLU A 61 -9.74 -17.85 -6.62
N GLU A 62 -10.08 -18.34 -5.43
CA GLU A 62 -10.72 -17.51 -4.42
C GLU A 62 -9.76 -16.44 -3.90
N GLN A 63 -8.48 -16.77 -3.88
CA GLN A 63 -7.46 -15.84 -3.41
C GLN A 63 -7.02 -14.90 -4.53
N LYS A 64 -7.07 -15.39 -5.77
CA LYS A 64 -6.69 -14.59 -6.92
C LYS A 64 -7.75 -13.55 -7.24
N GLN A 65 -9.01 -13.97 -7.23
CA GLN A 65 -10.12 -13.07 -7.52
C GLN A 65 -10.27 -12.02 -6.42
N VAL A 66 -10.39 -12.48 -5.18
CA VAL A 66 -10.54 -11.60 -4.04
C VAL A 66 -9.60 -10.39 -4.15
N TYR A 67 -8.34 -10.67 -4.47
CA TYR A 67 -7.34 -9.61 -4.60
C TYR A 67 -7.73 -8.63 -5.71
N LYS A 68 -8.41 -9.14 -6.74
CA LYS A 68 -8.84 -8.32 -7.86
C LYS A 68 -10.05 -7.48 -7.48
N LYS A 69 -11.01 -8.09 -6.78
CA LYS A 69 -12.21 -7.40 -6.36
C LYS A 69 -11.87 -6.24 -5.43
N LYS A 70 -10.92 -6.46 -4.54
CA LYS A 70 -10.50 -5.42 -3.60
C LYS A 70 -9.81 -4.27 -4.33
N THR A 71 -8.81 -4.60 -5.14
CA THR A 71 -8.09 -3.59 -5.90
C THR A 71 -9.02 -2.49 -6.39
N GLU A 72 -10.21 -2.88 -6.81
CA GLU A 72 -11.20 -1.93 -7.30
C GLU A 72 -11.81 -1.12 -6.16
N ALA A 73 -12.12 -1.80 -5.06
CA ALA A 73 -12.71 -1.16 -3.90
C ALA A 73 -11.71 -0.21 -3.24
N ALA A 74 -10.42 -0.51 -3.39
CA ALA A 74 -9.37 0.32 -2.81
C ALA A 74 -8.89 1.37 -3.81
N LYS A 75 -9.08 1.09 -5.09
CA LYS A 75 -8.67 2.02 -6.14
C LYS A 75 -9.68 3.14 -6.30
N LYS A 76 -10.92 2.78 -6.63
CA LYS A 76 -11.98 3.77 -6.81
C LYS A 76 -12.09 4.68 -5.60
N GLU A 77 -11.90 4.11 -4.41
CA GLU A 77 -11.98 4.87 -3.17
C GLU A 77 -10.77 5.79 -3.02
N TYR A 78 -9.58 5.24 -3.27
CA TYR A 78 -8.35 6.01 -3.16
C TYR A 78 -8.50 7.39 -3.82
N LEU A 79 -9.04 7.39 -5.03
CA LEU A 79 -9.25 8.64 -5.76
C LEU A 79 -10.19 9.57 -4.99
N LYS A 80 -11.31 9.03 -4.55
CA LYS A 80 -12.30 9.81 -3.81
C LYS A 80 -11.66 10.47 -2.59
N GLN A 81 -10.93 9.69 -1.81
CA GLN A 81 -10.27 10.20 -0.62
C GLN A 81 -9.24 11.28 -0.98
N LEU A 82 -8.26 10.90 -1.79
CA LEU A 82 -7.22 11.83 -2.22
C LEU A 82 -7.83 13.13 -2.71
N ALA A 83 -8.78 13.02 -3.63
CA ALA A 83 -9.45 14.20 -4.19
C ALA A 83 -9.74 15.23 -3.11
N ALA A 84 -9.96 14.75 -1.88
CA ALA A 84 -10.25 15.64 -0.77
C ALA A 84 -8.95 16.19 -0.15
N TYR A 85 -7.98 15.30 0.05
CA TYR A 85 -6.71 15.70 0.63
C TYR A 85 -6.19 16.99 0.00
N ARG A 86 -6.37 17.11 -1.31
CA ARG A 86 -5.93 18.29 -2.04
C ARG A 86 -6.59 19.55 -1.48
N ALA A 87 -7.86 19.44 -1.11
CA ALA A 87 -8.60 20.57 -0.56
C ALA A 87 -7.72 21.40 0.36
N SER A 88 -6.74 20.74 0.97
CA SER A 88 -5.82 21.43 1.89
C SER A 88 -4.64 22.03 1.14
N LEU A 89 -4.15 21.29 0.14
CA LEU A 89 -3.02 21.74 -0.65
C LEU A 89 -3.39 22.97 -1.48
N VAL A 90 -4.55 22.92 -2.11
CA VAL A 90 -5.03 24.03 -2.94
C VAL A 90 -5.13 25.31 -2.12
N SER A 91 -4.83 26.44 -2.76
CA SER A 91 -4.89 27.74 -2.09
C SER A 91 -6.18 28.47 -2.44
N LYS A 92 -6.78 28.10 -3.56
CA LYS A 92 -8.02 28.73 -4.01
C LYS A 92 -9.18 28.35 -3.09
N SER A 93 -9.94 29.36 -2.67
CA SER A 93 -11.08 29.12 -1.79
C SER A 93 -12.40 29.19 -2.57
N TYR A 94 -12.94 28.03 -2.90
CA TYR A 94 -14.18 27.94 -3.64
C TYR A 94 -15.29 27.32 -2.79
N THR A 95 -16.51 27.32 -3.33
CA THR A 95 -17.65 26.76 -2.61
C THR A 95 -18.88 26.65 -3.53
N ASP A 96 -19.09 27.69 -4.33
CA ASP A 96 -20.22 27.72 -5.25
C ASP A 96 -21.54 27.85 -4.49
N SER A 97 -21.97 29.09 -4.27
CA SER A 97 -23.21 29.36 -3.56
C SER A 97 -24.37 28.60 -4.18
N GLY A 98 -25.16 27.93 -3.34
CA GLY A 98 -26.29 27.17 -3.83
C GLY A 98 -27.35 28.05 -4.47
N PRO A 99 -28.09 27.49 -5.43
CA PRO A 99 -29.15 28.21 -6.14
C PRO A 99 -30.35 28.51 -5.25
N SER A 100 -31.36 29.17 -5.82
CA SER A 100 -32.56 29.52 -5.08
C SER A 100 -33.80 28.98 -5.78
N SER A 101 -34.29 27.84 -5.32
CA SER A 101 -35.48 27.21 -5.91
C SER A 101 -36.73 27.60 -5.13
N GLY A 102 -36.74 27.29 -3.85
CA GLY A 102 -37.89 27.62 -3.02
C GLY A 102 -37.68 28.88 -2.22
N GLY A 1 -1.87 -12.36 29.62
CA GLY A 1 -2.59 -12.11 28.38
C GLY A 1 -4.06 -12.45 28.50
N SER A 2 -4.86 -11.92 27.57
CA SER A 2 -6.29 -12.15 27.58
C SER A 2 -6.96 -11.51 26.37
N SER A 3 -6.72 -10.21 26.20
CA SER A 3 -7.30 -9.47 25.08
C SER A 3 -6.86 -8.00 25.12
N GLY A 4 -5.69 -7.73 24.57
CA GLY A 4 -5.17 -6.37 24.55
C GLY A 4 -5.79 -5.54 23.45
N SER A 5 -5.15 -4.41 23.13
CA SER A 5 -5.65 -3.52 22.08
C SER A 5 -4.64 -3.42 20.95
N SER A 6 -4.70 -4.37 20.02
CA SER A 6 -3.81 -4.38 18.87
C SER A 6 -4.37 -3.56 17.72
N GLY A 7 -4.16 -2.25 17.79
CA GLY A 7 -4.66 -1.36 16.75
C GLY A 7 -3.80 -1.40 15.49
N LYS A 8 -4.34 -2.02 14.44
CA LYS A 8 -3.62 -2.14 13.18
C LYS A 8 -4.18 -1.17 12.15
N LYS A 9 -4.49 0.05 12.58
CA LYS A 9 -5.04 1.07 11.69
C LYS A 9 -4.18 2.33 11.74
N LYS A 10 -2.87 2.16 11.74
CA LYS A 10 -1.95 3.29 11.78
C LYS A 10 -1.47 3.65 10.37
N LYS A 11 -1.76 4.88 9.95
CA LYS A 11 -1.37 5.35 8.64
C LYS A 11 -0.56 6.65 8.73
N LYS A 12 0.76 6.52 8.84
CA LYS A 12 1.63 7.68 8.95
C LYS A 12 2.70 7.65 7.86
N LYS A 13 2.35 8.11 6.66
CA LYS A 13 3.28 8.14 5.55
C LYS A 13 3.04 9.36 4.67
N ASP A 14 4.12 9.89 4.09
CA ASP A 14 4.03 11.05 3.22
C ASP A 14 3.49 12.25 3.99
N PRO A 15 3.66 13.45 3.42
CA PRO A 15 3.20 14.70 4.03
C PRO A 15 1.68 14.82 4.04
N ASN A 16 1.05 14.19 5.03
CA ASN A 16 -0.41 14.23 5.14
C ASN A 16 -1.07 13.99 3.79
N GLU A 17 -1.19 12.71 3.42
CA GLU A 17 -1.80 12.35 2.15
C GLU A 17 -1.94 10.83 2.03
N PRO A 18 -3.08 10.39 1.48
CA PRO A 18 -3.37 8.96 1.29
C PRO A 18 -2.49 8.32 0.23
N GLN A 19 -2.17 7.05 0.42
CA GLN A 19 -1.33 6.33 -0.53
C GLN A 19 -2.19 5.56 -1.54
N LYS A 20 -1.62 5.31 -2.72
CA LYS A 20 -2.32 4.60 -3.77
C LYS A 20 -2.17 3.09 -3.59
N PRO A 21 -3.26 2.35 -3.82
CA PRO A 21 -3.28 0.88 -3.70
C PRO A 21 -2.47 0.21 -4.81
N VAL A 22 -2.21 -1.09 -4.63
CA VAL A 22 -1.46 -1.85 -5.62
C VAL A 22 -2.36 -2.86 -6.34
N SER A 23 -1.96 -3.23 -7.55
CA SER A 23 -2.73 -4.18 -8.35
C SER A 23 -3.06 -5.43 -7.52
N ALA A 24 -3.99 -6.22 -8.03
CA ALA A 24 -4.40 -7.45 -7.35
C ALA A 24 -3.19 -8.31 -7.00
N TYR A 25 -2.45 -8.73 -8.02
CA TYR A 25 -1.27 -9.56 -7.82
C TYR A 25 -0.26 -8.86 -6.89
N ALA A 26 -0.34 -7.54 -6.84
CA ALA A 26 0.56 -6.75 -6.00
C ALA A 26 0.10 -6.79 -4.54
N LEU A 27 -1.21 -6.73 -4.34
CA LEU A 27 -1.78 -6.74 -2.99
C LEU A 27 -1.33 -7.98 -2.23
N PHE A 28 -0.97 -9.02 -2.97
CA PHE A 28 -0.52 -10.27 -2.36
C PHE A 28 1.01 -10.30 -2.24
N PHE A 29 1.66 -9.41 -2.98
CA PHE A 29 3.12 -9.35 -2.96
C PHE A 29 3.61 -8.54 -1.76
N ARG A 30 2.91 -7.45 -1.46
CA ARG A 30 3.27 -6.59 -0.34
C ARG A 30 2.88 -7.23 0.99
N ASP A 31 1.98 -8.21 0.92
CA ASP A 31 1.52 -8.90 2.12
C ASP A 31 2.37 -10.13 2.39
N THR A 32 2.96 -10.69 1.33
CA THR A 32 3.80 -11.87 1.46
C THR A 32 5.27 -11.50 1.55
N GLN A 33 5.70 -10.58 0.69
CA GLN A 33 7.08 -10.13 0.67
C GLN A 33 7.66 -10.09 2.09
N ALA A 34 7.02 -9.31 2.96
CA ALA A 34 7.47 -9.19 4.34
C ALA A 34 7.72 -10.55 4.96
N ALA A 35 6.85 -11.50 4.67
CA ALA A 35 6.98 -12.86 5.20
C ALA A 35 8.18 -13.57 4.58
N ILE A 36 8.50 -13.21 3.34
CA ILE A 36 9.63 -13.82 2.64
C ILE A 36 10.95 -13.26 3.14
N LYS A 37 11.11 -11.94 3.03
CA LYS A 37 12.34 -11.28 3.47
C LYS A 37 12.62 -11.59 4.93
N GLY A 38 11.58 -11.53 5.76
CA GLY A 38 11.75 -11.81 7.18
C GLY A 38 12.46 -13.12 7.43
N GLN A 39 12.12 -14.14 6.65
CA GLN A 39 12.73 -15.46 6.80
C GLN A 39 14.08 -15.51 6.09
N ASN A 40 14.28 -14.60 5.14
CA ASN A 40 15.53 -14.55 4.38
C ASN A 40 15.95 -13.10 4.13
N PRO A 41 16.58 -12.49 5.15
CA PRO A 41 17.05 -11.11 5.06
C PRO A 41 18.23 -10.96 4.10
N ASN A 42 18.82 -12.08 3.70
CA ASN A 42 19.95 -12.06 2.78
C ASN A 42 19.49 -11.72 1.36
N ALA A 43 18.23 -12.01 1.07
CA ALA A 43 17.67 -11.74 -0.25
C ALA A 43 17.76 -10.25 -0.59
N THR A 44 17.74 -9.95 -1.88
CA THR A 44 17.83 -8.57 -2.34
C THR A 44 16.78 -8.28 -3.41
N PHE A 45 15.52 -8.23 -3.00
CA PHE A 45 14.43 -7.97 -3.92
C PHE A 45 14.30 -9.08 -4.96
N GLY A 46 15.23 -9.10 -5.90
CA GLY A 46 15.21 -10.12 -6.95
C GLY A 46 14.83 -11.49 -6.41
N GLU A 47 15.32 -11.80 -5.21
CA GLU A 47 15.02 -13.09 -4.59
C GLU A 47 13.62 -13.10 -4.00
N VAL A 48 13.39 -12.23 -3.02
CA VAL A 48 12.09 -12.13 -2.37
C VAL A 48 10.96 -12.18 -3.39
N SER A 49 11.17 -11.56 -4.53
CA SER A 49 10.16 -11.53 -5.60
C SER A 49 10.04 -12.90 -6.25
N LYS A 50 11.14 -13.37 -6.85
CA LYS A 50 11.15 -14.66 -7.51
C LYS A 50 10.36 -15.70 -6.71
N ILE A 51 10.27 -15.47 -5.40
CA ILE A 51 9.56 -16.39 -4.52
C ILE A 51 8.06 -16.11 -4.55
N VAL A 52 7.68 -14.86 -4.33
CA VAL A 52 6.28 -14.46 -4.34
C VAL A 52 5.62 -14.81 -5.66
N ALA A 53 6.32 -14.52 -6.76
CA ALA A 53 5.80 -14.79 -8.09
C ALA A 53 5.33 -16.23 -8.21
N SER A 54 6.13 -17.15 -7.68
CA SER A 54 5.79 -18.58 -7.73
C SER A 54 4.61 -18.88 -6.82
N MET A 55 4.38 -18.02 -5.85
CA MET A 55 3.28 -18.20 -4.91
C MET A 55 1.94 -17.81 -5.55
N TRP A 56 1.88 -16.58 -6.06
CA TRP A 56 0.66 -16.10 -6.70
C TRP A 56 0.25 -16.99 -7.87
N ASP A 57 1.24 -17.37 -8.67
CA ASP A 57 0.98 -18.23 -9.83
C ASP A 57 0.30 -19.52 -9.40
N GLY A 58 0.33 -19.81 -8.10
CA GLY A 58 -0.29 -21.01 -7.59
C GLY A 58 -1.28 -20.72 -6.47
N LEU A 59 -1.95 -19.59 -6.57
CA LEU A 59 -2.93 -19.19 -5.56
C LEU A 59 -4.33 -19.69 -5.93
N GLY A 60 -5.15 -19.92 -4.91
CA GLY A 60 -6.50 -20.40 -5.15
C GLY A 60 -7.36 -19.37 -5.87
N GLU A 61 -8.23 -19.85 -6.75
CA GLU A 61 -9.10 -18.96 -7.52
C GLU A 61 -9.88 -18.04 -6.58
N GLU A 62 -10.18 -18.53 -5.39
CA GLU A 62 -10.93 -17.74 -4.41
C GLU A 62 -10.05 -16.65 -3.81
N GLN A 63 -8.73 -16.84 -3.90
CA GLN A 63 -7.79 -15.87 -3.37
C GLN A 63 -7.40 -14.85 -4.42
N LYS A 64 -7.33 -15.30 -5.67
CA LYS A 64 -6.96 -14.43 -6.79
C LYS A 64 -8.07 -13.42 -7.06
N GLN A 65 -9.30 -13.92 -7.19
CA GLN A 65 -10.44 -13.06 -7.47
C GLN A 65 -10.60 -11.99 -6.39
N VAL A 66 -10.53 -12.42 -5.13
CA VAL A 66 -10.67 -11.50 -4.01
C VAL A 66 -9.63 -10.39 -4.09
N TYR A 67 -8.40 -10.76 -4.43
CA TYR A 67 -7.31 -9.79 -4.53
C TYR A 67 -7.60 -8.77 -5.63
N LYS A 68 -8.45 -9.14 -6.58
CA LYS A 68 -8.81 -8.25 -7.67
C LYS A 68 -9.98 -7.35 -7.28
N LYS A 69 -10.94 -7.92 -6.55
CA LYS A 69 -12.10 -7.18 -6.10
C LYS A 69 -11.73 -6.12 -5.07
N LYS A 70 -10.52 -6.26 -4.51
CA LYS A 70 -10.02 -5.31 -3.51
C LYS A 70 -9.24 -4.19 -4.17
N THR A 71 -8.67 -4.48 -5.35
CA THR A 71 -7.89 -3.49 -6.08
C THR A 71 -8.77 -2.35 -6.59
N GLU A 72 -9.74 -2.70 -7.42
CA GLU A 72 -10.65 -1.70 -7.98
C GLU A 72 -11.41 -0.98 -6.87
N ALA A 73 -11.73 -1.71 -5.81
CA ALA A 73 -12.46 -1.15 -4.67
C ALA A 73 -11.56 -0.24 -3.84
N ALA A 74 -10.26 -0.50 -3.89
CA ALA A 74 -9.29 0.29 -3.14
C ALA A 74 -8.75 1.44 -3.98
N LYS A 75 -8.79 1.27 -5.30
CA LYS A 75 -8.31 2.31 -6.22
C LYS A 75 -9.33 3.43 -6.36
N LYS A 76 -10.52 3.08 -6.85
CA LYS A 76 -11.58 4.05 -7.03
C LYS A 76 -11.83 4.84 -5.75
N GLU A 77 -11.77 4.15 -4.61
CA GLU A 77 -11.98 4.80 -3.32
C GLU A 77 -10.83 5.75 -2.99
N TYR A 78 -9.61 5.27 -3.18
CA TYR A 78 -8.43 6.07 -2.89
C TYR A 78 -8.52 7.43 -3.57
N LEU A 79 -9.07 7.45 -4.78
CA LEU A 79 -9.21 8.69 -5.54
C LEU A 79 -10.30 9.58 -4.93
N LYS A 80 -11.46 9.00 -4.69
CA LYS A 80 -12.58 9.74 -4.09
C LYS A 80 -12.17 10.34 -2.76
N GLN A 81 -11.63 9.51 -1.87
CA GLN A 81 -11.20 9.97 -0.56
C GLN A 81 -10.14 11.06 -0.68
N LEU A 82 -9.08 10.76 -1.43
CA LEU A 82 -8.00 11.71 -1.62
C LEU A 82 -8.52 13.03 -2.20
N ALA A 83 -9.10 12.96 -3.40
CA ALA A 83 -9.64 14.15 -4.05
C ALA A 83 -10.36 15.04 -3.04
N ALA A 84 -11.03 14.42 -2.07
CA ALA A 84 -11.77 15.16 -1.06
C ALA A 84 -10.88 15.43 0.16
N TYR A 85 -9.88 14.59 0.36
CA TYR A 85 -8.96 14.74 1.49
C TYR A 85 -8.28 16.11 1.47
N ARG A 86 -7.87 16.52 0.29
CA ARG A 86 -7.20 17.82 0.13
C ARG A 86 -8.07 18.94 0.67
N ALA A 87 -9.39 18.80 0.53
CA ALA A 87 -10.32 19.81 1.01
C ALA A 87 -9.99 20.24 2.43
N SER A 88 -9.52 19.30 3.24
CA SER A 88 -9.17 19.58 4.62
C SER A 88 -7.77 20.20 4.71
N LEU A 89 -6.92 19.86 3.74
CA LEU A 89 -5.56 20.38 3.70
C LEU A 89 -5.56 21.88 3.40
N VAL A 90 -6.48 22.30 2.54
CA VAL A 90 -6.59 23.71 2.17
C VAL A 90 -7.31 24.51 3.24
N SER A 91 -6.79 24.48 4.46
CA SER A 91 -7.38 25.20 5.57
C SER A 91 -6.73 26.57 5.74
N LYS A 92 -6.45 27.23 4.63
CA LYS A 92 -5.83 28.55 4.65
C LYS A 92 -6.17 29.33 3.38
N SER A 93 -5.85 28.74 2.23
CA SER A 93 -6.12 29.38 0.95
C SER A 93 -5.30 30.67 0.80
N TYR A 94 -4.81 30.91 -0.42
CA TYR A 94 -4.01 32.10 -0.69
C TYR A 94 -4.55 32.86 -1.90
N THR A 95 -4.78 32.12 -2.99
CA THR A 95 -5.31 32.72 -4.21
C THR A 95 -6.78 32.42 -4.39
N ASP A 96 -7.54 33.41 -4.83
CA ASP A 96 -8.97 33.25 -5.04
C ASP A 96 -9.35 33.62 -6.48
N SER A 97 -9.89 32.64 -7.20
CA SER A 97 -10.29 32.85 -8.59
C SER A 97 -11.73 33.35 -8.67
N GLY A 98 -12.00 34.23 -9.64
CA GLY A 98 -13.34 34.76 -9.79
C GLY A 98 -14.09 34.12 -10.95
N PRO A 99 -14.90 33.11 -10.65
CA PRO A 99 -15.68 32.38 -11.65
C PRO A 99 -16.81 33.24 -12.23
N SER A 100 -17.57 32.66 -13.15
CA SER A 100 -18.68 33.37 -13.77
C SER A 100 -19.97 32.56 -13.67
N SER A 101 -20.96 33.11 -12.98
CA SER A 101 -22.24 32.45 -12.80
C SER A 101 -23.40 33.46 -12.87
N GLY A 102 -24.62 32.94 -12.91
CA GLY A 102 -25.79 33.80 -12.98
C GLY A 102 -25.56 35.02 -13.85
N GLY A 1 10.56 -8.87 35.90
CA GLY A 1 9.48 -8.61 34.98
C GLY A 1 9.93 -8.65 33.53
N SER A 2 9.53 -7.65 32.76
CA SER A 2 9.90 -7.57 31.35
C SER A 2 10.50 -6.22 31.02
N SER A 3 9.80 -5.15 31.39
CA SER A 3 10.26 -3.79 31.13
C SER A 3 10.66 -3.62 29.67
N GLY A 4 11.07 -2.41 29.30
CA GLY A 4 11.46 -2.14 27.93
C GLY A 4 11.48 -0.66 27.61
N SER A 5 12.22 -0.29 26.57
CA SER A 5 12.31 1.11 26.17
C SER A 5 13.09 1.25 24.86
N SER A 6 12.42 1.79 23.84
CA SER A 6 13.04 1.97 22.53
C SER A 6 12.16 2.84 21.64
N GLY A 7 12.81 3.59 20.75
CA GLY A 7 12.08 4.46 19.84
C GLY A 7 11.13 3.69 18.94
N LYS A 8 10.87 4.25 17.76
CA LYS A 8 9.98 3.60 16.80
C LYS A 8 10.08 4.28 15.43
N LYS A 9 9.39 3.72 14.45
CA LYS A 9 9.40 4.26 13.09
C LYS A 9 10.77 4.85 12.76
N LYS A 10 11.65 4.02 12.21
CA LYS A 10 12.99 4.45 11.84
C LYS A 10 13.08 4.71 10.34
N LYS A 11 11.97 5.17 9.76
CA LYS A 11 11.93 5.47 8.33
C LYS A 11 11.27 6.81 8.07
N LYS A 12 12.06 7.77 7.58
CA LYS A 12 11.55 9.11 7.29
C LYS A 12 11.17 9.23 5.82
N LYS A 13 10.23 8.40 5.38
CA LYS A 13 9.78 8.42 3.99
C LYS A 13 8.26 8.25 3.92
N ASP A 14 7.55 9.01 4.74
CA ASP A 14 6.09 8.95 4.76
C ASP A 14 5.50 10.35 4.77
N PRO A 15 5.32 10.93 3.57
CA PRO A 15 4.76 12.27 3.41
C PRO A 15 3.28 12.33 3.76
N ASN A 16 2.70 13.52 3.67
CA ASN A 16 1.28 13.70 3.98
C ASN A 16 0.44 13.56 2.72
N GLU A 17 0.22 12.31 2.30
CA GLU A 17 -0.58 12.04 1.11
C GLU A 17 -0.70 10.54 0.88
N PRO A 18 -1.90 10.09 0.48
CA PRO A 18 -2.19 8.68 0.21
C PRO A 18 -1.48 8.18 -1.04
N GLN A 19 -1.10 6.90 -1.02
CA GLN A 19 -0.42 6.29 -2.16
C GLN A 19 -1.39 5.48 -3.02
N LYS A 20 -1.02 5.26 -4.27
CA LYS A 20 -1.85 4.50 -5.19
C LYS A 20 -1.74 3.00 -4.91
N PRO A 21 -2.90 2.32 -4.83
CA PRO A 21 -2.95 0.88 -4.57
C PRO A 21 -2.44 0.06 -5.75
N VAL A 22 -1.81 -1.06 -5.46
CA VAL A 22 -1.28 -1.94 -6.49
C VAL A 22 -2.37 -2.82 -7.09
N SER A 23 -2.05 -3.51 -8.18
CA SER A 23 -3.01 -4.39 -8.84
C SER A 23 -3.38 -5.56 -7.95
N ALA A 24 -4.00 -6.58 -8.55
CA ALA A 24 -4.41 -7.77 -7.80
C ALA A 24 -3.20 -8.63 -7.43
N TYR A 25 -2.48 -9.10 -8.45
CA TYR A 25 -1.32 -9.93 -8.22
C TYR A 25 -0.28 -9.21 -7.37
N ALA A 26 -0.34 -7.88 -7.37
CA ALA A 26 0.58 -7.07 -6.59
C ALA A 26 0.18 -7.02 -5.13
N LEU A 27 -1.13 -6.87 -4.89
CA LEU A 27 -1.64 -6.81 -3.52
C LEU A 27 -1.13 -7.97 -2.68
N PHE A 28 -0.95 -9.13 -3.34
CA PHE A 28 -0.47 -10.32 -2.65
C PHE A 28 1.06 -10.28 -2.51
N PHE A 29 1.70 -9.47 -3.34
CA PHE A 29 3.16 -9.35 -3.31
C PHE A 29 3.59 -8.44 -2.17
N ARG A 30 2.82 -7.39 -1.91
CA ARG A 30 3.12 -6.44 -0.85
C ARG A 30 2.77 -7.03 0.51
N ASP A 31 1.86 -7.98 0.52
CA ASP A 31 1.43 -8.63 1.77
C ASP A 31 2.35 -9.80 2.11
N THR A 32 2.87 -10.46 1.08
CA THR A 32 3.75 -11.60 1.27
C THR A 32 5.19 -11.15 1.48
N GLN A 33 5.69 -10.32 0.57
CA GLN A 33 7.05 -9.82 0.66
C GLN A 33 7.45 -9.60 2.12
N ALA A 34 6.60 -8.93 2.87
CA ALA A 34 6.88 -8.67 4.29
C ALA A 34 7.22 -9.95 5.03
N ALA A 35 6.36 -10.96 4.89
CA ALA A 35 6.59 -12.24 5.55
C ALA A 35 7.86 -12.90 5.05
N ILE A 36 8.13 -12.75 3.76
CA ILE A 36 9.33 -13.33 3.15
C ILE A 36 10.59 -12.80 3.81
N LYS A 37 10.81 -11.50 3.70
CA LYS A 37 11.98 -10.86 4.29
C LYS A 37 12.14 -11.25 5.75
N GLY A 38 11.10 -10.98 6.54
CA GLY A 38 11.14 -11.30 7.95
C GLY A 38 11.75 -12.66 8.22
N GLN A 39 11.42 -13.63 7.38
CA GLN A 39 11.96 -14.98 7.53
C GLN A 39 13.32 -15.11 6.86
N ASN A 40 13.54 -14.30 5.83
CA ASN A 40 14.81 -14.32 5.10
C ASN A 40 15.17 -12.93 4.59
N PRO A 41 15.66 -12.07 5.50
CA PRO A 41 16.06 -10.70 5.16
C PRO A 41 17.31 -10.65 4.29
N ASN A 42 18.13 -11.70 4.38
CA ASN A 42 19.36 -11.78 3.60
C ASN A 42 19.05 -11.77 2.11
N ALA A 43 17.86 -12.25 1.74
CA ALA A 43 17.46 -12.30 0.35
C ALA A 43 17.21 -10.90 -0.20
N THR A 44 17.75 -10.64 -1.39
CA THR A 44 17.60 -9.34 -2.03
C THR A 44 16.23 -9.21 -2.70
N PHE A 45 15.77 -7.98 -2.86
CA PHE A 45 14.48 -7.72 -3.49
C PHE A 45 14.20 -8.74 -4.59
N GLY A 46 15.09 -8.82 -5.57
CA GLY A 46 14.91 -9.76 -6.66
C GLY A 46 14.55 -11.14 -6.18
N GLU A 47 15.28 -11.64 -5.18
CA GLU A 47 15.01 -12.96 -4.64
C GLU A 47 13.61 -13.05 -4.06
N VAL A 48 13.28 -12.11 -3.18
CA VAL A 48 11.96 -12.07 -2.55
C VAL A 48 10.85 -12.20 -3.59
N SER A 49 10.99 -11.44 -4.68
CA SER A 49 9.99 -11.45 -5.74
C SER A 49 9.96 -12.81 -6.43
N LYS A 50 11.11 -13.23 -6.95
CA LYS A 50 11.23 -14.51 -7.64
C LYS A 50 10.39 -15.58 -6.94
N ILE A 51 10.24 -15.44 -5.63
CA ILE A 51 9.45 -16.39 -4.84
C ILE A 51 7.97 -16.09 -4.94
N VAL A 52 7.60 -14.86 -4.62
CA VAL A 52 6.20 -14.44 -4.68
C VAL A 52 5.56 -14.84 -6.02
N ALA A 53 6.23 -14.49 -7.11
CA ALA A 53 5.73 -14.81 -8.44
C ALA A 53 5.34 -16.27 -8.54
N SER A 54 6.07 -17.13 -7.83
CA SER A 54 5.80 -18.56 -7.85
C SER A 54 4.69 -18.92 -6.86
N MET A 55 4.43 -18.02 -5.91
CA MET A 55 3.40 -18.24 -4.92
C MET A 55 2.02 -17.88 -5.47
N TRP A 56 1.92 -16.69 -6.05
CA TRP A 56 0.65 -16.23 -6.61
C TRP A 56 0.15 -17.20 -7.69
N ASP A 57 1.05 -17.59 -8.58
CA ASP A 57 0.70 -18.51 -9.66
C ASP A 57 0.08 -19.79 -9.10
N GLY A 58 0.23 -19.99 -7.80
CA GLY A 58 -0.33 -21.17 -7.16
C GLY A 58 -1.26 -20.84 -6.02
N LEU A 59 -1.97 -19.72 -6.15
CA LEU A 59 -2.90 -19.28 -5.12
C LEU A 59 -4.30 -19.83 -5.37
N GLY A 60 -5.12 -19.87 -4.32
CA GLY A 60 -6.48 -20.37 -4.46
C GLY A 60 -7.37 -19.44 -5.24
N GLU A 61 -8.19 -20.00 -6.13
CA GLU A 61 -9.10 -19.20 -6.93
C GLU A 61 -9.80 -18.14 -6.09
N GLU A 62 -10.24 -18.53 -4.90
CA GLU A 62 -10.91 -17.60 -4.00
C GLU A 62 -9.97 -16.50 -3.54
N GLN A 63 -8.69 -16.82 -3.46
CA GLN A 63 -7.68 -15.85 -3.04
C GLN A 63 -7.32 -14.90 -4.17
N LYS A 64 -7.36 -15.42 -5.40
CA LYS A 64 -7.04 -14.62 -6.57
C LYS A 64 -8.19 -13.67 -6.92
N GLN A 65 -9.41 -14.20 -6.88
CA GLN A 65 -10.59 -13.40 -7.19
C GLN A 65 -10.74 -12.24 -6.22
N VAL A 66 -10.53 -12.53 -4.93
CA VAL A 66 -10.63 -11.51 -3.89
C VAL A 66 -9.63 -10.38 -4.12
N TYR A 67 -8.41 -10.75 -4.50
CA TYR A 67 -7.37 -9.77 -4.75
C TYR A 67 -7.72 -8.89 -5.94
N LYS A 68 -8.51 -9.43 -6.85
CA LYS A 68 -8.93 -8.68 -8.04
C LYS A 68 -10.08 -7.74 -7.72
N LYS A 69 -10.97 -8.19 -6.84
CA LYS A 69 -12.12 -7.38 -6.45
C LYS A 69 -11.71 -6.24 -5.54
N LYS A 70 -10.68 -6.47 -4.72
CA LYS A 70 -10.17 -5.46 -3.81
C LYS A 70 -9.46 -4.35 -4.57
N THR A 71 -8.70 -4.73 -5.60
CA THR A 71 -7.97 -3.76 -6.41
C THR A 71 -8.85 -2.57 -6.77
N GLU A 72 -10.03 -2.85 -7.31
CA GLU A 72 -10.96 -1.80 -7.69
C GLU A 72 -11.49 -1.06 -6.46
N ALA A 73 -11.89 -1.83 -5.45
CA ALA A 73 -12.42 -1.25 -4.22
C ALA A 73 -11.37 -0.40 -3.51
N ALA A 74 -10.10 -0.69 -3.80
CA ALA A 74 -9.00 0.05 -3.18
C ALA A 74 -8.55 1.21 -4.07
N LYS A 75 -8.77 1.06 -5.38
CA LYS A 75 -8.39 2.10 -6.33
C LYS A 75 -9.42 3.22 -6.36
N LYS A 76 -10.67 2.87 -6.63
CA LYS A 76 -11.75 3.85 -6.68
C LYS A 76 -11.77 4.69 -5.41
N GLU A 77 -11.43 4.08 -4.29
CA GLU A 77 -11.41 4.78 -3.00
C GLU A 77 -10.20 5.70 -2.92
N TYR A 78 -9.03 5.18 -3.24
CA TYR A 78 -7.80 5.97 -3.20
C TYR A 78 -8.03 7.37 -3.74
N LEU A 79 -8.72 7.46 -4.87
CA LEU A 79 -9.02 8.74 -5.50
C LEU A 79 -9.94 9.58 -4.62
N LYS A 80 -11.00 8.95 -4.11
CA LYS A 80 -11.96 9.64 -3.25
C LYS A 80 -11.29 10.10 -1.96
N GLN A 81 -10.81 9.14 -1.17
CA GLN A 81 -10.16 9.45 0.09
C GLN A 81 -9.17 10.61 -0.07
N LEU A 82 -8.33 10.52 -1.09
CA LEU A 82 -7.34 11.56 -1.36
C LEU A 82 -8.02 12.91 -1.56
N ALA A 83 -8.80 13.01 -2.63
CA ALA A 83 -9.51 14.24 -2.94
C ALA A 83 -10.05 14.91 -1.68
N ALA A 84 -10.49 14.08 -0.73
CA ALA A 84 -11.03 14.59 0.53
C ALA A 84 -9.92 14.82 1.54
N TYR A 85 -8.85 14.03 1.43
CA TYR A 85 -7.72 14.14 2.36
C TYR A 85 -7.22 15.58 2.41
N ARG A 86 -7.14 16.22 1.25
CA ARG A 86 -6.65 17.59 1.17
C ARG A 86 -7.55 18.53 1.98
N ALA A 87 -8.87 18.35 1.83
CA ALA A 87 -9.83 19.18 2.54
C ALA A 87 -9.41 19.41 3.98
N SER A 88 -8.77 18.40 4.58
CA SER A 88 -8.32 18.49 5.96
C SER A 88 -6.97 19.20 6.03
N LEU A 89 -6.13 18.97 5.03
CA LEU A 89 -4.81 19.59 4.99
C LEU A 89 -4.92 21.11 4.86
N VAL A 90 -6.03 21.57 4.27
CA VAL A 90 -6.26 22.99 4.08
C VAL A 90 -7.01 23.59 5.26
N SER A 91 -6.50 23.34 6.47
CA SER A 91 -7.13 23.85 7.67
C SER A 91 -8.49 23.19 7.90
N LYS A 92 -8.50 22.17 8.75
CA LYS A 92 -9.73 21.44 9.06
C LYS A 92 -9.46 20.30 10.03
N SER A 93 -8.48 20.49 10.91
CA SER A 93 -8.12 19.47 11.89
C SER A 93 -8.48 19.93 13.30
N TYR A 94 -8.30 19.03 14.26
CA TYR A 94 -8.62 19.34 15.66
C TYR A 94 -7.42 19.02 16.56
N THR A 95 -7.30 19.77 17.66
CA THR A 95 -6.20 19.57 18.59
C THR A 95 -6.15 18.13 19.07
N ASP A 96 -5.04 17.46 18.79
CA ASP A 96 -4.86 16.07 19.20
C ASP A 96 -3.47 15.57 18.81
N SER A 97 -2.61 15.38 19.80
CA SER A 97 -1.25 14.90 19.56
C SER A 97 -0.83 13.89 20.61
N GLY A 98 0.30 13.24 20.38
CA GLY A 98 0.79 12.25 21.33
C GLY A 98 2.29 12.03 21.21
N PRO A 99 3.06 12.97 21.76
CA PRO A 99 4.53 12.90 21.72
C PRO A 99 5.08 11.79 22.62
N SER A 100 6.41 11.71 22.70
CA SER A 100 7.05 10.69 23.52
C SER A 100 8.53 10.99 23.68
N SER A 101 9.10 10.57 24.82
CA SER A 101 10.50 10.80 25.11
C SER A 101 10.96 9.95 26.30
N GLY A 102 12.27 9.72 26.38
CA GLY A 102 12.81 8.93 27.46
C GLY A 102 13.96 9.63 28.18
N GLY A 1 23.87 -22.77 10.89
CA GLY A 1 24.33 -21.43 11.24
C GLY A 1 23.22 -20.59 11.86
N SER A 2 23.60 -19.72 12.79
CA SER A 2 22.63 -18.85 13.45
C SER A 2 23.27 -17.52 13.82
N SER A 3 22.83 -16.45 13.16
CA SER A 3 23.36 -15.12 13.41
C SER A 3 22.66 -14.08 12.53
N GLY A 4 22.74 -12.81 12.95
CA GLY A 4 22.11 -11.75 12.19
C GLY A 4 22.39 -10.38 12.77
N SER A 5 23.06 -9.53 12.01
CA SER A 5 23.40 -8.19 12.47
C SER A 5 22.19 -7.53 13.12
N SER A 6 22.47 -6.57 14.02
CA SER A 6 21.41 -5.87 14.73
C SER A 6 20.69 -4.89 13.80
N GLY A 7 21.47 -4.04 13.13
CA GLY A 7 20.90 -3.07 12.22
C GLY A 7 20.03 -2.06 12.94
N LYS A 8 20.65 -1.14 13.66
CA LYS A 8 19.92 -0.12 14.39
C LYS A 8 19.31 0.91 13.45
N LYS A 9 18.62 1.90 14.00
CA LYS A 9 18.00 2.94 13.20
C LYS A 9 16.93 2.35 12.28
N LYS A 10 16.12 3.22 11.69
CA LYS A 10 15.06 2.80 10.79
C LYS A 10 14.46 3.99 10.05
N LYS A 11 14.12 5.03 10.79
CA LYS A 11 13.54 6.23 10.21
C LYS A 11 12.18 5.93 9.58
N LYS A 12 11.11 6.24 10.31
CA LYS A 12 9.76 6.00 9.83
C LYS A 12 9.09 7.32 9.42
N LYS A 13 9.53 8.41 10.03
CA LYS A 13 8.97 9.72 9.73
C LYS A 13 7.45 9.69 9.77
N ASP A 14 6.83 10.84 9.50
CA ASP A 14 5.38 10.94 9.51
C ASP A 14 4.88 11.64 8.24
N PRO A 15 4.84 10.89 7.13
CA PRO A 15 4.40 11.42 5.83
C PRO A 15 2.90 11.69 5.82
N ASN A 16 2.40 12.15 4.67
CA ASN A 16 0.98 12.45 4.52
C ASN A 16 0.48 12.03 3.14
N GLU A 17 -0.75 12.40 2.82
CA GLU A 17 -1.35 12.06 1.53
C GLU A 17 -1.46 10.55 1.36
N PRO A 18 -2.60 10.10 0.81
CA PRO A 18 -2.84 8.67 0.58
C PRO A 18 -1.96 8.10 -0.52
N GLN A 19 -1.68 6.80 -0.43
CA GLN A 19 -0.85 6.13 -1.42
C GLN A 19 -1.66 5.15 -2.25
N LYS A 20 -1.79 5.44 -3.54
CA LYS A 20 -2.54 4.57 -4.44
C LYS A 20 -2.30 3.11 -4.14
N PRO A 21 -3.37 2.30 -4.14
CA PRO A 21 -3.29 0.86 -3.87
C PRO A 21 -2.59 0.10 -4.98
N VAL A 22 -1.99 -1.03 -4.63
CA VAL A 22 -1.29 -1.86 -5.60
C VAL A 22 -2.25 -2.79 -6.33
N SER A 23 -1.84 -3.24 -7.52
CA SER A 23 -2.67 -4.13 -8.32
C SER A 23 -3.09 -5.37 -7.51
N ALA A 24 -3.84 -6.26 -8.15
CA ALA A 24 -4.29 -7.48 -7.49
C ALA A 24 -3.12 -8.35 -7.08
N TYR A 25 -2.36 -8.82 -8.06
CA TYR A 25 -1.20 -9.66 -7.80
C TYR A 25 -0.21 -8.97 -6.88
N ALA A 26 -0.24 -7.64 -6.89
CA ALA A 26 0.66 -6.85 -6.05
C ALA A 26 0.22 -6.88 -4.60
N LEU A 27 -1.09 -6.81 -4.39
CA LEU A 27 -1.64 -6.83 -3.04
C LEU A 27 -1.14 -8.04 -2.25
N PHE A 28 -0.90 -9.13 -2.96
CA PHE A 28 -0.41 -10.36 -2.33
C PHE A 28 1.11 -10.34 -2.22
N PHE A 29 1.75 -9.44 -2.96
CA PHE A 29 3.20 -9.32 -2.94
C PHE A 29 3.67 -8.58 -1.70
N ARG A 30 2.93 -7.54 -1.32
CA ARG A 30 3.28 -6.75 -0.14
C ARG A 30 2.87 -7.47 1.14
N ASP A 31 1.86 -8.32 1.04
CA ASP A 31 1.37 -9.08 2.19
C ASP A 31 2.23 -10.31 2.42
N THR A 32 2.85 -10.81 1.36
CA THR A 32 3.69 -12.00 1.45
C THR A 32 5.17 -11.62 1.59
N GLN A 33 5.62 -10.73 0.72
CA GLN A 33 7.01 -10.27 0.74
C GLN A 33 7.53 -10.20 2.18
N ALA A 34 6.85 -9.42 3.01
CA ALA A 34 7.26 -9.26 4.40
C ALA A 34 7.59 -10.62 5.02
N ALA A 35 6.68 -11.58 4.89
CA ALA A 35 6.88 -12.90 5.44
C ALA A 35 8.13 -13.56 4.84
N ILE A 36 8.42 -13.24 3.59
CA ILE A 36 9.58 -13.79 2.91
C ILE A 36 10.87 -13.14 3.40
N LYS A 37 11.01 -11.85 3.13
CA LYS A 37 12.20 -11.12 3.56
C LYS A 37 12.44 -11.27 5.05
N GLY A 38 11.38 -11.08 5.84
CA GLY A 38 11.50 -11.22 7.28
C GLY A 38 12.16 -12.51 7.69
N GLN A 39 11.80 -13.60 7.02
CA GLN A 39 12.36 -14.91 7.33
C GLN A 39 13.71 -15.09 6.65
N ASN A 40 13.88 -14.49 5.48
CA ASN A 40 15.13 -14.59 4.75
C ASN A 40 15.61 -13.21 4.32
N PRO A 41 16.27 -12.49 5.25
CA PRO A 41 16.80 -11.15 4.99
C PRO A 41 17.99 -11.17 4.04
N ASN A 42 18.56 -12.35 3.83
CA ASN A 42 19.70 -12.50 2.94
C ASN A 42 19.27 -12.38 1.48
N ALA A 43 18.00 -12.68 1.21
CA ALA A 43 17.47 -12.60 -0.15
C ALA A 43 17.21 -11.15 -0.55
N THR A 44 17.73 -10.77 -1.72
CA THR A 44 17.55 -9.42 -2.23
C THR A 44 16.18 -9.24 -2.88
N PHE A 45 15.77 -7.99 -3.05
CA PHE A 45 14.49 -7.68 -3.66
C PHE A 45 14.19 -8.64 -4.82
N GLY A 46 15.22 -8.94 -5.61
CA GLY A 46 15.05 -9.83 -6.73
C GLY A 46 14.62 -11.21 -6.31
N GLU A 47 15.17 -11.71 -5.21
CA GLU A 47 14.83 -13.03 -4.70
C GLU A 47 13.43 -13.03 -4.09
N VAL A 48 13.23 -12.21 -3.07
CA VAL A 48 11.95 -12.12 -2.40
C VAL A 48 10.80 -12.10 -3.41
N SER A 49 11.04 -11.48 -4.55
CA SER A 49 10.03 -11.39 -5.60
C SER A 49 9.93 -12.69 -6.37
N LYS A 50 11.03 -13.08 -7.02
CA LYS A 50 11.06 -14.32 -7.78
C LYS A 50 10.37 -15.46 -7.03
N ILE A 51 10.30 -15.33 -5.72
CA ILE A 51 9.66 -16.34 -4.89
C ILE A 51 8.15 -16.19 -4.90
N VAL A 52 7.68 -14.97 -4.63
CA VAL A 52 6.25 -14.68 -4.62
C VAL A 52 5.61 -15.00 -5.96
N ALA A 53 6.25 -14.58 -7.04
CA ALA A 53 5.74 -14.82 -8.39
C ALA A 53 5.26 -16.26 -8.54
N SER A 54 5.97 -17.19 -7.91
CA SER A 54 5.61 -18.60 -7.97
C SER A 54 4.45 -18.90 -7.02
N MET A 55 4.43 -18.21 -5.89
CA MET A 55 3.38 -18.41 -4.89
C MET A 55 2.02 -18.00 -5.44
N TRP A 56 1.96 -16.84 -6.08
CA TRP A 56 0.72 -16.34 -6.65
C TRP A 56 0.26 -17.23 -7.80
N ASP A 57 1.19 -17.62 -8.65
CA ASP A 57 0.88 -18.49 -9.79
C ASP A 57 0.20 -19.77 -9.32
N GLY A 58 0.27 -20.04 -8.02
CA GLY A 58 -0.35 -21.24 -7.47
C GLY A 58 -1.36 -20.93 -6.39
N LEU A 59 -1.90 -19.71 -6.41
CA LEU A 59 -2.89 -19.30 -5.42
C LEU A 59 -4.28 -19.81 -5.79
N GLY A 60 -5.17 -19.82 -4.80
CA GLY A 60 -6.53 -20.30 -5.04
C GLY A 60 -7.37 -19.28 -5.79
N GLU A 61 -8.32 -19.77 -6.57
CA GLU A 61 -9.19 -18.89 -7.35
C GLU A 61 -9.86 -17.85 -6.45
N GLU A 62 -10.21 -18.27 -5.24
CA GLU A 62 -10.86 -17.36 -4.28
C GLU A 62 -9.86 -16.32 -3.78
N GLN A 63 -8.59 -16.69 -3.72
CA GLN A 63 -7.55 -15.79 -3.24
C GLN A 63 -7.09 -14.86 -4.37
N LYS A 64 -7.12 -15.36 -5.60
CA LYS A 64 -6.72 -14.57 -6.76
C LYS A 64 -7.76 -13.52 -7.09
N GLN A 65 -9.02 -13.93 -7.16
CA GLN A 65 -10.12 -13.03 -7.47
C GLN A 65 -10.26 -11.96 -6.39
N VAL A 66 -10.40 -12.40 -5.14
CA VAL A 66 -10.54 -11.48 -4.02
C VAL A 66 -9.57 -10.30 -4.14
N TYR A 67 -8.30 -10.61 -4.39
CA TYR A 67 -7.28 -9.58 -4.52
C TYR A 67 -7.63 -8.61 -5.64
N LYS A 68 -8.29 -9.13 -6.68
CA LYS A 68 -8.69 -8.31 -7.82
C LYS A 68 -9.88 -7.43 -7.47
N LYS A 69 -10.89 -8.03 -6.84
CA LYS A 69 -12.09 -7.30 -6.44
C LYS A 69 -11.73 -6.13 -5.53
N LYS A 70 -10.77 -6.35 -4.63
CA LYS A 70 -10.34 -5.31 -3.70
C LYS A 70 -9.65 -4.17 -4.43
N THR A 71 -8.64 -4.52 -5.23
CA THR A 71 -7.90 -3.52 -6.00
C THR A 71 -8.82 -2.40 -6.49
N GLU A 72 -9.98 -2.79 -7.00
CA GLU A 72 -10.95 -1.81 -7.50
C GLU A 72 -11.61 -1.06 -6.35
N ALA A 73 -11.94 -1.77 -5.29
CA ALA A 73 -12.57 -1.17 -4.13
C ALA A 73 -11.62 -0.21 -3.42
N ALA A 74 -10.31 -0.45 -3.57
CA ALA A 74 -9.30 0.39 -2.95
C ALA A 74 -8.84 1.49 -3.91
N LYS A 75 -8.96 1.21 -5.21
CA LYS A 75 -8.56 2.18 -6.23
C LYS A 75 -9.60 3.28 -6.39
N LYS A 76 -10.82 2.89 -6.76
CA LYS A 76 -11.91 3.83 -6.94
C LYS A 76 -12.07 4.72 -5.72
N GLU A 77 -11.86 4.14 -4.54
CA GLU A 77 -11.97 4.89 -3.29
C GLU A 77 -10.76 5.79 -3.08
N TYR A 78 -9.57 5.26 -3.37
CA TYR A 78 -8.35 6.01 -3.19
C TYR A 78 -8.44 7.38 -3.85
N LEU A 79 -8.99 7.41 -5.05
CA LEU A 79 -9.16 8.67 -5.79
C LEU A 79 -10.09 9.61 -5.05
N LYS A 80 -11.28 9.12 -4.72
CA LYS A 80 -12.28 9.91 -4.01
C LYS A 80 -11.71 10.43 -2.69
N GLN A 81 -11.32 9.52 -1.81
CA GLN A 81 -10.76 9.89 -0.52
C GLN A 81 -9.66 10.93 -0.68
N LEU A 82 -8.71 10.64 -1.56
CA LEU A 82 -7.59 11.54 -1.80
C LEU A 82 -8.09 12.91 -2.25
N ALA A 83 -8.96 12.92 -3.26
CA ALA A 83 -9.52 14.15 -3.79
C ALA A 83 -10.03 15.04 -2.66
N ALA A 84 -10.30 14.44 -1.51
CA ALA A 84 -10.79 15.18 -0.35
C ALA A 84 -9.64 15.69 0.50
N TYR A 85 -8.66 14.84 0.73
CA TYR A 85 -7.49 15.21 1.53
C TYR A 85 -7.02 16.61 1.19
N ARG A 86 -7.04 16.94 -0.09
CA ARG A 86 -6.62 18.26 -0.55
C ARG A 86 -7.57 19.34 -0.06
N ALA A 87 -8.86 19.12 -0.26
CA ALA A 87 -9.87 20.08 0.17
C ALA A 87 -9.56 20.64 1.55
N SER A 88 -8.81 19.88 2.34
CA SER A 88 -8.44 20.29 3.68
C SER A 88 -7.12 21.07 3.67
N LEU A 89 -6.22 20.68 2.75
CA LEU A 89 -4.93 21.34 2.64
C LEU A 89 -5.07 22.71 2.01
N VAL A 90 -5.83 22.78 0.92
CA VAL A 90 -6.06 24.04 0.22
C VAL A 90 -6.67 25.09 1.15
N SER A 91 -6.66 26.34 0.70
CA SER A 91 -7.21 27.44 1.50
C SER A 91 -8.73 27.43 1.43
N LYS A 92 -9.28 27.54 0.22
CA LYS A 92 -10.71 27.55 0.01
C LYS A 92 -11.32 26.19 0.33
N SER A 93 -12.05 26.11 1.44
CA SER A 93 -12.67 24.86 1.85
C SER A 93 -14.12 25.10 2.29
N TYR A 94 -15.02 24.25 1.81
CA TYR A 94 -16.44 24.37 2.16
C TYR A 94 -16.61 24.75 3.63
N THR A 95 -17.73 25.39 3.93
CA THR A 95 -18.02 25.81 5.29
C THR A 95 -19.49 26.19 5.46
N ASP A 96 -20.03 25.96 6.64
CA ASP A 96 -21.43 26.27 6.92
C ASP A 96 -22.37 25.38 6.12
N SER A 97 -23.67 25.51 6.38
CA SER A 97 -24.66 24.71 5.68
C SER A 97 -24.45 23.22 5.94
N GLY A 98 -25.44 22.58 6.56
CA GLY A 98 -25.34 21.16 6.85
C GLY A 98 -26.10 20.77 8.10
N PRO A 99 -27.41 20.54 7.94
CA PRO A 99 -28.29 20.15 9.05
C PRO A 99 -28.00 18.74 9.56
N SER A 100 -28.41 18.47 10.79
CA SER A 100 -28.18 17.16 11.39
C SER A 100 -29.06 16.98 12.64
N SER A 101 -28.95 15.82 13.27
CA SER A 101 -29.72 15.51 14.46
C SER A 101 -31.22 15.62 14.17
N GLY A 102 -32.04 15.33 15.18
CA GLY A 102 -33.47 15.40 15.01
C GLY A 102 -34.10 14.04 14.78
N GLY A 1 2.02 -2.80 -13.31
CA GLY A 1 3.14 -3.69 -13.12
C GLY A 1 4.20 -3.07 -12.22
N SER A 2 5.10 -2.28 -12.80
CA SER A 2 6.17 -1.65 -12.04
C SER A 2 5.82 -0.21 -11.73
N SER A 3 5.42 0.05 -10.48
CA SER A 3 5.06 1.39 -10.04
C SER A 3 4.89 1.44 -8.53
N GLY A 4 5.78 0.76 -7.82
CA GLY A 4 5.71 0.74 -6.37
C GLY A 4 7.02 0.32 -5.73
N SER A 5 6.95 -0.65 -4.83
CA SER A 5 8.15 -1.13 -4.14
C SER A 5 8.81 -0.02 -3.35
N SER A 6 9.58 0.81 -4.05
CA SER A 6 10.29 1.92 -3.42
C SER A 6 11.52 1.43 -2.67
N GLY A 7 12.65 1.39 -3.37
CA GLY A 7 13.88 0.94 -2.76
C GLY A 7 14.36 1.86 -1.66
N LYS A 8 14.54 1.30 -0.46
CA LYS A 8 14.98 2.09 0.68
C LYS A 8 14.09 3.29 0.90
N LYS A 9 14.31 4.00 2.00
CA LYS A 9 13.53 5.18 2.33
C LYS A 9 14.34 6.45 2.11
N LYS A 10 13.66 7.60 2.18
CA LYS A 10 14.32 8.89 1.99
C LYS A 10 13.40 10.03 2.42
N LYS A 11 13.46 10.38 3.70
CA LYS A 11 12.64 11.47 4.23
C LYS A 11 11.17 11.10 4.18
N LYS A 12 10.47 11.25 5.30
CA LYS A 12 9.06 10.94 5.38
C LYS A 12 8.51 11.24 6.79
N LYS A 13 7.84 12.38 6.92
CA LYS A 13 7.27 12.77 8.20
C LYS A 13 5.80 13.14 8.05
N ASP A 14 5.52 14.12 7.19
CA ASP A 14 4.15 14.56 6.95
C ASP A 14 3.79 14.45 5.47
N PRO A 15 3.48 13.22 5.03
CA PRO A 15 3.12 12.94 3.63
C PRO A 15 1.77 13.53 3.27
N ASN A 16 0.79 13.34 4.15
CA ASN A 16 -0.57 13.84 3.92
C ASN A 16 -1.27 13.03 2.84
N GLU A 17 -0.78 13.14 1.61
CA GLU A 17 -1.35 12.42 0.49
C GLU A 17 -1.82 11.03 0.91
N PRO A 18 -2.90 10.54 0.29
CA PRO A 18 -3.46 9.23 0.58
C PRO A 18 -2.57 8.10 0.11
N GLN A 19 -2.85 6.88 0.59
CA GLN A 19 -2.06 5.72 0.21
C GLN A 19 -2.65 5.04 -1.02
N LYS A 20 -1.86 5.00 -2.10
CA LYS A 20 -2.30 4.38 -3.34
C LYS A 20 -2.18 2.86 -3.27
N PRO A 21 -3.29 2.17 -3.58
CA PRO A 21 -3.33 0.70 -3.55
C PRO A 21 -2.52 0.07 -4.67
N VAL A 22 -2.28 -1.23 -4.58
CA VAL A 22 -1.51 -1.94 -5.59
C VAL A 22 -2.38 -2.95 -6.33
N SER A 23 -2.01 -3.25 -7.57
CA SER A 23 -2.75 -4.20 -8.38
C SER A 23 -3.12 -5.44 -7.58
N ALA A 24 -3.98 -6.28 -8.15
CA ALA A 24 -4.41 -7.51 -7.49
C ALA A 24 -3.22 -8.38 -7.12
N TYR A 25 -2.43 -8.75 -8.14
CA TYR A 25 -1.26 -9.59 -7.93
C TYR A 25 -0.24 -8.89 -7.03
N ALA A 26 -0.35 -7.56 -6.95
CA ALA A 26 0.55 -6.78 -6.13
C ALA A 26 0.14 -6.80 -4.66
N LEU A 27 -1.17 -6.84 -4.42
CA LEU A 27 -1.69 -6.86 -3.06
C LEU A 27 -1.18 -8.09 -2.30
N PHE A 28 -0.93 -9.16 -3.03
CA PHE A 28 -0.43 -10.39 -2.43
C PHE A 28 1.08 -10.37 -2.32
N PHE A 29 1.72 -9.47 -3.06
CA PHE A 29 3.17 -9.35 -3.04
C PHE A 29 3.63 -8.59 -1.79
N ARG A 30 2.83 -7.63 -1.36
CA ARG A 30 3.16 -6.84 -0.18
C ARG A 30 2.73 -7.56 1.09
N ASP A 31 1.76 -8.46 0.97
CA ASP A 31 1.26 -9.21 2.11
C ASP A 31 2.16 -10.41 2.39
N THR A 32 2.79 -10.94 1.36
CA THR A 32 3.68 -12.08 1.49
C THR A 32 5.13 -11.65 1.61
N GLN A 33 5.53 -10.71 0.75
CA GLN A 33 6.90 -10.20 0.77
C GLN A 33 7.46 -10.15 2.18
N ALA A 34 6.77 -9.42 3.06
CA ALA A 34 7.20 -9.30 4.44
C ALA A 34 7.54 -10.66 5.05
N ALA A 35 6.67 -11.64 4.81
CA ALA A 35 6.88 -12.99 5.32
C ALA A 35 8.14 -13.61 4.74
N ILE A 36 8.37 -13.37 3.44
CA ILE A 36 9.54 -13.90 2.76
C ILE A 36 10.82 -13.28 3.30
N LYS A 37 10.95 -11.97 3.14
CA LYS A 37 12.12 -11.25 3.61
C LYS A 37 12.41 -11.57 5.07
N GLY A 38 11.36 -11.63 5.88
CA GLY A 38 11.52 -11.93 7.29
C GLY A 38 12.30 -13.21 7.52
N GLN A 39 11.95 -14.26 6.76
CA GLN A 39 12.63 -15.54 6.90
C GLN A 39 13.93 -15.55 6.11
N ASN A 40 14.09 -14.59 5.22
CA ASN A 40 15.29 -14.49 4.39
C ASN A 40 15.69 -13.03 4.18
N PRO A 41 16.39 -12.46 5.17
CA PRO A 41 16.84 -11.06 5.11
C PRO A 41 17.94 -10.85 4.08
N ASN A 42 18.42 -11.95 3.50
CA ASN A 42 19.48 -11.88 2.50
C ASN A 42 18.90 -11.60 1.12
N ALA A 43 17.60 -11.83 0.97
CA ALA A 43 16.93 -11.59 -0.31
C ALA A 43 16.95 -10.11 -0.66
N THR A 44 17.68 -9.78 -1.73
CA THR A 44 17.78 -8.40 -2.18
C THR A 44 16.65 -8.05 -3.14
N PHE A 45 15.46 -7.85 -2.59
CA PHE A 45 14.29 -7.51 -3.41
C PHE A 45 14.07 -8.54 -4.50
N GLY A 46 14.76 -8.37 -5.63
CA GLY A 46 14.64 -9.29 -6.73
C GLY A 46 14.44 -10.73 -6.28
N GLU A 47 15.06 -11.08 -5.15
CA GLU A 47 14.95 -12.42 -4.61
C GLU A 47 13.57 -12.65 -3.99
N VAL A 48 13.25 -11.86 -2.97
CA VAL A 48 11.96 -11.98 -2.30
C VAL A 48 10.82 -12.04 -3.29
N SER A 49 11.00 -11.38 -4.44
CA SER A 49 9.98 -11.36 -5.48
C SER A 49 9.93 -12.69 -6.21
N LYS A 50 11.03 -13.05 -6.85
CA LYS A 50 11.12 -14.30 -7.59
C LYS A 50 10.29 -15.40 -6.92
N ILE A 51 10.30 -15.40 -5.59
CA ILE A 51 9.56 -16.40 -4.83
C ILE A 51 8.06 -16.12 -4.89
N VAL A 52 7.67 -14.91 -4.52
CA VAL A 52 6.27 -14.52 -4.55
C VAL A 52 5.63 -14.81 -5.91
N ALA A 53 6.33 -14.43 -6.98
CA ALA A 53 5.85 -14.65 -8.32
C ALA A 53 5.36 -16.09 -8.51
N SER A 54 6.05 -17.02 -7.85
CA SER A 54 5.71 -18.43 -7.95
C SER A 54 4.54 -18.76 -7.02
N MET A 55 4.42 -18.01 -5.94
CA MET A 55 3.36 -18.22 -4.96
C MET A 55 1.99 -17.84 -5.56
N TRP A 56 1.92 -16.66 -6.15
CA TRP A 56 0.68 -16.19 -6.76
C TRP A 56 0.24 -17.11 -7.89
N ASP A 57 1.18 -17.45 -8.77
CA ASP A 57 0.89 -18.34 -9.89
C ASP A 57 0.23 -19.63 -9.42
N GLY A 58 0.37 -19.91 -8.13
CA GLY A 58 -0.22 -21.12 -7.57
C GLY A 58 -1.21 -20.83 -6.47
N LEU A 59 -1.79 -19.63 -6.51
CA LEU A 59 -2.78 -19.22 -5.50
C LEU A 59 -4.17 -19.71 -5.87
N GLY A 60 -5.01 -19.94 -4.86
CA GLY A 60 -6.36 -20.39 -5.10
C GLY A 60 -7.20 -19.36 -5.81
N GLU A 61 -8.16 -19.84 -6.62
CA GLU A 61 -9.04 -18.94 -7.37
C GLU A 61 -9.67 -17.90 -6.45
N GLU A 62 -10.10 -18.35 -5.27
CA GLU A 62 -10.73 -17.47 -4.31
C GLU A 62 -9.77 -16.37 -3.86
N GLN A 63 -8.49 -16.72 -3.77
CA GLN A 63 -7.47 -15.76 -3.36
C GLN A 63 -7.07 -14.85 -4.52
N LYS A 64 -7.09 -15.40 -5.73
CA LYS A 64 -6.74 -14.64 -6.92
C LYS A 64 -7.80 -13.60 -7.25
N GLN A 65 -9.07 -14.00 -7.11
CA GLN A 65 -10.18 -13.11 -7.39
C GLN A 65 -10.33 -12.07 -6.29
N VAL A 66 -10.44 -12.53 -5.05
CA VAL A 66 -10.59 -11.64 -3.91
C VAL A 66 -9.64 -10.44 -4.02
N TYR A 67 -8.39 -10.72 -4.35
CA TYR A 67 -7.39 -9.67 -4.48
C TYR A 67 -7.75 -8.70 -5.60
N LYS A 68 -8.42 -9.22 -6.63
CA LYS A 68 -8.84 -8.41 -7.76
C LYS A 68 -10.04 -7.54 -7.40
N LYS A 69 -10.97 -8.11 -6.65
CA LYS A 69 -12.16 -7.39 -6.22
C LYS A 69 -11.80 -6.22 -5.32
N LYS A 70 -10.82 -6.43 -4.46
CA LYS A 70 -10.37 -5.39 -3.54
C LYS A 70 -9.66 -4.26 -4.28
N THR A 71 -8.68 -4.63 -5.10
CA THR A 71 -7.92 -3.66 -5.88
C THR A 71 -8.83 -2.55 -6.39
N GLU A 72 -10.01 -2.92 -6.88
CA GLU A 72 -10.96 -1.95 -7.40
C GLU A 72 -11.58 -1.14 -6.26
N ALA A 73 -11.92 -1.82 -5.17
CA ALA A 73 -12.53 -1.16 -4.02
C ALA A 73 -11.54 -0.20 -3.37
N ALA A 74 -10.25 -0.49 -3.51
CA ALA A 74 -9.21 0.36 -2.93
C ALA A 74 -8.73 1.40 -3.93
N LYS A 75 -8.73 1.04 -5.21
CA LYS A 75 -8.30 1.95 -6.26
C LYS A 75 -9.31 3.07 -6.47
N LYS A 76 -10.56 2.69 -6.73
CA LYS A 76 -11.62 3.66 -6.94
C LYS A 76 -11.73 4.62 -5.75
N GLU A 77 -11.76 4.07 -4.55
CA GLU A 77 -11.86 4.88 -3.33
C GLU A 77 -10.66 5.81 -3.22
N TYR A 78 -9.47 5.26 -3.36
CA TYR A 78 -8.24 6.04 -3.26
C TYR A 78 -8.40 7.40 -3.94
N LEU A 79 -9.16 7.42 -5.04
CA LEU A 79 -9.40 8.64 -5.79
C LEU A 79 -10.27 9.60 -4.99
N LYS A 80 -11.36 9.08 -4.43
CA LYS A 80 -12.28 9.89 -3.64
C LYS A 80 -11.56 10.53 -2.45
N GLN A 81 -10.82 9.71 -1.71
CA GLN A 81 -10.08 10.20 -0.55
C GLN A 81 -9.05 11.25 -0.96
N LEU A 82 -8.50 11.09 -2.15
CA LEU A 82 -7.49 12.02 -2.66
C LEU A 82 -8.15 13.34 -3.08
N ALA A 83 -9.25 13.24 -3.82
CA ALA A 83 -9.97 14.42 -4.27
C ALA A 83 -10.24 15.38 -3.12
N ALA A 84 -10.23 14.85 -1.91
CA ALA A 84 -10.48 15.66 -0.72
C ALA A 84 -9.18 16.24 -0.17
N TYR A 85 -8.19 15.38 0.02
CA TYR A 85 -6.90 15.81 0.55
C TYR A 85 -6.49 17.16 -0.02
N ARG A 86 -6.83 17.38 -1.28
CA ARG A 86 -6.51 18.65 -1.95
C ARG A 86 -7.16 19.82 -1.23
N ALA A 87 -8.45 19.69 -0.94
CA ALA A 87 -9.20 20.74 -0.26
C ALA A 87 -8.35 21.40 0.82
N SER A 88 -7.58 20.59 1.54
CA SER A 88 -6.72 21.08 2.61
C SER A 88 -5.51 21.82 2.04
N LEU A 89 -5.01 21.32 0.92
CA LEU A 89 -3.85 21.93 0.26
C LEU A 89 -4.18 23.33 -0.23
N VAL A 90 -5.26 23.45 -0.99
CA VAL A 90 -5.70 24.74 -1.52
C VAL A 90 -6.10 25.69 -0.40
N SER A 91 -5.25 26.66 -0.12
CA SER A 91 -5.52 27.64 0.94
C SER A 91 -5.76 26.94 2.27
N LYS A 92 -6.98 26.48 2.48
CA LYS A 92 -7.35 25.80 3.71
C LYS A 92 -8.72 25.15 3.60
N SER A 93 -8.98 24.17 4.45
CA SER A 93 -10.26 23.46 4.44
C SER A 93 -10.59 22.90 5.82
N TYR A 94 -11.64 23.45 6.42
CA TYR A 94 -12.06 23.02 7.76
C TYR A 94 -12.70 21.63 7.69
N THR A 95 -12.98 21.07 8.87
CA THR A 95 -13.59 19.74 8.96
C THR A 95 -13.66 19.26 10.40
N ASP A 96 -14.87 18.97 10.87
CA ASP A 96 -15.07 18.50 12.23
C ASP A 96 -14.33 17.18 12.46
N SER A 97 -13.63 17.08 13.59
CA SER A 97 -12.88 15.89 13.92
C SER A 97 -13.81 14.69 14.11
N GLY A 98 -13.25 13.49 14.08
CA GLY A 98 -14.04 12.29 14.25
C GLY A 98 -13.98 11.75 15.67
N PRO A 99 -14.42 10.49 15.84
CA PRO A 99 -14.43 9.83 17.15
C PRO A 99 -13.02 9.52 17.65
N SER A 100 -12.93 9.09 18.91
CA SER A 100 -11.65 8.75 19.50
C SER A 100 -11.84 8.07 20.85
N SER A 101 -10.77 7.44 21.35
CA SER A 101 -10.82 6.74 22.63
C SER A 101 -11.81 5.58 22.57
N GLY A 102 -11.40 4.43 23.10
CA GLY A 102 -12.25 3.26 23.11
C GLY A 102 -12.22 2.52 24.43
N GLY A 1 22.72 -0.80 38.22
CA GLY A 1 22.22 -0.13 37.04
C GLY A 1 23.30 0.63 36.29
N SER A 2 23.51 0.26 35.03
CA SER A 2 24.53 0.91 34.20
C SER A 2 24.11 0.91 32.73
N SER A 3 24.83 1.70 31.93
CA SER A 3 24.53 1.80 30.51
C SER A 3 23.10 2.27 30.28
N GLY A 4 22.79 2.64 29.04
CA GLY A 4 21.46 3.11 28.71
C GLY A 4 20.84 2.33 27.57
N SER A 5 21.15 2.73 26.34
CA SER A 5 20.61 2.06 25.16
C SER A 5 19.11 2.26 25.07
N SER A 6 18.68 3.10 24.13
CA SER A 6 17.26 3.38 23.94
C SER A 6 16.91 3.43 22.46
N GLY A 7 15.62 3.52 22.16
CA GLY A 7 15.18 3.58 20.77
C GLY A 7 14.86 4.99 20.33
N LYS A 8 14.04 5.68 21.11
CA LYS A 8 13.65 7.06 20.78
C LYS A 8 12.75 7.09 19.56
N LYS A 9 12.15 8.26 19.30
CA LYS A 9 11.26 8.42 18.16
C LYS A 9 11.72 9.60 17.28
N LYS A 10 12.09 9.29 16.05
CA LYS A 10 12.54 10.32 15.11
C LYS A 10 11.77 10.22 13.79
N LYS A 11 11.15 11.33 13.40
CA LYS A 11 10.38 11.37 12.16
C LYS A 11 11.29 11.67 10.96
N LYS A 12 11.00 11.04 9.84
CA LYS A 12 11.79 11.24 8.63
C LYS A 12 11.12 12.25 7.70
N LYS A 13 9.90 11.95 7.30
CA LYS A 13 9.15 12.84 6.41
C LYS A 13 7.65 12.74 6.68
N ASP A 14 6.92 13.78 6.30
CA ASP A 14 5.46 13.79 6.50
C ASP A 14 4.74 13.73 5.15
N PRO A 15 4.58 12.50 4.63
CA PRO A 15 3.91 12.28 3.35
C PRO A 15 2.41 12.54 3.43
N ASN A 16 2.00 13.77 3.09
CA ASN A 16 0.60 14.15 3.13
C ASN A 16 -0.21 13.33 2.13
N GLU A 17 0.34 13.16 0.93
CA GLU A 17 -0.33 12.41 -0.11
C GLU A 17 -0.68 11.00 0.36
N PRO A 18 -1.87 10.53 -0.01
CA PRO A 18 -2.36 9.19 0.38
C PRO A 18 -1.58 8.08 -0.33
N GLN A 19 -1.64 6.88 0.25
CA GLN A 19 -0.95 5.72 -0.33
C GLN A 19 -1.83 5.03 -1.37
N LYS A 20 -1.40 5.11 -2.63
CA LYS A 20 -2.15 4.48 -3.71
C LYS A 20 -2.10 2.97 -3.60
N PRO A 21 -3.26 2.32 -3.83
CA PRO A 21 -3.37 0.86 -3.76
C PRO A 21 -2.65 0.17 -4.91
N VAL A 22 -2.23 -1.07 -4.68
CA VAL A 22 -1.54 -1.85 -5.70
C VAL A 22 -2.46 -2.85 -6.37
N SER A 23 -2.10 -3.27 -7.58
CA SER A 23 -2.90 -4.22 -8.32
C SER A 23 -3.13 -5.50 -7.52
N ALA A 24 -3.97 -6.39 -8.04
CA ALA A 24 -4.26 -7.65 -7.36
C ALA A 24 -2.98 -8.40 -7.04
N TYR A 25 -2.31 -8.90 -8.07
CA TYR A 25 -1.09 -9.65 -7.90
C TYR A 25 -0.10 -8.90 -7.00
N ALA A 26 -0.28 -7.59 -6.92
CA ALA A 26 0.57 -6.75 -6.09
C ALA A 26 0.13 -6.79 -4.63
N LEU A 27 -1.18 -6.78 -4.41
CA LEU A 27 -1.73 -6.82 -3.07
C LEU A 27 -1.24 -8.05 -2.30
N PHE A 28 -0.95 -9.11 -3.04
CA PHE A 28 -0.47 -10.35 -2.44
C PHE A 28 1.04 -10.33 -2.28
N PHE A 29 1.70 -9.39 -2.97
CA PHE A 29 3.14 -9.26 -2.91
C PHE A 29 3.57 -8.46 -1.68
N ARG A 30 2.77 -7.47 -1.31
CA ARG A 30 3.06 -6.63 -0.16
C ARG A 30 2.67 -7.35 1.14
N ASP A 31 1.74 -8.29 1.03
CA ASP A 31 1.27 -9.04 2.20
C ASP A 31 2.13 -10.28 2.42
N THR A 32 2.75 -10.77 1.34
CA THR A 32 3.59 -11.97 1.40
C THR A 32 5.06 -11.58 1.59
N GLN A 33 5.53 -10.65 0.76
CA GLN A 33 6.91 -10.19 0.84
C GLN A 33 7.41 -10.20 2.29
N ALA A 34 6.73 -9.44 3.14
CA ALA A 34 7.10 -9.34 4.54
C ALA A 34 7.42 -10.72 5.11
N ALA A 35 6.52 -11.67 4.91
CA ALA A 35 6.71 -13.03 5.40
C ALA A 35 7.94 -13.67 4.78
N ILE A 36 8.27 -13.26 3.56
CA ILE A 36 9.42 -13.79 2.86
C ILE A 36 10.72 -13.18 3.39
N LYS A 37 10.87 -11.88 3.22
CA LYS A 37 12.06 -11.17 3.68
C LYS A 37 12.33 -11.47 5.16
N GLY A 38 11.26 -11.67 5.92
CA GLY A 38 11.41 -11.97 7.33
C GLY A 38 12.21 -13.23 7.58
N GLN A 39 11.95 -14.26 6.78
CA GLN A 39 12.65 -15.53 6.92
C GLN A 39 14.00 -15.49 6.22
N ASN A 40 14.12 -14.60 5.24
CA ASN A 40 15.36 -14.45 4.49
C ASN A 40 15.74 -12.98 4.35
N PRO A 41 16.36 -12.43 5.40
CA PRO A 41 16.79 -11.02 5.42
C PRO A 41 17.96 -10.77 4.47
N ASN A 42 18.64 -11.84 4.06
CA ASN A 42 19.78 -11.73 3.16
C ASN A 42 19.32 -11.36 1.75
N ALA A 43 18.05 -11.62 1.46
CA ALA A 43 17.48 -11.33 0.15
C ALA A 43 17.51 -9.83 -0.13
N THR A 44 17.29 -9.45 -1.38
CA THR A 44 17.29 -8.06 -1.78
C THR A 44 16.21 -7.78 -2.82
N PHE A 45 14.96 -7.82 -2.38
CA PHE A 45 13.83 -7.56 -3.27
C PHE A 45 13.76 -8.61 -4.37
N GLY A 46 14.62 -8.46 -5.38
CA GLY A 46 14.65 -9.39 -6.49
C GLY A 46 14.35 -10.81 -6.05
N GLU A 47 14.92 -11.21 -4.92
CA GLU A 47 14.72 -12.56 -4.39
C GLU A 47 13.31 -12.71 -3.82
N VAL A 48 13.00 -11.89 -2.82
CA VAL A 48 11.68 -11.94 -2.19
C VAL A 48 10.57 -11.85 -3.23
N SER A 49 10.90 -11.33 -4.40
CA SER A 49 9.93 -11.17 -5.48
C SER A 49 9.86 -12.44 -6.32
N LYS A 50 10.96 -12.77 -6.99
CA LYS A 50 11.02 -13.95 -7.84
C LYS A 50 10.31 -15.13 -7.17
N ILE A 51 10.27 -15.12 -5.85
CA ILE A 51 9.62 -16.18 -5.09
C ILE A 51 8.10 -16.01 -5.10
N VAL A 52 7.64 -14.84 -4.69
CA VAL A 52 6.22 -14.54 -4.65
C VAL A 52 5.54 -14.88 -5.98
N ALA A 53 6.05 -14.27 -7.05
CA ALA A 53 5.51 -14.50 -8.38
C ALA A 53 5.03 -15.94 -8.54
N SER A 54 5.95 -16.89 -8.38
CA SER A 54 5.62 -18.30 -8.51
C SER A 54 4.46 -18.68 -7.59
N MET A 55 4.48 -18.14 -6.38
CA MET A 55 3.43 -18.42 -5.40
C MET A 55 2.09 -17.89 -5.89
N TRP A 56 2.08 -16.65 -6.38
CA TRP A 56 0.85 -16.04 -6.88
C TRP A 56 0.32 -16.79 -8.09
N ASP A 57 1.22 -17.13 -9.01
CA ASP A 57 0.84 -17.85 -10.22
C ASP A 57 0.19 -19.19 -9.87
N GLY A 58 0.53 -19.72 -8.70
CA GLY A 58 -0.02 -21.00 -8.27
C GLY A 58 -1.16 -20.83 -7.29
N LEU A 59 -1.34 -19.61 -6.80
CA LEU A 59 -2.39 -19.31 -5.84
C LEU A 59 -3.74 -19.85 -6.33
N GLY A 60 -4.67 -20.04 -5.41
CA GLY A 60 -5.98 -20.55 -5.76
C GLY A 60 -6.85 -19.49 -6.42
N GLU A 61 -7.65 -19.90 -7.41
CA GLU A 61 -8.53 -18.98 -8.12
C GLU A 61 -9.34 -18.14 -7.13
N GLU A 62 -9.66 -18.73 -5.98
CA GLU A 62 -10.44 -18.03 -4.97
C GLU A 62 -9.60 -16.96 -4.29
N GLN A 63 -8.30 -17.21 -4.19
CA GLN A 63 -7.37 -16.27 -3.56
C GLN A 63 -7.04 -15.12 -4.51
N LYS A 64 -6.94 -15.44 -5.80
CA LYS A 64 -6.61 -14.44 -6.81
C LYS A 64 -7.79 -13.48 -7.01
N GLN A 65 -8.98 -14.04 -7.19
CA GLN A 65 -10.18 -13.22 -7.40
C GLN A 65 -10.34 -12.20 -6.28
N VAL A 66 -10.36 -12.68 -5.04
CA VAL A 66 -10.50 -11.80 -3.89
C VAL A 66 -9.53 -10.63 -3.96
N TYR A 67 -8.28 -10.92 -4.29
CA TYR A 67 -7.26 -9.89 -4.40
C TYR A 67 -7.63 -8.85 -5.46
N LYS A 68 -8.35 -9.30 -6.48
CA LYS A 68 -8.77 -8.41 -7.55
C LYS A 68 -9.97 -7.57 -7.13
N LYS A 69 -10.83 -8.15 -6.31
CA LYS A 69 -12.02 -7.45 -5.83
C LYS A 69 -11.64 -6.39 -4.80
N LYS A 70 -10.46 -6.54 -4.19
CA LYS A 70 -9.98 -5.59 -3.20
C LYS A 70 -9.28 -4.41 -3.87
N THR A 71 -8.77 -4.64 -5.07
CA THR A 71 -8.08 -3.59 -5.82
C THR A 71 -9.02 -2.44 -6.17
N GLU A 72 -10.03 -2.75 -6.96
CA GLU A 72 -11.00 -1.73 -7.37
C GLU A 72 -11.66 -1.10 -6.15
N ALA A 73 -11.95 -1.91 -5.14
CA ALA A 73 -12.57 -1.43 -3.92
C ALA A 73 -11.67 -0.44 -3.19
N ALA A 74 -10.36 -0.66 -3.29
CA ALA A 74 -9.40 0.20 -2.64
C ALA A 74 -8.92 1.30 -3.59
N LYS A 75 -9.20 1.13 -4.87
CA LYS A 75 -8.79 2.11 -5.87
C LYS A 75 -9.84 3.22 -6.00
N LYS A 76 -11.06 2.83 -6.36
CA LYS A 76 -12.16 3.78 -6.50
C LYS A 76 -12.23 4.71 -5.30
N GLU A 77 -11.81 4.21 -4.14
CA GLU A 77 -11.84 5.00 -2.92
C GLU A 77 -10.64 5.93 -2.85
N TYR A 78 -9.46 5.39 -3.07
CA TYR A 78 -8.23 6.17 -3.04
C TYR A 78 -8.33 7.40 -3.94
N LEU A 79 -8.89 7.20 -5.13
CA LEU A 79 -9.05 8.27 -6.09
C LEU A 79 -9.95 9.38 -5.52
N LYS A 80 -10.99 8.98 -4.81
CA LYS A 80 -11.92 9.93 -4.21
C LYS A 80 -11.22 10.77 -3.15
N GLN A 81 -10.60 10.09 -2.18
CA GLN A 81 -9.89 10.79 -1.11
C GLN A 81 -8.77 11.65 -1.66
N LEU A 82 -7.91 11.04 -2.48
CA LEU A 82 -6.77 11.75 -3.07
C LEU A 82 -7.27 12.90 -3.95
N ALA A 83 -8.12 12.58 -4.92
CA ALA A 83 -8.66 13.58 -5.82
C ALA A 83 -9.01 14.87 -5.09
N ALA A 84 -9.26 14.74 -3.78
CA ALA A 84 -9.60 15.90 -2.96
C ALA A 84 -8.35 16.48 -2.30
N TYR A 85 -7.47 15.61 -1.82
CA TYR A 85 -6.24 16.05 -1.17
C TYR A 85 -5.59 17.18 -1.94
N ARG A 86 -5.55 17.04 -3.26
CA ARG A 86 -4.96 18.05 -4.12
C ARG A 86 -5.73 19.37 -4.05
N ALA A 87 -7.04 19.27 -3.85
CA ALA A 87 -7.89 20.45 -3.75
C ALA A 87 -7.22 21.55 -2.95
N SER A 88 -6.44 21.16 -1.94
CA SER A 88 -5.74 22.12 -1.09
C SER A 88 -4.37 22.46 -1.68
N LEU A 89 -3.81 21.52 -2.44
CA LEU A 89 -2.50 21.72 -3.05
C LEU A 89 -2.59 22.70 -4.20
N VAL A 90 -3.56 22.48 -5.09
CA VAL A 90 -3.75 23.34 -6.25
C VAL A 90 -3.97 24.79 -5.82
N SER A 91 -4.03 25.68 -6.79
CA SER A 91 -4.23 27.10 -6.52
C SER A 91 -5.53 27.60 -7.14
N LYS A 92 -6.63 27.42 -6.41
CA LYS A 92 -7.94 27.86 -6.88
C LYS A 92 -8.45 26.94 -7.98
N SER A 93 -9.14 25.87 -7.58
CA SER A 93 -9.69 24.91 -8.54
C SER A 93 -10.67 25.59 -9.49
N TYR A 94 -11.79 26.04 -8.95
CA TYR A 94 -12.82 26.70 -9.75
C TYR A 94 -13.98 27.16 -8.88
N THR A 95 -14.58 26.21 -8.16
CA THR A 95 -15.71 26.51 -7.29
C THR A 95 -16.95 26.87 -8.09
N ASP A 96 -18.08 26.27 -7.73
CA ASP A 96 -19.33 26.52 -8.42
C ASP A 96 -20.52 25.96 -7.63
N SER A 97 -21.59 26.75 -7.55
CA SER A 97 -22.78 26.34 -6.81
C SER A 97 -24.03 26.57 -7.64
N GLY A 98 -25.05 25.74 -7.41
CA GLY A 98 -26.30 25.87 -8.15
C GLY A 98 -27.31 26.72 -7.41
N PRO A 99 -28.08 27.51 -8.18
CA PRO A 99 -29.10 28.40 -7.63
C PRO A 99 -30.29 27.62 -7.06
N SER A 100 -30.54 26.43 -7.61
CA SER A 100 -31.64 25.60 -7.15
C SER A 100 -32.97 26.17 -7.60
N SER A 101 -33.94 25.29 -7.86
CA SER A 101 -35.26 25.71 -8.30
C SER A 101 -35.19 26.47 -9.62
N GLY A 102 -36.24 26.37 -10.41
CA GLY A 102 -36.27 27.05 -11.70
C GLY A 102 -34.95 26.93 -12.44
N GLY A 1 26.52 -18.48 -1.97
CA GLY A 1 26.04 -18.51 -0.60
C GLY A 1 25.87 -17.12 -0.02
N SER A 2 24.86 -16.95 0.83
CA SER A 2 24.59 -15.67 1.46
C SER A 2 24.47 -15.81 2.97
N SER A 3 25.53 -15.43 3.68
CA SER A 3 25.53 -15.53 5.13
C SER A 3 26.83 -14.96 5.70
N GLY A 4 26.70 -14.10 6.72
CA GLY A 4 27.86 -13.50 7.33
C GLY A 4 27.51 -12.24 8.10
N SER A 5 26.50 -12.32 8.96
CA SER A 5 26.07 -11.17 9.75
C SER A 5 25.76 -9.98 8.85
N SER A 6 24.48 -9.79 8.56
CA SER A 6 24.04 -8.69 7.70
C SER A 6 22.60 -8.28 8.05
N GLY A 7 22.46 -7.04 8.49
CA GLY A 7 21.13 -6.53 8.85
C GLY A 7 21.05 -5.02 8.79
N LYS A 8 20.39 -4.51 7.75
CA LYS A 8 20.24 -3.07 7.58
C LYS A 8 18.79 -2.71 7.28
N LYS A 9 18.44 -1.45 7.53
CA LYS A 9 17.08 -0.97 7.28
C LYS A 9 17.08 0.11 6.21
N LYS A 10 15.88 0.47 5.76
CA LYS A 10 15.73 1.50 4.73
C LYS A 10 14.80 2.61 5.20
N LYS A 11 15.38 3.72 5.64
CA LYS A 11 14.60 4.86 6.12
C LYS A 11 13.48 5.19 5.14
N LYS A 12 12.30 5.51 5.69
CA LYS A 12 11.14 5.86 4.87
C LYS A 12 10.08 6.55 5.70
N LYS A 13 9.50 7.61 5.15
CA LYS A 13 8.45 8.36 5.83
C LYS A 13 7.23 8.54 4.94
N ASP A 14 6.06 8.19 5.47
CA ASP A 14 4.81 8.33 4.73
C ASP A 14 4.60 9.76 4.28
N PRO A 15 4.27 9.95 2.99
CA PRO A 15 4.03 11.27 2.41
C PRO A 15 2.73 11.89 2.92
N ASN A 16 2.39 13.06 2.39
CA ASN A 16 1.18 13.76 2.79
C ASN A 16 -0.04 13.19 2.07
N GLU A 17 -0.12 13.47 0.77
CA GLU A 17 -1.24 12.99 -0.04
C GLU A 17 -1.48 11.50 0.20
N PRO A 18 -2.65 11.01 -0.24
CA PRO A 18 -3.02 9.60 -0.09
C PRO A 18 -2.19 8.68 -0.99
N GLN A 19 -1.93 7.47 -0.50
CA GLN A 19 -1.14 6.50 -1.26
C GLN A 19 -2.04 5.70 -2.20
N LYS A 20 -1.50 5.35 -3.37
CA LYS A 20 -2.25 4.58 -4.35
C LYS A 20 -2.06 3.09 -4.13
N PRO A 21 -3.18 2.34 -4.13
CA PRO A 21 -3.16 0.90 -3.92
C PRO A 21 -2.57 0.16 -5.11
N VAL A 22 -1.83 -0.92 -4.84
CA VAL A 22 -1.21 -1.72 -5.89
C VAL A 22 -2.25 -2.57 -6.61
N SER A 23 -1.78 -3.38 -7.55
CA SER A 23 -2.66 -4.25 -8.32
C SER A 23 -3.04 -5.50 -7.52
N ALA A 24 -3.90 -6.33 -8.10
CA ALA A 24 -4.34 -7.55 -7.44
C ALA A 24 -3.15 -8.42 -7.05
N TYR A 25 -2.36 -8.82 -8.03
CA TYR A 25 -1.19 -9.66 -7.78
C TYR A 25 -0.19 -8.95 -6.88
N ALA A 26 -0.22 -7.62 -6.91
CA ALA A 26 0.68 -6.82 -6.10
C ALA A 26 0.25 -6.82 -4.64
N LEU A 27 -1.06 -6.76 -4.42
CA LEU A 27 -1.61 -6.75 -3.06
C LEU A 27 -1.10 -7.94 -2.26
N PHE A 28 -0.87 -9.05 -2.96
CA PHE A 28 -0.39 -10.27 -2.32
C PHE A 28 1.14 -10.25 -2.20
N PHE A 29 1.77 -9.35 -2.95
CA PHE A 29 3.23 -9.24 -2.94
C PHE A 29 3.70 -8.48 -1.70
N ARG A 30 3.00 -7.41 -1.36
CA ARG A 30 3.35 -6.60 -0.20
C ARG A 30 2.85 -7.26 1.08
N ASP A 31 1.91 -8.17 0.94
CA ASP A 31 1.36 -8.88 2.09
C ASP A 31 2.13 -10.17 2.36
N THR A 32 2.72 -10.73 1.33
CA THR A 32 3.49 -11.96 1.45
C THR A 32 4.98 -11.67 1.61
N GLN A 33 5.48 -10.73 0.83
CA GLN A 33 6.89 -10.35 0.88
C GLN A 33 7.42 -10.44 2.31
N ALA A 34 6.77 -9.73 3.22
CA ALA A 34 7.18 -9.73 4.62
C ALA A 34 7.55 -11.13 5.09
N ALA A 35 6.62 -12.07 4.92
CA ALA A 35 6.86 -13.45 5.33
C ALA A 35 8.07 -14.03 4.61
N ILE A 36 8.32 -13.56 3.40
CA ILE A 36 9.45 -14.04 2.61
C ILE A 36 10.76 -13.46 3.13
N LYS A 37 10.91 -12.14 3.03
CA LYS A 37 12.12 -11.47 3.49
C LYS A 37 12.48 -11.92 4.91
N GLY A 38 11.49 -11.95 5.78
CA GLY A 38 11.72 -12.36 7.16
C GLY A 38 12.51 -13.65 7.24
N GLN A 39 12.15 -14.62 6.42
CA GLN A 39 12.83 -15.91 6.41
C GLN A 39 14.19 -15.80 5.73
N ASN A 40 14.31 -14.86 4.80
CA ASN A 40 15.56 -14.65 4.08
C ASN A 40 15.94 -13.18 4.06
N PRO A 41 16.54 -12.71 5.17
CA PRO A 41 16.96 -11.31 5.30
C PRO A 41 18.14 -10.97 4.40
N ASN A 42 18.82 -12.01 3.91
CA ASN A 42 19.96 -11.82 3.02
C ASN A 42 19.52 -11.39 1.62
N ALA A 43 18.34 -11.84 1.22
CA ALA A 43 17.80 -11.50 -0.08
C ALA A 43 17.93 -10.01 -0.37
N THR A 44 17.74 -9.63 -1.63
CA THR A 44 17.84 -8.24 -2.03
C THR A 44 16.73 -7.86 -3.01
N PHE A 45 15.49 -7.93 -2.54
CA PHE A 45 14.34 -7.60 -3.36
C PHE A 45 14.14 -8.64 -4.46
N GLY A 46 14.97 -8.56 -5.50
CA GLY A 46 14.87 -9.51 -6.60
C GLY A 46 14.57 -10.91 -6.13
N GLU A 47 15.19 -11.32 -5.04
CA GLU A 47 14.98 -12.65 -4.49
C GLU A 47 13.57 -12.79 -3.93
N VAL A 48 13.25 -11.97 -2.93
CA VAL A 48 11.93 -12.01 -2.30
C VAL A 48 10.83 -11.98 -3.35
N SER A 49 11.04 -11.19 -4.40
CA SER A 49 10.05 -11.07 -5.46
C SER A 49 9.95 -12.37 -6.26
N LYS A 50 11.04 -12.70 -6.97
CA LYS A 50 11.07 -13.92 -7.77
C LYS A 50 10.37 -15.07 -7.06
N ILE A 51 10.35 -15.02 -5.74
CA ILE A 51 9.72 -16.06 -4.94
C ILE A 51 8.20 -15.92 -4.99
N VAL A 52 7.70 -14.72 -4.70
CA VAL A 52 6.27 -14.46 -4.71
C VAL A 52 5.64 -14.92 -6.01
N ALA A 53 6.22 -14.51 -7.13
CA ALA A 53 5.73 -14.89 -8.44
C ALA A 53 5.32 -16.37 -8.47
N SER A 54 6.13 -17.22 -7.85
CA SER A 54 5.86 -18.64 -7.81
C SER A 54 4.67 -18.94 -6.89
N MET A 55 4.52 -18.13 -5.86
CA MET A 55 3.42 -18.30 -4.91
C MET A 55 2.10 -17.85 -5.51
N TRP A 56 2.07 -16.62 -6.02
CA TRP A 56 0.86 -16.08 -6.62
C TRP A 56 0.38 -16.95 -7.77
N ASP A 57 1.29 -17.26 -8.70
CA ASP A 57 0.96 -18.09 -9.85
C ASP A 57 0.37 -19.43 -9.40
N GLY A 58 0.56 -19.76 -8.13
CA GLY A 58 0.05 -21.00 -7.60
C GLY A 58 -0.93 -20.79 -6.46
N LEU A 59 -1.62 -19.65 -6.47
CA LEU A 59 -2.58 -19.32 -5.43
C LEU A 59 -3.95 -19.91 -5.75
N GLY A 60 -4.86 -19.82 -4.79
CA GLY A 60 -6.20 -20.35 -4.99
C GLY A 60 -7.09 -19.40 -5.76
N GLU A 61 -7.82 -19.92 -6.74
CA GLU A 61 -8.72 -19.11 -7.55
C GLU A 61 -9.46 -18.10 -6.69
N GLU A 62 -9.96 -18.56 -5.54
CA GLU A 62 -10.70 -17.69 -4.64
C GLU A 62 -9.81 -16.57 -4.10
N GLN A 63 -8.59 -16.92 -3.74
CA GLN A 63 -7.64 -15.95 -3.21
C GLN A 63 -7.27 -14.92 -4.28
N LYS A 64 -7.11 -15.39 -5.51
CA LYS A 64 -6.77 -14.51 -6.63
C LYS A 64 -7.86 -13.49 -6.88
N GLN A 65 -9.12 -13.93 -6.77
CA GLN A 65 -10.26 -13.05 -6.98
C GLN A 65 -10.29 -11.93 -5.96
N VAL A 66 -10.49 -12.29 -4.69
CA VAL A 66 -10.55 -11.31 -3.62
C VAL A 66 -9.55 -10.19 -3.85
N TYR A 67 -8.32 -10.54 -4.21
CA TYR A 67 -7.28 -9.57 -4.47
C TYR A 67 -7.69 -8.61 -5.59
N LYS A 68 -8.27 -9.16 -6.65
CA LYS A 68 -8.71 -8.38 -7.78
C LYS A 68 -9.89 -7.47 -7.40
N LYS A 69 -10.91 -8.07 -6.80
CA LYS A 69 -12.09 -7.33 -6.37
C LYS A 69 -11.71 -6.16 -5.48
N LYS A 70 -10.78 -6.40 -4.56
CA LYS A 70 -10.32 -5.37 -3.65
C LYS A 70 -9.65 -4.22 -4.40
N THR A 71 -8.67 -4.56 -5.22
CA THR A 71 -7.96 -3.57 -6.01
C THR A 71 -8.89 -2.46 -6.47
N GLU A 72 -10.09 -2.83 -6.89
CA GLU A 72 -11.08 -1.86 -7.37
C GLU A 72 -11.65 -1.07 -6.19
N ALA A 73 -12.02 -1.77 -5.13
CA ALA A 73 -12.58 -1.13 -3.95
C ALA A 73 -11.56 -0.19 -3.31
N ALA A 74 -10.28 -0.48 -3.51
CA ALA A 74 -9.22 0.35 -2.94
C ALA A 74 -8.77 1.41 -3.93
N LYS A 75 -8.84 1.09 -5.22
CA LYS A 75 -8.43 2.02 -6.27
C LYS A 75 -9.46 3.14 -6.42
N LYS A 76 -10.72 2.76 -6.68
CA LYS A 76 -11.78 3.73 -6.85
C LYS A 76 -11.84 4.69 -5.65
N GLU A 77 -11.78 4.12 -4.45
CA GLU A 77 -11.83 4.92 -3.23
C GLU A 77 -10.65 5.89 -3.17
N TYR A 78 -9.45 5.37 -3.40
CA TYR A 78 -8.24 6.19 -3.37
C TYR A 78 -8.48 7.53 -4.04
N LEU A 79 -9.09 7.50 -5.21
CA LEU A 79 -9.38 8.72 -5.96
C LEU A 79 -10.37 9.60 -5.21
N LYS A 80 -11.42 8.99 -4.68
CA LYS A 80 -12.43 9.73 -3.93
C LYS A 80 -11.82 10.42 -2.72
N GLN A 81 -11.07 9.66 -1.93
CA GLN A 81 -10.42 10.19 -0.74
C GLN A 81 -9.44 11.31 -1.10
N LEU A 82 -8.76 11.14 -2.22
CA LEU A 82 -7.79 12.13 -2.68
C LEU A 82 -8.49 13.41 -3.13
N ALA A 83 -9.54 13.24 -3.94
CA ALA A 83 -10.30 14.39 -4.44
C ALA A 83 -10.81 15.24 -3.29
N ALA A 84 -11.09 14.61 -2.15
CA ALA A 84 -11.58 15.33 -0.98
C ALA A 84 -10.43 15.76 -0.07
N TYR A 85 -9.39 14.93 -0.02
CA TYR A 85 -8.23 15.23 0.81
C TYR A 85 -7.84 16.71 0.70
N ARG A 86 -7.75 17.20 -0.54
CA ARG A 86 -7.39 18.59 -0.78
C ARG A 86 -8.30 19.53 0.01
N ALA A 87 -9.58 19.15 0.13
CA ALA A 87 -10.54 19.96 0.84
C ALA A 87 -9.95 20.51 2.14
N SER A 88 -9.26 19.64 2.88
CA SER A 88 -8.64 20.02 4.15
C SER A 88 -7.37 20.84 3.91
N LEU A 89 -6.78 20.66 2.74
CA LEU A 89 -5.55 21.36 2.38
C LEU A 89 -5.85 22.82 2.02
N VAL A 90 -6.98 23.04 1.35
CA VAL A 90 -7.37 24.38 0.95
C VAL A 90 -7.74 25.23 2.16
N SER A 91 -7.49 26.53 2.06
CA SER A 91 -7.79 27.45 3.15
C SER A 91 -9.29 27.77 3.20
N LYS A 92 -9.87 28.00 2.04
CA LYS A 92 -11.30 28.32 1.94
C LYS A 92 -12.14 27.14 2.40
N SER A 93 -13.05 27.39 3.32
CA SER A 93 -13.93 26.36 3.85
C SER A 93 -13.12 25.31 4.62
N TYR A 94 -13.04 25.48 5.93
CA TYR A 94 -12.29 24.56 6.78
C TYR A 94 -13.17 23.37 7.20
N THR A 95 -12.58 22.19 7.22
CA THR A 95 -13.31 20.98 7.59
C THR A 95 -14.29 21.26 8.72
N ASP A 96 -13.79 21.78 9.83
CA ASP A 96 -14.62 22.11 10.97
C ASP A 96 -15.39 20.88 11.45
N SER A 97 -14.81 20.15 12.41
CA SER A 97 -15.44 18.94 12.94
C SER A 97 -14.70 18.46 14.19
N GLY A 98 -15.40 17.66 15.00
CA GLY A 98 -14.80 17.14 16.22
C GLY A 98 -15.48 15.87 16.70
N PRO A 99 -14.68 14.97 17.30
CA PRO A 99 -15.20 13.70 17.82
C PRO A 99 -16.08 13.88 19.04
N SER A 100 -17.15 13.10 19.12
CA SER A 100 -18.08 13.18 20.24
C SER A 100 -17.85 12.05 21.23
N SER A 101 -18.26 12.26 22.47
CA SER A 101 -18.08 11.25 23.52
C SER A 101 -19.34 11.11 24.34
N GLY A 102 -19.33 10.15 25.27
CA GLY A 102 -20.49 9.93 26.12
C GLY A 102 -21.77 9.81 25.32
N GLY A 1 30.63 -13.33 -6.27
CA GLY A 1 29.34 -12.66 -6.31
C GLY A 1 29.36 -11.30 -5.63
N SER A 2 28.19 -10.74 -5.39
CA SER A 2 28.08 -9.43 -4.76
C SER A 2 27.06 -9.46 -3.63
N SER A 3 27.02 -8.39 -2.85
CA SER A 3 26.09 -8.29 -1.73
C SER A 3 25.96 -6.85 -1.26
N GLY A 4 27.09 -6.25 -0.89
CA GLY A 4 27.08 -4.87 -0.41
C GLY A 4 26.54 -4.75 1.00
N SER A 5 25.22 -4.80 1.13
CA SER A 5 24.58 -4.69 2.44
C SER A 5 23.08 -4.47 2.30
N SER A 6 22.33 -4.90 3.31
CA SER A 6 20.87 -4.76 3.29
C SER A 6 20.47 -3.29 3.45
N GLY A 7 19.18 -3.03 3.28
CA GLY A 7 18.68 -1.66 3.41
C GLY A 7 18.21 -1.35 4.82
N LYS A 8 17.35 -0.35 4.95
CA LYS A 8 16.83 0.05 6.24
C LYS A 8 15.75 -0.93 6.73
N LYS A 9 15.25 -0.70 7.93
CA LYS A 9 14.21 -1.56 8.51
C LYS A 9 13.30 -0.77 9.44
N LYS A 10 12.05 -1.20 9.53
CA LYS A 10 11.08 -0.54 10.40
C LYS A 10 10.84 0.89 9.93
N LYS A 11 9.59 1.20 9.58
CA LYS A 11 9.22 2.52 9.12
C LYS A 11 7.74 2.59 8.76
N LYS A 12 7.18 3.79 8.80
CA LYS A 12 5.77 3.98 8.46
C LYS A 12 5.61 4.41 7.01
N LYS A 13 6.51 5.26 6.55
CA LYS A 13 6.47 5.74 5.17
C LYS A 13 5.26 6.62 4.94
N ASP A 14 5.21 7.27 3.78
CA ASP A 14 4.09 8.15 3.43
C ASP A 14 4.02 9.34 4.39
N PRO A 15 4.97 10.28 4.23
CA PRO A 15 5.03 11.49 5.06
C PRO A 15 3.88 12.45 4.79
N ASN A 16 3.06 12.11 3.80
CA ASN A 16 1.92 12.94 3.43
C ASN A 16 1.27 12.44 2.15
N GLU A 17 -0.01 12.77 1.99
CA GLU A 17 -0.76 12.34 0.80
C GLU A 17 -0.83 10.82 0.71
N PRO A 18 -1.99 10.31 0.29
CA PRO A 18 -2.23 8.87 0.15
C PRO A 18 -1.43 8.25 -0.99
N GLN A 19 -1.24 6.94 -0.95
CA GLN A 19 -0.50 6.24 -1.98
C GLN A 19 -1.43 5.40 -2.85
N LYS A 20 -1.12 5.32 -4.14
CA LYS A 20 -1.92 4.55 -5.07
C LYS A 20 -1.79 3.05 -4.81
N PRO A 21 -2.93 2.34 -4.85
CA PRO A 21 -2.97 0.89 -4.62
C PRO A 21 -2.31 0.11 -5.74
N VAL A 22 -1.92 -1.13 -5.45
CA VAL A 22 -1.28 -1.99 -6.43
C VAL A 22 -2.29 -2.94 -7.07
N SER A 23 -1.93 -3.47 -8.24
CA SER A 23 -2.80 -4.39 -8.95
C SER A 23 -3.17 -5.60 -8.08
N ALA A 24 -4.05 -6.45 -8.59
CA ALA A 24 -4.48 -7.64 -7.86
C ALA A 24 -3.28 -8.50 -7.46
N TYR A 25 -2.59 -9.04 -8.45
CA TYR A 25 -1.43 -9.88 -8.21
C TYR A 25 -0.38 -9.14 -7.38
N ALA A 26 -0.41 -7.81 -7.45
CA ALA A 26 0.53 -6.99 -6.71
C ALA A 26 0.16 -6.92 -5.23
N LEU A 27 -1.14 -6.96 -4.95
CA LEU A 27 -1.62 -6.89 -3.58
C LEU A 27 -1.07 -8.04 -2.75
N PHE A 28 -0.98 -9.22 -3.36
CA PHE A 28 -0.45 -10.40 -2.68
C PHE A 28 1.06 -10.31 -2.54
N PHE A 29 1.67 -9.48 -3.36
CA PHE A 29 3.13 -9.32 -3.33
C PHE A 29 3.55 -8.53 -2.09
N ARG A 30 2.94 -7.37 -1.88
CA ARG A 30 3.27 -6.53 -0.73
C ARG A 30 2.79 -7.18 0.56
N ASP A 31 1.82 -8.08 0.45
CA ASP A 31 1.29 -8.77 1.62
C ASP A 31 2.21 -9.91 2.04
N THR A 32 2.67 -10.69 1.06
CA THR A 32 3.55 -11.82 1.32
C THR A 32 4.98 -11.35 1.56
N GLN A 33 5.45 -10.44 0.72
CA GLN A 33 6.81 -9.91 0.85
C GLN A 33 7.19 -9.74 2.31
N ALA A 34 6.29 -9.17 3.10
CA ALA A 34 6.54 -8.94 4.51
C ALA A 34 6.83 -10.26 5.23
N ALA A 35 6.08 -11.30 4.86
CA ALA A 35 6.26 -12.62 5.47
C ALA A 35 7.53 -13.29 4.97
N ILE A 36 7.98 -12.88 3.79
CA ILE A 36 9.18 -13.44 3.19
C ILE A 36 10.44 -12.90 3.88
N LYS A 37 10.60 -11.58 3.85
CA LYS A 37 11.75 -10.94 4.47
C LYS A 37 11.94 -11.41 5.90
N GLY A 38 10.89 -11.28 6.72
CA GLY A 38 10.96 -11.72 8.10
C GLY A 38 11.68 -13.04 8.26
N GLN A 39 11.48 -13.93 7.29
CA GLN A 39 12.12 -15.25 7.33
C GLN A 39 13.44 -15.23 6.58
N ASN A 40 13.58 -14.31 5.64
CA ASN A 40 14.80 -14.19 4.84
C ASN A 40 15.09 -12.73 4.51
N PRO A 41 15.54 -11.97 5.52
CA PRO A 41 15.88 -10.55 5.36
C PRO A 41 17.12 -10.34 4.51
N ASN A 42 17.93 -11.38 4.40
CA ASN A 42 19.17 -11.31 3.61
C ASN A 42 18.85 -11.16 2.12
N ALA A 43 17.66 -11.59 1.73
CA ALA A 43 17.22 -11.51 0.34
C ALA A 43 17.08 -10.05 -0.10
N THR A 44 16.53 -9.86 -1.29
CA THR A 44 16.33 -8.53 -1.84
C THR A 44 15.03 -8.44 -2.64
N PHE A 45 14.72 -7.24 -3.12
CA PHE A 45 13.50 -7.02 -3.89
C PHE A 45 13.48 -7.94 -5.12
N GLY A 46 14.64 -8.16 -5.71
CA GLY A 46 14.73 -9.01 -6.88
C GLY A 46 14.48 -10.47 -6.55
N GLU A 47 14.96 -10.91 -5.39
CA GLU A 47 14.78 -12.29 -4.96
C GLU A 47 13.38 -12.52 -4.42
N VAL A 48 13.02 -11.77 -3.38
CA VAL A 48 11.71 -11.89 -2.77
C VAL A 48 10.61 -11.97 -3.82
N SER A 49 10.82 -11.28 -4.94
CA SER A 49 9.85 -11.27 -6.03
C SER A 49 9.75 -12.65 -6.67
N LYS A 50 10.87 -13.14 -7.18
CA LYS A 50 10.91 -14.44 -7.83
C LYS A 50 10.19 -15.49 -6.99
N ILE A 51 10.20 -15.30 -5.68
CA ILE A 51 9.54 -16.23 -4.77
C ILE A 51 8.03 -16.03 -4.79
N VAL A 52 7.60 -14.77 -4.71
CA VAL A 52 6.17 -14.46 -4.72
C VAL A 52 5.52 -14.86 -6.04
N ALA A 53 6.28 -14.74 -7.13
CA ALA A 53 5.78 -15.10 -8.45
C ALA A 53 5.38 -16.57 -8.50
N SER A 54 6.09 -17.39 -7.73
CA SER A 54 5.81 -18.82 -7.70
C SER A 54 4.66 -19.13 -6.74
N MET A 55 4.39 -18.19 -5.84
CA MET A 55 3.31 -18.36 -4.86
C MET A 55 1.96 -17.99 -5.47
N TRP A 56 1.90 -16.82 -6.08
CA TRP A 56 0.67 -16.35 -6.70
C TRP A 56 0.21 -17.30 -7.80
N ASP A 57 1.17 -17.83 -8.56
CA ASP A 57 0.86 -18.76 -9.64
C ASP A 57 0.24 -20.04 -9.09
N GLY A 58 0.30 -20.21 -7.78
CA GLY A 58 -0.26 -21.40 -7.15
C GLY A 58 -1.22 -21.06 -6.03
N LEU A 59 -1.79 -19.86 -6.09
CA LEU A 59 -2.73 -19.42 -5.06
C LEU A 59 -4.15 -19.90 -5.38
N GLY A 60 -4.94 -20.12 -4.34
CA GLY A 60 -6.30 -20.58 -4.52
C GLY A 60 -7.14 -19.61 -5.32
N GLU A 61 -8.12 -20.13 -6.05
CA GLU A 61 -9.00 -19.29 -6.86
C GLU A 61 -9.74 -18.27 -5.99
N GLU A 62 -9.96 -18.64 -4.74
CA GLU A 62 -10.66 -17.76 -3.80
C GLU A 62 -9.74 -16.65 -3.31
N GLN A 63 -8.44 -16.90 -3.37
CA GLN A 63 -7.46 -15.91 -2.93
C GLN A 63 -7.11 -14.95 -4.06
N LYS A 64 -7.07 -15.47 -5.28
CA LYS A 64 -6.74 -14.67 -6.45
C LYS A 64 -7.87 -13.68 -6.76
N GLN A 65 -9.09 -14.20 -6.87
CA GLN A 65 -10.25 -13.36 -7.16
C GLN A 65 -10.37 -12.23 -6.14
N VAL A 66 -10.39 -12.59 -4.86
CA VAL A 66 -10.50 -11.61 -3.80
C VAL A 66 -9.46 -10.50 -3.95
N TYR A 67 -8.28 -10.88 -4.43
CA TYR A 67 -7.20 -9.93 -4.62
C TYR A 67 -7.53 -8.93 -5.74
N LYS A 68 -8.29 -9.40 -6.73
CA LYS A 68 -8.68 -8.57 -7.85
C LYS A 68 -9.75 -7.57 -7.44
N LYS A 69 -10.76 -8.06 -6.72
CA LYS A 69 -11.86 -7.21 -6.27
C LYS A 69 -11.34 -6.11 -5.36
N LYS A 70 -10.36 -6.43 -4.53
CA LYS A 70 -9.78 -5.46 -3.62
C LYS A 70 -9.05 -4.36 -4.38
N THR A 71 -8.52 -4.70 -5.54
CA THR A 71 -7.80 -3.74 -6.37
C THR A 71 -8.71 -2.57 -6.76
N GLU A 72 -9.91 -2.88 -7.24
CA GLU A 72 -10.86 -1.86 -7.64
C GLU A 72 -11.39 -1.10 -6.43
N ALA A 73 -11.59 -1.83 -5.33
CA ALA A 73 -12.09 -1.23 -4.10
C ALA A 73 -11.06 -0.28 -3.49
N ALA A 74 -9.79 -0.53 -3.78
CA ALA A 74 -8.72 0.30 -3.26
C ALA A 74 -8.38 1.43 -4.23
N LYS A 75 -8.62 1.20 -5.51
CA LYS A 75 -8.34 2.19 -6.53
C LYS A 75 -9.42 3.28 -6.55
N LYS A 76 -10.67 2.87 -6.76
CA LYS A 76 -11.79 3.79 -6.79
C LYS A 76 -11.83 4.64 -5.53
N GLU A 77 -11.50 4.03 -4.40
CA GLU A 77 -11.50 4.73 -3.13
C GLU A 77 -10.31 5.68 -3.03
N TYR A 78 -9.12 5.16 -3.32
CA TYR A 78 -7.91 5.97 -3.26
C TYR A 78 -8.15 7.38 -3.80
N LEU A 79 -8.94 7.45 -4.87
CA LEU A 79 -9.25 8.73 -5.49
C LEU A 79 -10.12 9.58 -4.58
N LYS A 80 -11.15 8.96 -4.02
CA LYS A 80 -12.07 9.66 -3.11
C LYS A 80 -11.33 10.15 -1.87
N GLN A 81 -10.63 9.23 -1.20
CA GLN A 81 -9.89 9.56 0.01
C GLN A 81 -8.92 10.71 -0.25
N LEU A 82 -8.23 10.66 -1.38
CA LEU A 82 -7.27 11.69 -1.75
C LEU A 82 -7.97 13.03 -1.96
N ALA A 83 -9.00 13.02 -2.79
CA ALA A 83 -9.76 14.24 -3.08
C ALA A 83 -10.11 14.98 -1.79
N ALA A 84 -10.12 14.26 -0.68
CA ALA A 84 -10.44 14.84 0.61
C ALA A 84 -9.19 15.40 1.29
N TYR A 85 -8.15 14.58 1.36
CA TYR A 85 -6.89 14.99 1.99
C TYR A 85 -6.56 16.42 1.63
N ARG A 86 -6.84 16.80 0.38
CA ARG A 86 -6.55 18.15 -0.10
C ARG A 86 -7.42 19.17 0.63
N ALA A 87 -8.70 18.85 0.78
CA ALA A 87 -9.64 19.74 1.46
C ALA A 87 -8.97 20.47 2.61
N SER A 88 -8.12 19.74 3.33
CA SER A 88 -7.41 20.33 4.48
C SER A 88 -6.25 21.19 4.01
N LEU A 89 -5.49 20.70 3.05
CA LEU A 89 -4.35 21.43 2.52
C LEU A 89 -4.79 22.76 1.92
N VAL A 90 -5.75 22.71 1.02
CA VAL A 90 -6.26 23.93 0.37
C VAL A 90 -6.62 24.98 1.40
N SER A 91 -6.78 26.21 0.94
CA SER A 91 -7.13 27.32 1.83
C SER A 91 -8.57 27.20 2.32
N LYS A 92 -9.49 27.01 1.38
CA LYS A 92 -10.90 26.88 1.71
C LYS A 92 -11.15 25.65 2.59
N SER A 93 -11.86 25.86 3.69
CA SER A 93 -12.16 24.78 4.63
C SER A 93 -13.19 25.22 5.66
N TYR A 94 -14.21 24.39 5.86
CA TYR A 94 -15.26 24.70 6.82
C TYR A 94 -15.34 23.62 7.90
N THR A 95 -15.59 24.04 9.13
CA THR A 95 -15.70 23.12 10.25
C THR A 95 -16.94 22.26 10.13
N ASP A 96 -18.11 22.90 10.09
CA ASP A 96 -19.38 22.19 9.98
C ASP A 96 -19.92 22.29 8.56
N SER A 97 -20.18 21.13 7.95
CA SER A 97 -20.70 21.08 6.60
C SER A 97 -22.23 21.13 6.60
N GLY A 98 -22.84 20.25 7.40
CA GLY A 98 -24.29 20.20 7.48
C GLY A 98 -24.86 21.42 8.20
N PRO A 99 -25.73 22.17 7.50
CA PRO A 99 -26.37 23.35 8.06
C PRO A 99 -27.39 23.02 9.14
N SER A 100 -27.59 21.72 9.37
CA SER A 100 -28.53 21.26 10.38
C SER A 100 -28.35 22.02 11.69
N SER A 101 -29.39 22.02 12.52
CA SER A 101 -29.34 22.71 13.81
C SER A 101 -29.16 21.72 14.94
N GLY A 102 -27.97 21.72 15.54
CA GLY A 102 -27.69 20.81 16.64
C GLY A 102 -28.80 20.82 17.68
N GLY A 1 7.54 -12.66 29.95
CA GLY A 1 7.35 -12.67 28.51
C GLY A 1 8.64 -12.81 27.74
N SER A 2 8.56 -13.36 26.54
CA SER A 2 9.74 -13.56 25.71
C SER A 2 9.42 -13.31 24.24
N SER A 3 10.24 -12.47 23.59
CA SER A 3 10.05 -12.14 22.19
C SER A 3 11.38 -12.04 21.47
N GLY A 4 11.32 -12.02 20.14
CA GLY A 4 12.54 -11.92 19.35
C GLY A 4 12.37 -11.04 18.13
N SER A 5 12.80 -9.79 18.25
CA SER A 5 12.69 -8.84 17.14
C SER A 5 13.51 -7.58 17.42
N SER A 6 13.56 -6.69 16.44
CA SER A 6 14.32 -5.45 16.58
C SER A 6 13.37 -4.25 16.64
N GLY A 7 12.37 -4.24 15.78
CA GLY A 7 11.41 -3.15 15.76
C GLY A 7 11.80 -2.06 14.78
N LYS A 8 10.96 -1.04 14.67
CA LYS A 8 11.22 0.07 13.76
C LYS A 8 11.50 1.35 14.53
N LYS A 9 12.40 2.17 14.02
CA LYS A 9 12.76 3.43 14.66
C LYS A 9 11.96 4.59 14.06
N LYS A 10 11.77 4.57 12.75
CA LYS A 10 11.03 5.61 12.06
C LYS A 10 10.14 5.01 10.97
N LYS A 11 8.84 5.21 11.10
CA LYS A 11 7.88 4.69 10.13
C LYS A 11 7.18 5.83 9.40
N LYS A 12 7.93 6.52 8.54
CA LYS A 12 7.38 7.63 7.77
C LYS A 12 8.02 7.71 6.39
N LYS A 13 7.44 7.01 5.43
CA LYS A 13 7.95 7.00 4.07
C LYS A 13 7.42 8.19 3.28
N ASP A 14 6.11 8.27 3.14
CA ASP A 14 5.48 9.36 2.41
C ASP A 14 5.19 10.54 3.33
N PRO A 15 5.61 11.74 2.91
CA PRO A 15 5.42 12.97 3.69
C PRO A 15 3.95 13.40 3.74
N ASN A 16 3.24 13.20 2.63
CA ASN A 16 1.83 13.56 2.55
C ASN A 16 1.15 12.84 1.39
N GLU A 17 -0.09 13.22 1.13
CA GLU A 17 -0.85 12.60 0.04
C GLU A 17 -1.04 11.11 0.29
N PRO A 18 -2.22 10.59 -0.08
CA PRO A 18 -2.56 9.17 0.08
C PRO A 18 -1.76 8.28 -0.86
N GLN A 19 -1.51 7.05 -0.43
CA GLN A 19 -0.77 6.09 -1.24
C GLN A 19 -1.70 5.21 -2.06
N LYS A 20 -1.69 5.42 -3.37
CA LYS A 20 -2.54 4.64 -4.27
C LYS A 20 -2.34 3.15 -4.06
N PRO A 21 -3.44 2.39 -4.14
CA PRO A 21 -3.41 0.93 -3.96
C PRO A 21 -2.71 0.21 -5.12
N VAL A 22 -2.10 -0.92 -4.82
CA VAL A 22 -1.40 -1.70 -5.83
C VAL A 22 -2.35 -2.64 -6.56
N SER A 23 -1.89 -3.18 -7.69
CA SER A 23 -2.71 -4.10 -8.47
C SER A 23 -3.13 -5.31 -7.65
N ALA A 24 -3.96 -6.17 -8.24
CA ALA A 24 -4.43 -7.37 -7.55
C ALA A 24 -3.27 -8.26 -7.14
N TYR A 25 -2.44 -8.64 -8.11
CA TYR A 25 -1.30 -9.50 -7.86
C TYR A 25 -0.29 -8.80 -6.94
N ALA A 26 -0.35 -7.47 -6.92
CA ALA A 26 0.55 -6.68 -6.09
C ALA A 26 0.11 -6.70 -4.63
N LEU A 27 -1.21 -6.66 -4.42
CA LEU A 27 -1.77 -6.67 -3.07
C LEU A 27 -1.26 -7.87 -2.27
N PHE A 28 -0.97 -8.96 -2.98
CA PHE A 28 -0.47 -10.17 -2.34
C PHE A 28 1.05 -10.14 -2.22
N PHE A 29 1.69 -9.26 -3.00
CA PHE A 29 3.14 -9.13 -2.98
C PHE A 29 3.60 -8.35 -1.76
N ARG A 30 2.78 -7.40 -1.33
CA ARG A 30 3.10 -6.57 -0.18
C ARG A 30 2.79 -7.31 1.13
N ASP A 31 1.97 -8.34 1.04
CA ASP A 31 1.59 -9.14 2.19
C ASP A 31 2.51 -10.35 2.36
N THR A 32 2.99 -10.87 1.23
CA THR A 32 3.87 -12.03 1.24
C THR A 32 5.32 -11.61 1.40
N GLN A 33 5.76 -10.69 0.55
CA GLN A 33 7.14 -10.20 0.59
C GLN A 33 7.65 -10.14 2.03
N ALA A 34 6.95 -9.38 2.87
CA ALA A 34 7.33 -9.24 4.27
C ALA A 34 7.69 -10.59 4.88
N ALA A 35 6.82 -11.58 4.66
CA ALA A 35 7.04 -12.92 5.19
C ALA A 35 8.32 -13.53 4.61
N ILE A 36 8.63 -13.17 3.37
CA ILE A 36 9.82 -13.69 2.70
C ILE A 36 11.08 -12.98 3.21
N LYS A 37 10.91 -11.73 3.63
CA LYS A 37 12.04 -10.95 4.13
C LYS A 37 12.52 -11.49 5.47
N GLY A 38 11.68 -11.38 6.49
CA GLY A 38 12.04 -11.87 7.82
C GLY A 38 12.65 -13.25 7.77
N GLN A 39 12.41 -13.97 6.68
CA GLN A 39 12.95 -15.32 6.52
C GLN A 39 14.26 -15.30 5.73
N ASN A 40 14.37 -14.35 4.80
CA ASN A 40 15.56 -14.22 3.98
C ASN A 40 15.91 -12.75 3.75
N PRO A 41 16.55 -12.13 4.75
CA PRO A 41 16.95 -10.73 4.69
C PRO A 41 18.09 -10.49 3.69
N ASN A 42 18.99 -11.47 3.58
CA ASN A 42 20.12 -11.38 2.67
C ASN A 42 19.64 -11.16 1.23
N ALA A 43 18.46 -11.69 0.92
CA ALA A 43 17.89 -11.55 -0.41
C ALA A 43 18.00 -10.11 -0.91
N THR A 44 18.01 -9.95 -2.22
CA THR A 44 18.11 -8.63 -2.83
C THR A 44 16.94 -8.36 -3.78
N PHE A 45 15.76 -8.17 -3.20
CA PHE A 45 14.57 -7.91 -4.00
C PHE A 45 14.30 -9.06 -4.97
N GLY A 46 15.02 -9.07 -6.08
CA GLY A 46 14.84 -10.11 -7.07
C GLY A 46 14.53 -11.46 -6.45
N GLU A 47 15.22 -11.78 -5.36
CA GLU A 47 15.01 -13.04 -4.67
C GLU A 47 13.64 -13.07 -3.99
N VAL A 48 13.41 -12.13 -3.09
CA VAL A 48 12.14 -12.06 -2.37
C VAL A 48 10.96 -12.06 -3.33
N SER A 49 11.17 -11.48 -4.51
CA SER A 49 10.13 -11.42 -5.52
C SER A 49 9.94 -12.77 -6.20
N LYS A 50 10.97 -13.20 -6.93
CA LYS A 50 10.94 -14.48 -7.62
C LYS A 50 10.15 -15.51 -6.84
N ILE A 51 10.23 -15.42 -5.51
CA ILE A 51 9.52 -16.35 -4.64
C ILE A 51 8.02 -16.07 -4.63
N VAL A 52 7.65 -14.82 -4.38
CA VAL A 52 6.25 -14.42 -4.35
C VAL A 52 5.55 -14.80 -5.65
N ALA A 53 6.18 -14.47 -6.78
CA ALA A 53 5.60 -14.79 -8.09
C ALA A 53 5.10 -16.23 -8.12
N SER A 54 5.92 -17.16 -7.68
CA SER A 54 5.57 -18.57 -7.68
C SER A 54 4.37 -18.82 -6.76
N MET A 55 4.30 -18.05 -5.68
CA MET A 55 3.21 -18.18 -4.71
C MET A 55 1.87 -17.81 -5.35
N TRP A 56 1.82 -16.61 -5.92
CA TRP A 56 0.60 -16.13 -6.55
C TRP A 56 0.19 -17.03 -7.71
N ASP A 57 1.15 -17.33 -8.58
CA ASP A 57 0.88 -18.19 -9.73
C ASP A 57 0.27 -19.51 -9.29
N GLY A 58 0.41 -19.83 -8.01
CA GLY A 58 -0.14 -21.06 -7.49
C GLY A 58 -1.34 -20.84 -6.59
N LEU A 59 -1.58 -19.57 -6.23
CA LEU A 59 -2.70 -19.22 -5.37
C LEU A 59 -4.00 -19.79 -5.91
N GLY A 60 -4.99 -19.94 -5.03
CA GLY A 60 -6.27 -20.47 -5.44
C GLY A 60 -7.11 -19.45 -6.19
N GLU A 61 -7.94 -19.94 -7.12
CA GLU A 61 -8.80 -19.06 -7.90
C GLU A 61 -9.58 -18.11 -7.01
N GLU A 62 -9.88 -18.56 -5.79
CA GLU A 62 -10.64 -17.75 -4.84
C GLU A 62 -9.77 -16.61 -4.30
N GLN A 63 -8.50 -16.92 -4.03
CA GLN A 63 -7.57 -15.93 -3.51
C GLN A 63 -7.12 -14.97 -4.61
N LYS A 64 -7.11 -15.46 -5.84
CA LYS A 64 -6.70 -14.64 -6.98
C LYS A 64 -7.76 -13.60 -7.31
N GLN A 65 -9.02 -14.01 -7.27
CA GLN A 65 -10.13 -13.11 -7.56
C GLN A 65 -10.31 -12.09 -6.45
N VAL A 66 -10.43 -12.57 -5.22
CA VAL A 66 -10.60 -11.70 -4.07
C VAL A 66 -9.67 -10.49 -4.15
N TYR A 67 -8.41 -10.75 -4.44
CA TYR A 67 -7.41 -9.68 -4.55
C TYR A 67 -7.79 -8.70 -5.65
N LYS A 68 -8.42 -9.20 -6.71
CA LYS A 68 -8.84 -8.36 -7.82
C LYS A 68 -10.05 -7.51 -7.44
N LYS A 69 -10.99 -8.12 -6.74
CA LYS A 69 -12.20 -7.42 -6.31
C LYS A 69 -11.86 -6.26 -5.39
N LYS A 70 -10.87 -6.46 -4.52
CA LYS A 70 -10.44 -5.42 -3.59
C LYS A 70 -9.77 -4.28 -4.33
N THR A 71 -8.76 -4.60 -5.14
CA THR A 71 -8.04 -3.58 -5.90
C THR A 71 -8.99 -2.57 -6.50
N GLU A 72 -10.15 -3.05 -6.97
CA GLU A 72 -11.14 -2.17 -7.58
C GLU A 72 -11.77 -1.25 -6.54
N ALA A 73 -12.14 -1.82 -5.39
CA ALA A 73 -12.74 -1.06 -4.32
C ALA A 73 -11.70 -0.20 -3.59
N ALA A 74 -10.43 -0.51 -3.81
CA ALA A 74 -9.34 0.22 -3.19
C ALA A 74 -8.91 1.40 -4.06
N LYS A 75 -8.84 1.17 -5.37
CA LYS A 75 -8.44 2.21 -6.30
C LYS A 75 -9.50 3.32 -6.38
N LYS A 76 -10.75 2.91 -6.52
CA LYS A 76 -11.85 3.87 -6.60
C LYS A 76 -11.89 4.77 -5.37
N GLU A 77 -11.89 4.14 -4.19
CA GLU A 77 -11.91 4.89 -2.93
C GLU A 77 -10.70 5.81 -2.82
N TYR A 78 -9.54 5.30 -3.23
CA TYR A 78 -8.30 6.08 -3.18
C TYR A 78 -8.49 7.45 -3.82
N LEU A 79 -9.09 7.46 -5.00
CA LEU A 79 -9.33 8.71 -5.72
C LEU A 79 -10.28 9.62 -4.95
N LYS A 80 -11.38 9.05 -4.45
CA LYS A 80 -12.36 9.80 -3.69
C LYS A 80 -11.71 10.46 -2.47
N GLN A 81 -10.91 9.69 -1.75
CA GLN A 81 -10.23 10.20 -0.56
C GLN A 81 -9.25 11.31 -0.93
N LEU A 82 -8.43 11.05 -1.95
CA LEU A 82 -7.45 12.02 -2.41
C LEU A 82 -8.11 13.35 -2.75
N ALA A 83 -9.30 13.29 -3.34
CA ALA A 83 -10.04 14.49 -3.71
C ALA A 83 -10.18 15.44 -2.52
N ALA A 84 -9.99 14.90 -1.31
CA ALA A 84 -10.09 15.69 -0.09
C ALA A 84 -8.73 16.24 0.33
N TYR A 85 -7.72 15.37 0.29
CA TYR A 85 -6.37 15.77 0.68
C TYR A 85 -6.01 17.13 0.07
N ARG A 86 -6.37 17.33 -1.20
CA ARG A 86 -6.09 18.58 -1.88
C ARG A 86 -6.66 19.77 -1.11
N ALA A 87 -7.81 19.56 -0.49
CA ALA A 87 -8.46 20.61 0.29
C ALA A 87 -7.47 21.28 1.24
N SER A 88 -6.50 20.51 1.71
CA SER A 88 -5.49 21.02 2.63
C SER A 88 -4.38 21.75 1.88
N LEU A 89 -4.19 21.39 0.61
CA LEU A 89 -3.16 22.01 -0.22
C LEU A 89 -3.59 23.40 -0.65
N VAL A 90 -4.88 23.56 -0.95
CA VAL A 90 -5.41 24.85 -1.38
C VAL A 90 -5.56 25.80 -0.20
N SER A 91 -5.48 27.10 -0.47
CA SER A 91 -5.61 28.11 0.58
C SER A 91 -7.06 28.21 1.05
N LYS A 92 -8.00 28.06 0.11
CA LYS A 92 -9.41 28.13 0.43
C LYS A 92 -9.95 26.77 0.88
N SER A 93 -10.45 26.71 2.12
CA SER A 93 -10.98 25.47 2.66
C SER A 93 -12.40 25.68 3.19
N TYR A 94 -13.32 24.82 2.75
CA TYR A 94 -14.70 24.91 3.18
C TYR A 94 -15.00 23.91 4.29
N THR A 95 -16.20 24.00 4.87
CA THR A 95 -16.61 23.11 5.93
C THR A 95 -17.44 21.95 5.40
N ASP A 96 -18.48 22.28 4.64
CA ASP A 96 -19.36 21.27 4.06
C ASP A 96 -19.86 20.32 5.13
N SER A 97 -21.04 20.62 5.67
CA SER A 97 -21.64 19.78 6.71
C SER A 97 -22.18 18.49 6.12
N GLY A 98 -22.67 17.61 7.00
CA GLY A 98 -23.22 16.35 6.54
C GLY A 98 -24.69 16.44 6.20
N PRO A 99 -25.11 15.66 5.18
CA PRO A 99 -26.51 15.64 4.72
C PRO A 99 -27.45 15.01 5.73
N SER A 100 -28.74 15.18 5.53
CA SER A 100 -29.75 14.62 6.43
C SER A 100 -31.15 15.08 6.04
N SER A 101 -32.02 14.13 5.76
CA SER A 101 -33.40 14.45 5.37
C SER A 101 -34.28 13.20 5.43
N GLY A 102 -34.90 12.98 6.58
CA GLY A 102 -35.77 11.83 6.74
C GLY A 102 -37.20 12.11 6.35
N GLY A 1 31.51 -2.99 22.23
CA GLY A 1 30.09 -2.68 22.14
C GLY A 1 29.34 -3.64 21.25
N SER A 2 28.40 -3.12 20.47
CA SER A 2 27.59 -3.94 19.58
C SER A 2 26.84 -5.01 20.36
N SER A 3 25.54 -4.81 20.52
CA SER A 3 24.70 -5.76 21.25
C SER A 3 23.22 -5.46 21.04
N GLY A 4 22.85 -5.15 19.80
CA GLY A 4 21.47 -4.83 19.50
C GLY A 4 21.01 -5.46 18.20
N SER A 5 20.13 -4.76 17.48
CA SER A 5 19.60 -5.26 16.22
C SER A 5 19.90 -4.26 15.08
N SER A 6 19.57 -3.01 15.31
CA SER A 6 19.79 -1.96 14.32
C SER A 6 18.95 -2.21 13.07
N GLY A 7 18.10 -1.26 12.73
CA GLY A 7 17.25 -1.39 11.56
C GLY A 7 17.96 -1.01 10.28
N LYS A 8 17.19 -0.63 9.26
CA LYS A 8 17.75 -0.24 7.98
C LYS A 8 17.52 1.25 7.71
N LYS A 9 18.60 1.98 7.48
CA LYS A 9 18.52 3.42 7.21
C LYS A 9 17.63 3.68 6.00
N LYS A 10 16.40 4.08 6.25
CA LYS A 10 15.45 4.39 5.18
C LYS A 10 14.91 5.80 5.32
N LYS A 11 14.08 6.21 4.35
CA LYS A 11 13.50 7.54 4.36
C LYS A 11 12.01 7.48 4.02
N LYS A 12 11.20 8.20 4.79
CA LYS A 12 9.76 8.23 4.56
C LYS A 12 9.23 9.65 4.69
N LYS A 13 8.08 9.90 4.08
CA LYS A 13 7.46 11.22 4.13
C LYS A 13 6.47 11.32 5.30
N ASP A 14 6.16 12.55 5.70
CA ASP A 14 5.24 12.78 6.81
C ASP A 14 3.88 12.16 6.53
N PRO A 15 3.24 11.64 7.58
CA PRO A 15 1.92 11.00 7.46
C PRO A 15 0.81 12.03 7.18
N ASN A 16 0.24 11.93 5.97
CA ASN A 16 -0.82 12.85 5.58
C ASN A 16 -1.52 12.35 4.32
N GLU A 17 -0.79 12.35 3.20
CA GLU A 17 -1.34 11.90 1.93
C GLU A 17 -1.64 10.41 1.96
N PRO A 18 -2.73 10.01 1.28
CA PRO A 18 -3.14 8.60 1.23
C PRO A 18 -2.19 7.75 0.39
N GLN A 19 -2.20 6.44 0.64
CA GLN A 19 -1.34 5.52 -0.10
C GLN A 19 -2.10 4.85 -1.23
N LYS A 20 -1.55 4.91 -2.43
CA LYS A 20 -2.17 4.30 -3.60
C LYS A 20 -2.07 2.78 -3.55
N PRO A 21 -3.16 2.10 -3.93
CA PRO A 21 -3.21 0.63 -3.94
C PRO A 21 -2.33 0.02 -5.02
N VAL A 22 -2.28 -1.31 -5.06
CA VAL A 22 -1.47 -2.02 -6.04
C VAL A 22 -2.29 -3.07 -6.77
N SER A 23 -1.84 -3.43 -7.98
CA SER A 23 -2.54 -4.42 -8.78
C SER A 23 -2.87 -5.66 -7.94
N ALA A 24 -3.80 -6.46 -8.44
CA ALA A 24 -4.22 -7.68 -7.75
C ALA A 24 -3.00 -8.50 -7.32
N TYR A 25 -2.22 -8.96 -8.30
CA TYR A 25 -1.04 -9.76 -8.02
C TYR A 25 -0.07 -9.01 -7.12
N ALA A 26 -0.17 -7.69 -7.13
CA ALA A 26 0.71 -6.84 -6.32
C ALA A 26 0.24 -6.84 -4.86
N LEU A 27 -1.06 -6.82 -4.65
CA LEU A 27 -1.63 -6.81 -3.31
C LEU A 27 -1.14 -8.02 -2.51
N PHE A 28 -0.81 -9.09 -3.22
CA PHE A 28 -0.34 -10.32 -2.58
C PHE A 28 1.18 -10.30 -2.43
N PHE A 29 1.83 -9.41 -3.19
CA PHE A 29 3.28 -9.29 -3.14
C PHE A 29 3.73 -8.56 -1.88
N ARG A 30 2.94 -7.58 -1.47
CA ARG A 30 3.26 -6.79 -0.27
C ARG A 30 2.82 -7.52 0.99
N ASP A 31 1.82 -8.40 0.84
CA ASP A 31 1.31 -9.16 1.98
C ASP A 31 2.22 -10.35 2.28
N THR A 32 2.84 -10.90 1.23
CA THR A 32 3.73 -12.04 1.39
C THR A 32 5.17 -11.59 1.64
N GLN A 33 5.64 -10.68 0.80
CA GLN A 33 7.01 -10.17 0.93
C GLN A 33 7.40 -10.03 2.39
N ALA A 34 6.60 -9.28 3.14
CA ALA A 34 6.86 -9.06 4.56
C ALA A 34 7.23 -10.37 5.26
N ALA A 35 6.47 -11.43 4.95
CA ALA A 35 6.71 -12.74 5.55
C ALA A 35 7.97 -13.38 4.97
N ILE A 36 8.20 -13.16 3.68
CA ILE A 36 9.37 -13.73 3.01
C ILE A 36 10.65 -13.22 3.65
N LYS A 37 10.81 -11.90 3.71
CA LYS A 37 12.00 -11.29 4.29
C LYS A 37 12.21 -11.79 5.71
N GLY A 38 11.22 -11.62 6.56
CA GLY A 38 11.32 -12.06 7.94
C GLY A 38 12.00 -13.41 8.07
N GLN A 39 11.90 -14.22 7.02
CA GLN A 39 12.52 -15.54 7.02
C GLN A 39 13.78 -15.56 6.16
N ASN A 40 13.86 -14.62 5.22
CA ASN A 40 15.02 -14.53 4.34
C ASN A 40 15.28 -13.08 3.95
N PRO A 41 15.91 -12.33 4.85
CA PRO A 41 16.24 -10.91 4.61
C PRO A 41 17.33 -10.73 3.57
N ASN A 42 18.20 -11.73 3.45
CA ASN A 42 19.29 -11.68 2.49
C ASN A 42 18.75 -11.61 1.06
N ALA A 43 17.59 -12.23 0.84
CA ALA A 43 16.97 -12.24 -0.49
C ALA A 43 16.72 -10.81 -0.97
N THR A 44 17.53 -10.37 -1.92
CA THR A 44 17.39 -9.02 -2.47
C THR A 44 16.03 -8.83 -3.13
N PHE A 45 15.66 -7.58 -3.37
CA PHE A 45 14.38 -7.26 -3.98
C PHE A 45 14.03 -8.27 -5.08
N GLY A 46 14.92 -8.40 -6.06
CA GLY A 46 14.69 -9.33 -7.14
C GLY A 46 14.36 -10.73 -6.64
N GLU A 47 15.07 -11.16 -5.59
CA GLU A 47 14.86 -12.48 -5.03
C GLU A 47 13.47 -12.60 -4.41
N VAL A 48 13.23 -11.82 -3.36
CA VAL A 48 11.93 -11.84 -2.68
C VAL A 48 10.79 -11.95 -3.68
N SER A 49 10.94 -11.29 -4.82
CA SER A 49 9.92 -11.31 -5.86
C SER A 49 9.92 -12.65 -6.59
N LYS A 50 11.07 -13.02 -7.14
CA LYS A 50 11.20 -14.28 -7.87
C LYS A 50 10.47 -15.40 -7.15
N ILE A 51 10.39 -15.30 -5.83
CA ILE A 51 9.70 -16.32 -5.02
C ILE A 51 8.19 -16.11 -5.05
N VAL A 52 7.77 -14.90 -4.69
CA VAL A 52 6.34 -14.57 -4.67
C VAL A 52 5.67 -15.01 -5.97
N ALA A 53 6.26 -14.64 -7.10
CA ALA A 53 5.72 -14.98 -8.40
C ALA A 53 5.24 -16.44 -8.42
N SER A 54 6.00 -17.32 -7.79
CA SER A 54 5.66 -18.73 -7.73
C SER A 54 4.51 -18.99 -6.76
N MET A 55 4.43 -18.15 -5.73
CA MET A 55 3.38 -18.28 -4.73
C MET A 55 2.02 -17.90 -5.31
N TRP A 56 1.95 -16.70 -5.89
CA TRP A 56 0.71 -16.22 -6.48
C TRP A 56 0.24 -17.14 -7.59
N ASP A 57 1.17 -17.54 -8.47
CA ASP A 57 0.85 -18.43 -9.58
C ASP A 57 0.20 -19.71 -9.08
N GLY A 58 0.29 -19.94 -7.77
CA GLY A 58 -0.28 -21.14 -7.19
C GLY A 58 -1.23 -20.83 -6.04
N LEU A 59 -1.93 -19.71 -6.15
CA LEU A 59 -2.87 -19.29 -5.10
C LEU A 59 -4.27 -19.79 -5.42
N GLY A 60 -5.12 -19.86 -4.39
CA GLY A 60 -6.48 -20.32 -4.58
C GLY A 60 -7.36 -19.29 -5.26
N GLU A 61 -8.17 -19.74 -6.21
CA GLU A 61 -9.05 -18.84 -6.95
C GLU A 61 -9.77 -17.88 -6.00
N GLU A 62 -10.16 -18.39 -4.84
CA GLU A 62 -10.86 -17.59 -3.85
C GLU A 62 -9.98 -16.44 -3.36
N GLN A 63 -8.67 -16.69 -3.29
CA GLN A 63 -7.72 -15.67 -2.85
C GLN A 63 -7.35 -14.74 -3.99
N LYS A 64 -7.29 -15.29 -5.20
CA LYS A 64 -6.94 -14.49 -6.39
C LYS A 64 -8.07 -13.54 -6.75
N GLN A 65 -9.30 -14.06 -6.76
CA GLN A 65 -10.47 -13.25 -7.11
C GLN A 65 -10.66 -12.14 -6.09
N VAL A 66 -10.46 -12.45 -4.81
CA VAL A 66 -10.62 -11.46 -3.75
C VAL A 66 -9.52 -10.43 -3.81
N TYR A 67 -8.43 -10.75 -4.50
CA TYR A 67 -7.30 -9.84 -4.63
C TYR A 67 -7.58 -8.77 -5.67
N LYS A 68 -8.11 -9.19 -6.82
CA LYS A 68 -8.42 -8.27 -7.90
C LYS A 68 -9.58 -7.36 -7.52
N LYS A 69 -10.62 -7.95 -6.93
CA LYS A 69 -11.79 -7.19 -6.50
C LYS A 69 -11.40 -6.05 -5.57
N LYS A 70 -10.45 -6.32 -4.69
CA LYS A 70 -9.98 -5.32 -3.74
C LYS A 70 -9.29 -4.16 -4.45
N THR A 71 -8.61 -4.48 -5.55
CA THR A 71 -7.90 -3.47 -6.34
C THR A 71 -8.84 -2.36 -6.78
N GLU A 72 -9.96 -2.75 -7.38
CA GLU A 72 -10.94 -1.79 -7.86
C GLU A 72 -11.57 -1.03 -6.69
N ALA A 73 -11.88 -1.75 -5.62
CA ALA A 73 -12.48 -1.16 -4.44
C ALA A 73 -11.49 -0.27 -3.71
N ALA A 74 -10.20 -0.56 -3.87
CA ALA A 74 -9.15 0.23 -3.22
C ALA A 74 -8.66 1.33 -4.14
N LYS A 75 -8.84 1.15 -5.44
CA LYS A 75 -8.41 2.14 -6.42
C LYS A 75 -9.43 3.26 -6.55
N LYS A 76 -10.69 2.88 -6.78
CA LYS A 76 -11.77 3.86 -6.92
C LYS A 76 -11.88 4.72 -5.66
N GLU A 77 -11.79 4.08 -4.50
CA GLU A 77 -11.88 4.79 -3.23
C GLU A 77 -10.68 5.73 -3.03
N TYR A 78 -9.50 5.21 -3.33
CA TYR A 78 -8.27 6.00 -3.18
C TYR A 78 -8.45 7.39 -3.76
N LEU A 79 -9.08 7.46 -4.92
CA LEU A 79 -9.32 8.75 -5.59
C LEU A 79 -10.26 9.62 -4.77
N LYS A 80 -11.39 9.03 -4.35
CA LYS A 80 -12.36 9.76 -3.56
C LYS A 80 -11.74 10.31 -2.29
N GLN A 81 -11.10 9.44 -1.51
CA GLN A 81 -10.45 9.84 -0.27
C GLN A 81 -9.45 10.97 -0.52
N LEU A 82 -8.49 10.71 -1.42
CA LEU A 82 -7.47 11.70 -1.74
C LEU A 82 -8.11 13.02 -2.17
N ALA A 83 -9.16 12.93 -2.98
CA ALA A 83 -9.86 14.12 -3.45
C ALA A 83 -10.29 15.00 -2.29
N ALA A 84 -10.43 14.40 -1.12
CA ALA A 84 -10.84 15.14 0.08
C ALA A 84 -9.62 15.69 0.82
N TYR A 85 -8.62 14.84 1.03
CA TYR A 85 -7.42 15.24 1.74
C TYR A 85 -6.99 16.65 1.33
N ARG A 86 -7.15 16.97 0.05
CA ARG A 86 -6.79 18.29 -0.46
C ARG A 86 -7.72 19.36 0.11
N ALA A 87 -9.02 19.09 0.09
CA ALA A 87 -10.01 20.02 0.60
C ALA A 87 -9.56 20.64 1.92
N SER A 88 -8.81 19.86 2.71
CA SER A 88 -8.32 20.33 3.99
C SER A 88 -7.01 21.09 3.83
N LEU A 89 -6.25 20.74 2.81
CA LEU A 89 -4.97 21.39 2.54
C LEU A 89 -5.18 22.80 2.02
N VAL A 90 -6.26 23.00 1.26
CA VAL A 90 -6.58 24.30 0.70
C VAL A 90 -7.13 25.24 1.77
N SER A 91 -7.21 24.74 3.00
CA SER A 91 -7.71 25.53 4.12
C SER A 91 -6.62 26.39 4.72
N LYS A 92 -6.95 27.64 5.03
CA LYS A 92 -5.98 28.57 5.60
C LYS A 92 -6.34 28.88 7.05
N SER A 93 -6.06 27.92 7.94
CA SER A 93 -6.35 28.10 9.36
C SER A 93 -5.34 27.34 10.21
N TYR A 94 -5.45 27.49 11.53
CA TYR A 94 -4.53 26.83 12.46
C TYR A 94 -4.60 25.31 12.27
N THR A 95 -5.80 24.77 12.30
CA THR A 95 -5.99 23.33 12.15
C THR A 95 -5.21 22.55 13.19
N ASP A 96 -5.88 22.20 14.29
CA ASP A 96 -5.24 21.45 15.36
C ASP A 96 -6.15 20.32 15.85
N SER A 97 -5.56 19.17 16.13
CA SER A 97 -6.31 18.01 16.61
C SER A 97 -5.92 17.65 18.03
N GLY A 98 -6.92 17.57 18.91
CA GLY A 98 -6.66 17.24 20.30
C GLY A 98 -5.49 16.29 20.45
N PRO A 99 -4.31 16.85 20.74
CA PRO A 99 -3.08 16.07 20.92
C PRO A 99 -3.11 15.25 22.20
N SER A 100 -3.64 15.83 23.27
CA SER A 100 -3.72 15.15 24.56
C SER A 100 -2.33 14.74 25.05
N SER A 101 -1.92 15.30 26.17
CA SER A 101 -0.61 15.00 26.74
C SER A 101 -0.64 13.68 27.51
N GLY A 102 0.51 13.05 27.65
CA GLY A 102 0.59 11.79 28.35
C GLY A 102 -0.24 11.78 29.62
N GLY A 1 13.96 26.87 30.23
CA GLY A 1 13.42 26.20 29.07
C GLY A 1 12.10 26.79 28.62
N SER A 2 12.01 27.15 27.34
CA SER A 2 10.81 27.75 26.79
C SER A 2 10.30 26.94 25.61
N SER A 3 9.59 25.85 25.89
CA SER A 3 9.05 24.98 24.86
C SER A 3 10.15 24.53 23.90
N GLY A 4 9.75 23.89 22.81
CA GLY A 4 10.71 23.41 21.83
C GLY A 4 10.05 22.82 20.61
N SER A 5 9.09 21.93 20.83
CA SER A 5 8.38 21.28 19.74
C SER A 5 9.36 20.75 18.69
N SER A 6 9.79 19.51 18.87
CA SER A 6 10.73 18.89 17.94
C SER A 6 10.67 17.36 18.04
N GLY A 7 10.25 16.71 16.97
CA GLY A 7 10.15 15.27 16.95
C GLY A 7 11.14 14.63 16.01
N LYS A 8 10.64 14.13 14.88
CA LYS A 8 11.50 13.48 13.90
C LYS A 8 12.18 12.26 14.48
N LYS A 9 11.82 11.07 14.00
CA LYS A 9 12.41 9.83 14.47
C LYS A 9 12.65 8.86 13.31
N LYS A 10 13.83 8.95 12.72
CA LYS A 10 14.19 8.08 11.60
C LYS A 10 13.27 8.33 10.40
N LYS A 11 13.58 9.37 9.63
CA LYS A 11 12.79 9.71 8.45
C LYS A 11 11.38 10.12 8.86
N LYS A 12 10.81 11.08 8.13
CA LYS A 12 9.46 11.56 8.41
C LYS A 12 8.43 10.73 7.65
N LYS A 13 7.47 10.17 8.39
CA LYS A 13 6.42 9.36 7.79
C LYS A 13 5.33 10.23 7.17
N ASP A 14 4.45 9.62 6.40
CA ASP A 14 3.36 10.34 5.75
C ASP A 14 3.81 11.75 5.35
N PRO A 15 4.62 11.82 4.27
CA PRO A 15 5.13 13.10 3.76
C PRO A 15 4.04 13.95 3.12
N ASN A 16 3.10 13.28 2.45
CA ASN A 16 2.01 13.98 1.79
C ASN A 16 1.34 13.08 0.75
N GLU A 17 0.12 13.44 0.37
CA GLU A 17 -0.63 12.66 -0.62
C GLU A 17 -0.87 11.24 -0.13
N PRO A 18 -2.06 10.70 -0.41
CA PRO A 18 -2.44 9.34 -0.02
C PRO A 18 -1.66 8.27 -0.78
N GLN A 19 -1.52 7.10 -0.17
CA GLN A 19 -0.79 6.00 -0.81
C GLN A 19 -1.72 5.20 -1.71
N LYS A 20 -1.47 5.27 -3.01
CA LYS A 20 -2.28 4.54 -3.99
C LYS A 20 -2.18 3.04 -3.77
N PRO A 21 -3.32 2.35 -3.84
CA PRO A 21 -3.40 0.90 -3.65
C PRO A 21 -2.75 0.13 -4.80
N VAL A 22 -2.07 -0.95 -4.47
CA VAL A 22 -1.40 -1.78 -5.47
C VAL A 22 -2.40 -2.69 -6.18
N SER A 23 -1.99 -3.22 -7.33
CA SER A 23 -2.85 -4.11 -8.11
C SER A 23 -3.25 -5.33 -7.28
N ALA A 24 -3.99 -6.24 -7.91
CA ALA A 24 -4.44 -7.46 -7.24
C ALA A 24 -3.26 -8.34 -6.86
N TYR A 25 -2.44 -8.68 -7.85
CA TYR A 25 -1.28 -9.53 -7.63
C TYR A 25 -0.29 -8.86 -6.69
N ALA A 26 -0.33 -7.52 -6.66
CA ALA A 26 0.57 -6.76 -5.81
C ALA A 26 0.13 -6.82 -4.35
N LEU A 27 -1.19 -6.78 -4.13
CA LEU A 27 -1.74 -6.83 -2.79
C LEU A 27 -1.25 -8.08 -2.04
N PHE A 28 -0.96 -9.13 -2.80
CA PHE A 28 -0.49 -10.38 -2.22
C PHE A 28 1.03 -10.39 -2.11
N PHE A 29 1.67 -9.45 -2.79
CA PHE A 29 3.13 -9.35 -2.78
C PHE A 29 3.59 -8.53 -1.57
N ARG A 30 2.85 -7.48 -1.24
CA ARG A 30 3.19 -6.62 -0.12
C ARG A 30 2.83 -7.29 1.21
N ASP A 31 1.96 -8.30 1.14
CA ASP A 31 1.53 -9.01 2.33
C ASP A 31 2.36 -10.27 2.54
N THR A 32 2.90 -10.81 1.45
CA THR A 32 3.71 -12.02 1.51
C THR A 32 5.19 -11.68 1.69
N GLN A 33 5.67 -10.71 0.90
CA GLN A 33 7.07 -10.30 0.98
C GLN A 33 7.58 -10.36 2.41
N ALA A 34 6.96 -9.58 3.29
CA ALA A 34 7.37 -9.55 4.69
C ALA A 34 7.69 -10.95 5.20
N ALA A 35 6.86 -11.92 4.82
CA ALA A 35 7.05 -13.30 5.24
C ALA A 35 8.27 -13.91 4.56
N ILE A 36 8.48 -13.56 3.30
CA ILE A 36 9.61 -14.06 2.53
C ILE A 36 10.93 -13.49 3.06
N LYS A 37 11.03 -12.16 3.04
CA LYS A 37 12.24 -11.49 3.50
C LYS A 37 12.53 -11.84 4.96
N GLY A 38 11.51 -11.69 5.81
CA GLY A 38 11.67 -12.00 7.22
C GLY A 38 12.26 -13.38 7.45
N GLN A 39 11.80 -14.35 6.68
CA GLN A 39 12.29 -15.73 6.80
C GLN A 39 13.61 -15.90 6.06
N ASN A 40 13.81 -15.12 5.01
CA ASN A 40 15.03 -15.18 4.21
C ASN A 40 15.55 -13.79 3.88
N PRO A 41 16.26 -13.17 4.83
CA PRO A 41 16.82 -11.83 4.66
C PRO A 41 17.96 -11.81 3.66
N ASN A 42 18.49 -12.98 3.35
CA ASN A 42 19.60 -13.10 2.39
C ASN A 42 19.12 -12.80 0.97
N ALA A 43 17.86 -13.14 0.70
CA ALA A 43 17.28 -12.91 -0.63
C ALA A 43 16.98 -11.44 -0.84
N THR A 44 17.80 -10.78 -1.66
CA THR A 44 17.61 -9.36 -1.95
C THR A 44 16.21 -9.09 -2.49
N PHE A 45 15.82 -7.83 -2.49
CA PHE A 45 14.50 -7.43 -2.98
C PHE A 45 14.12 -8.23 -4.21
N GLY A 46 14.97 -8.17 -5.24
CA GLY A 46 14.70 -8.89 -6.47
C GLY A 46 14.37 -10.35 -6.23
N GLU A 47 15.03 -10.95 -5.24
CA GLU A 47 14.81 -12.34 -4.91
C GLU A 47 13.44 -12.55 -4.27
N VAL A 48 13.22 -11.89 -3.14
CA VAL A 48 11.95 -11.99 -2.42
C VAL A 48 10.79 -12.12 -3.40
N SER A 49 10.84 -11.35 -4.48
CA SER A 49 9.79 -11.37 -5.49
C SER A 49 9.75 -12.72 -6.20
N LYS A 50 10.83 -13.05 -6.90
CA LYS A 50 10.92 -14.32 -7.62
C LYS A 50 10.19 -15.42 -6.87
N ILE A 51 10.25 -15.37 -5.55
CA ILE A 51 9.58 -16.37 -4.72
C ILE A 51 8.08 -16.17 -4.70
N VAL A 52 7.65 -14.93 -4.47
CA VAL A 52 6.23 -14.60 -4.43
C VAL A 52 5.58 -14.87 -5.78
N ALA A 53 6.11 -14.28 -6.83
CA ALA A 53 5.58 -14.46 -8.18
C ALA A 53 5.22 -15.91 -8.43
N SER A 54 6.06 -16.82 -7.95
CA SER A 54 5.82 -18.25 -8.13
C SER A 54 4.61 -18.71 -7.34
N MET A 55 4.41 -18.11 -6.17
CA MET A 55 3.28 -18.45 -5.31
C MET A 55 1.97 -17.95 -5.92
N TRP A 56 1.93 -16.66 -6.22
CA TRP A 56 0.73 -16.05 -6.80
C TRP A 56 0.29 -16.81 -8.05
N ASP A 57 1.24 -17.09 -8.94
CA ASP A 57 0.95 -17.81 -10.16
C ASP A 57 0.35 -19.18 -9.87
N GLY A 58 0.53 -19.64 -8.63
CA GLY A 58 0.00 -20.94 -8.25
C GLY A 58 -1.04 -20.83 -7.14
N LEU A 59 -1.63 -19.65 -6.99
CA LEU A 59 -2.63 -19.42 -5.97
C LEU A 59 -4.00 -19.94 -6.42
N GLY A 60 -4.91 -20.07 -5.46
CA GLY A 60 -6.25 -20.56 -5.79
C GLY A 60 -7.10 -19.51 -6.48
N GLU A 61 -7.75 -19.91 -7.57
CA GLU A 61 -8.59 -18.99 -8.32
C GLU A 61 -9.42 -18.11 -7.40
N GLU A 62 -9.73 -18.63 -6.22
CA GLU A 62 -10.52 -17.88 -5.24
C GLU A 62 -9.68 -16.77 -4.62
N GLN A 63 -8.45 -17.08 -4.23
CA GLN A 63 -7.56 -16.11 -3.63
C GLN A 63 -7.21 -15.00 -4.62
N LYS A 64 -7.01 -15.39 -5.88
CA LYS A 64 -6.67 -14.42 -6.92
C LYS A 64 -7.81 -13.44 -7.15
N GLN A 65 -9.05 -13.93 -7.03
CA GLN A 65 -10.23 -13.10 -7.23
C GLN A 65 -10.30 -12.01 -6.16
N VAL A 66 -10.52 -12.42 -4.91
CA VAL A 66 -10.61 -11.48 -3.81
C VAL A 66 -9.62 -10.33 -3.97
N TYR A 67 -8.37 -10.68 -4.24
CA TYR A 67 -7.32 -9.68 -4.42
C TYR A 67 -7.70 -8.68 -5.50
N LYS A 68 -8.28 -9.18 -6.59
CA LYS A 68 -8.70 -8.33 -7.69
C LYS A 68 -9.87 -7.44 -7.28
N LYS A 69 -10.92 -8.05 -6.74
CA LYS A 69 -12.10 -7.31 -6.30
C LYS A 69 -11.71 -6.16 -5.38
N LYS A 70 -10.80 -6.43 -4.45
CA LYS A 70 -10.33 -5.42 -3.51
C LYS A 70 -9.67 -4.26 -4.25
N THR A 71 -8.65 -4.57 -5.04
CA THR A 71 -7.93 -3.55 -5.80
C THR A 71 -8.89 -2.49 -6.35
N GLU A 72 -10.10 -2.92 -6.70
CA GLU A 72 -11.10 -2.01 -7.23
C GLU A 72 -11.68 -1.14 -6.13
N ALA A 73 -12.09 -1.77 -5.03
CA ALA A 73 -12.67 -1.04 -3.90
C ALA A 73 -11.66 -0.08 -3.30
N ALA A 74 -10.38 -0.48 -3.31
CA ALA A 74 -9.32 0.35 -2.76
C ALA A 74 -8.91 1.44 -3.75
N LYS A 75 -8.96 1.10 -5.04
CA LYS A 75 -8.59 2.04 -6.09
C LYS A 75 -9.64 3.14 -6.23
N LYS A 76 -10.88 2.73 -6.49
CA LYS A 76 -11.97 3.68 -6.65
C LYS A 76 -12.04 4.64 -5.47
N GLU A 77 -11.94 4.09 -4.26
CA GLU A 77 -11.98 4.91 -3.06
C GLU A 77 -10.80 5.87 -2.99
N TYR A 78 -9.60 5.34 -3.25
CA TYR A 78 -8.39 6.15 -3.21
C TYR A 78 -8.56 7.41 -4.06
N LEU A 79 -9.16 7.25 -5.22
CA LEU A 79 -9.39 8.38 -6.13
C LEU A 79 -10.27 9.44 -5.46
N LYS A 80 -11.29 8.99 -4.76
CA LYS A 80 -12.21 9.89 -4.07
C LYS A 80 -11.47 10.68 -2.99
N GLN A 81 -10.74 9.97 -2.14
CA GLN A 81 -9.99 10.60 -1.06
C GLN A 81 -8.89 11.50 -1.61
N LEU A 82 -8.20 11.03 -2.63
CA LEU A 82 -7.12 11.78 -3.25
C LEU A 82 -7.67 13.00 -4.00
N ALA A 83 -8.49 12.74 -5.01
CA ALA A 83 -9.09 13.81 -5.80
C ALA A 83 -9.39 15.03 -4.94
N ALA A 84 -9.70 14.79 -3.67
CA ALA A 84 -10.01 15.87 -2.74
C ALA A 84 -8.74 16.47 -2.16
N TYR A 85 -7.84 15.61 -1.69
CA TYR A 85 -6.58 16.06 -1.11
C TYR A 85 -5.98 17.22 -1.91
N ARG A 86 -6.01 17.08 -3.22
CA ARG A 86 -5.48 18.12 -4.10
C ARG A 86 -6.25 19.43 -3.93
N ALA A 87 -7.57 19.32 -3.85
CA ALA A 87 -8.42 20.49 -3.68
C ALA A 87 -7.91 21.39 -2.57
N SER A 88 -7.13 20.81 -1.65
CA SER A 88 -6.58 21.56 -0.53
C SER A 88 -5.16 22.02 -0.83
N LEU A 89 -4.43 21.20 -1.59
CA LEU A 89 -3.05 21.52 -1.95
C LEU A 89 -3.00 22.70 -2.94
N VAL A 90 -4.00 22.77 -3.82
CA VAL A 90 -4.07 23.83 -4.80
C VAL A 90 -4.29 25.18 -4.13
N SER A 91 -4.35 26.24 -4.94
CA SER A 91 -4.56 27.59 -4.43
C SER A 91 -5.51 28.37 -5.33
N LYS A 92 -5.22 28.38 -6.62
CA LYS A 92 -6.05 29.09 -7.59
C LYS A 92 -6.50 28.16 -8.71
N SER A 93 -5.88 26.99 -8.78
CA SER A 93 -6.21 26.01 -9.81
C SER A 93 -7.66 25.57 -9.70
N TYR A 94 -8.11 25.35 -8.47
CA TYR A 94 -9.48 24.91 -8.21
C TYR A 94 -10.44 26.09 -8.35
N THR A 95 -11.74 25.78 -8.35
CA THR A 95 -12.78 26.81 -8.48
C THR A 95 -12.90 27.29 -9.91
N ASP A 96 -11.78 27.74 -10.47
CA ASP A 96 -11.76 28.24 -11.85
C ASP A 96 -12.61 27.35 -12.75
N SER A 97 -13.34 27.99 -13.67
CA SER A 97 -14.21 27.25 -14.60
C SER A 97 -15.49 26.81 -13.90
N GLY A 98 -15.34 25.98 -12.88
CA GLY A 98 -16.50 25.50 -12.14
C GLY A 98 -17.57 24.93 -13.05
N PRO A 99 -18.83 25.06 -12.65
CA PRO A 99 -19.97 24.56 -13.43
C PRO A 99 -20.20 25.36 -14.71
N SER A 100 -21.19 24.95 -15.48
CA SER A 100 -21.51 25.62 -16.73
C SER A 100 -22.98 25.42 -17.11
N SER A 101 -23.40 24.16 -17.16
CA SER A 101 -24.77 23.82 -17.50
C SER A 101 -25.14 22.43 -17.00
N GLY A 102 -26.33 22.31 -16.43
CA GLY A 102 -26.78 21.03 -15.92
C GLY A 102 -26.53 19.89 -16.88
N GLY A 1 7.34 15.72 31.99
CA GLY A 1 7.63 14.33 32.26
C GLY A 1 8.05 13.57 31.02
N SER A 2 8.54 12.35 31.22
CA SER A 2 8.99 11.52 30.11
C SER A 2 8.88 10.04 30.45
N SER A 3 8.31 9.26 29.54
CA SER A 3 8.14 7.83 29.73
C SER A 3 7.84 7.12 28.42
N GLY A 4 7.81 5.79 28.47
CA GLY A 4 7.54 5.01 27.27
C GLY A 4 8.31 3.70 27.25
N SER A 5 7.82 2.72 28.00
CA SER A 5 8.48 1.42 28.06
C SER A 5 8.40 0.71 26.72
N SER A 6 9.45 0.86 25.92
CA SER A 6 9.51 0.24 24.60
C SER A 6 10.91 0.35 24.00
N GLY A 7 11.14 -0.34 22.89
CA GLY A 7 12.43 -0.31 22.24
C GLY A 7 12.38 0.32 20.86
N LYS A 8 12.28 1.65 20.82
CA LYS A 8 12.23 2.36 19.55
C LYS A 8 12.90 3.72 19.66
N LYS A 9 13.51 4.17 18.57
CA LYS A 9 14.19 5.47 18.55
C LYS A 9 13.30 6.54 17.91
N LYS A 10 13.02 6.38 16.62
CA LYS A 10 12.20 7.34 15.90
C LYS A 10 11.71 6.75 14.58
N LYS A 11 10.44 6.96 14.28
CA LYS A 11 9.85 6.44 13.04
C LYS A 11 8.71 7.34 12.58
N LYS A 12 8.65 7.58 11.27
CA LYS A 12 7.60 8.41 10.69
C LYS A 12 6.97 7.74 9.48
N LYS A 13 5.76 8.17 9.12
CA LYS A 13 5.06 7.62 7.97
C LYS A 13 3.75 8.36 7.73
N ASP A 14 3.14 8.10 6.58
CA ASP A 14 1.87 8.74 6.23
C ASP A 14 1.86 10.20 6.67
N PRO A 15 2.48 11.07 5.86
CA PRO A 15 2.56 12.50 6.14
C PRO A 15 1.20 13.19 6.01
N ASN A 16 0.49 12.87 4.94
CA ASN A 16 -0.82 13.45 4.70
C ASN A 16 -1.49 12.81 3.49
N GLU A 17 -0.88 12.98 2.32
CA GLU A 17 -1.43 12.41 1.09
C GLU A 17 -1.74 10.93 1.27
N PRO A 18 -2.88 10.49 0.69
CA PRO A 18 -3.32 9.09 0.78
C PRO A 18 -2.44 8.15 -0.03
N GLN A 19 -2.26 6.94 0.47
CA GLN A 19 -1.43 5.95 -0.21
C GLN A 19 -2.26 5.16 -1.22
N LYS A 20 -1.95 5.34 -2.50
CA LYS A 20 -2.66 4.63 -3.56
C LYS A 20 -2.45 3.12 -3.45
N PRO A 21 -3.54 2.36 -3.64
CA PRO A 21 -3.50 0.90 -3.57
C PRO A 21 -2.75 0.28 -4.75
N VAL A 22 -2.20 -0.91 -4.52
CA VAL A 22 -1.44 -1.61 -5.56
C VAL A 22 -2.33 -2.61 -6.30
N SER A 23 -1.95 -2.93 -7.53
CA SER A 23 -2.71 -3.87 -8.34
C SER A 23 -2.98 -5.16 -7.58
N ALA A 24 -3.84 -6.01 -8.13
CA ALA A 24 -4.19 -7.27 -7.49
C ALA A 24 -2.94 -8.08 -7.16
N TYR A 25 -2.21 -8.50 -8.20
CA TYR A 25 -1.00 -9.28 -8.03
C TYR A 25 -0.01 -8.54 -7.13
N ALA A 26 -0.16 -7.23 -7.03
CA ALA A 26 0.72 -6.41 -6.21
C ALA A 26 0.31 -6.48 -4.74
N LEU A 27 -1.00 -6.51 -4.49
CA LEU A 27 -1.52 -6.58 -3.13
C LEU A 27 -1.03 -7.84 -2.42
N PHE A 28 -0.80 -8.89 -3.20
CA PHE A 28 -0.34 -10.16 -2.64
C PHE A 28 1.17 -10.13 -2.41
N PHE A 29 1.84 -9.17 -3.06
CA PHE A 29 3.29 -9.04 -2.92
C PHE A 29 3.65 -8.32 -1.63
N ARG A 30 2.96 -7.22 -1.36
CA ARG A 30 3.21 -6.44 -0.16
C ARG A 30 2.78 -7.20 1.09
N ASP A 31 1.93 -8.20 0.90
CA ASP A 31 1.44 -9.01 2.01
C ASP A 31 2.30 -10.27 2.18
N THR A 32 2.75 -10.83 1.07
CA THR A 32 3.57 -12.03 1.09
C THR A 32 5.04 -11.69 1.30
N GLN A 33 5.54 -10.78 0.49
CA GLN A 33 6.94 -10.36 0.59
C GLN A 33 7.41 -10.37 2.04
N ALA A 34 6.77 -9.55 2.88
CA ALA A 34 7.12 -9.47 4.29
C ALA A 34 7.42 -10.85 4.85
N ALA A 35 6.48 -11.77 4.70
CA ALA A 35 6.66 -13.13 5.20
C ALA A 35 7.88 -13.79 4.58
N ILE A 36 8.10 -13.52 3.30
CA ILE A 36 9.24 -14.09 2.58
C ILE A 36 10.56 -13.56 3.15
N LYS A 37 10.77 -12.26 3.03
CA LYS A 37 11.99 -11.62 3.52
C LYS A 37 12.23 -11.98 4.98
N GLY A 38 11.18 -11.94 5.79
CA GLY A 38 11.30 -12.26 7.19
C GLY A 38 12.03 -13.58 7.42
N GLN A 39 11.71 -14.57 6.60
CA GLN A 39 12.34 -15.88 6.72
C GLN A 39 13.74 -15.88 6.10
N ASN A 40 13.94 -15.03 5.10
CA ASN A 40 15.23 -14.93 4.43
C ASN A 40 15.65 -13.47 4.29
N PRO A 41 16.22 -12.91 5.37
CA PRO A 41 16.69 -11.52 5.40
C PRO A 41 17.91 -11.30 4.51
N ASN A 42 18.56 -12.40 4.12
CA ASN A 42 19.74 -12.33 3.27
C ASN A 42 19.36 -11.94 1.85
N ALA A 43 18.18 -12.36 1.42
CA ALA A 43 17.70 -12.05 0.07
C ALA A 43 17.86 -10.57 -0.24
N THR A 44 17.63 -10.21 -1.50
CA THR A 44 17.75 -8.82 -1.94
C THR A 44 16.76 -8.51 -3.05
N PHE A 45 15.50 -8.39 -2.69
CA PHE A 45 14.45 -8.09 -3.66
C PHE A 45 14.36 -9.19 -4.72
N GLY A 46 15.27 -9.14 -5.69
CA GLY A 46 15.28 -10.14 -6.75
C GLY A 46 14.84 -11.51 -6.26
N GLU A 47 15.34 -11.90 -5.09
CA GLU A 47 15.00 -13.19 -4.52
C GLU A 47 13.59 -13.19 -3.95
N VAL A 48 13.39 -12.38 -2.90
CA VAL A 48 12.08 -12.28 -2.26
C VAL A 48 10.95 -12.32 -3.29
N SER A 49 11.17 -11.63 -4.42
CA SER A 49 10.17 -11.59 -5.48
C SER A 49 10.00 -12.96 -6.13
N LYS A 50 11.09 -13.48 -6.68
CA LYS A 50 11.07 -14.79 -7.33
C LYS A 50 10.14 -15.74 -6.59
N ILE A 51 10.20 -15.72 -5.27
CA ILE A 51 9.37 -16.59 -4.43
C ILE A 51 7.90 -16.20 -4.54
N VAL A 52 7.63 -14.90 -4.40
CA VAL A 52 6.26 -14.39 -4.49
C VAL A 52 5.65 -14.69 -5.86
N ALA A 53 6.33 -14.26 -6.91
CA ALA A 53 5.86 -14.48 -8.27
C ALA A 53 5.31 -15.90 -8.44
N SER A 54 6.08 -16.88 -7.99
CA SER A 54 5.68 -18.28 -8.09
C SER A 54 4.41 -18.54 -7.29
N MET A 55 4.37 -18.01 -6.07
CA MET A 55 3.21 -18.18 -5.20
C MET A 55 1.92 -17.76 -5.91
N TRP A 56 1.89 -16.51 -6.34
CA TRP A 56 0.72 -15.97 -7.03
C TRP A 56 0.42 -16.78 -8.29
N ASP A 57 1.47 -17.16 -9.01
CA ASP A 57 1.31 -17.94 -10.23
C ASP A 57 0.74 -19.32 -9.94
N GLY A 58 0.59 -19.63 -8.65
CA GLY A 58 0.06 -20.92 -8.25
C GLY A 58 -0.84 -20.82 -7.04
N LEU A 59 -1.48 -19.67 -6.87
CA LEU A 59 -2.38 -19.45 -5.73
C LEU A 59 -3.51 -20.48 -5.73
N GLY A 60 -4.59 -20.16 -5.02
CA GLY A 60 -5.72 -21.07 -4.94
C GLY A 60 -6.96 -20.50 -5.59
N GLU A 61 -6.78 -19.61 -6.56
CA GLU A 61 -7.90 -18.99 -7.25
C GLU A 61 -8.65 -18.04 -6.32
N GLU A 62 -9.33 -18.60 -5.34
CA GLU A 62 -10.10 -17.79 -4.39
C GLU A 62 -9.22 -16.71 -3.77
N GLN A 63 -7.91 -16.87 -3.89
CA GLN A 63 -6.97 -15.90 -3.35
C GLN A 63 -6.60 -14.85 -4.39
N LYS A 64 -6.74 -15.19 -5.66
CA LYS A 64 -6.43 -14.27 -6.75
C LYS A 64 -7.56 -13.27 -6.94
N GLN A 65 -8.80 -13.76 -6.96
CA GLN A 65 -9.96 -12.90 -7.14
C GLN A 65 -10.06 -11.88 -6.01
N VAL A 66 -10.04 -12.37 -4.78
CA VAL A 66 -10.14 -11.51 -3.60
C VAL A 66 -9.24 -10.27 -3.76
N TYR A 67 -7.99 -10.50 -4.13
CA TYR A 67 -7.04 -9.41 -4.31
C TYR A 67 -7.52 -8.45 -5.40
N LYS A 68 -8.23 -8.99 -6.39
CA LYS A 68 -8.74 -8.18 -7.48
C LYS A 68 -9.94 -7.35 -7.04
N LYS A 69 -10.80 -7.96 -6.22
CA LYS A 69 -11.98 -7.26 -5.71
C LYS A 69 -11.59 -6.09 -4.83
N LYS A 70 -10.51 -6.26 -4.06
CA LYS A 70 -10.03 -5.21 -3.17
C LYS A 70 -9.41 -4.07 -3.96
N THR A 71 -8.73 -4.42 -5.06
CA THR A 71 -8.08 -3.42 -5.90
C THR A 71 -9.07 -2.38 -6.39
N GLU A 72 -10.15 -2.85 -7.01
CA GLU A 72 -11.19 -1.95 -7.52
C GLU A 72 -11.89 -1.22 -6.38
N ALA A 73 -12.08 -1.92 -5.27
CA ALA A 73 -12.73 -1.34 -4.10
C ALA A 73 -11.84 -0.33 -3.41
N ALA A 74 -10.53 -0.53 -3.53
CA ALA A 74 -9.56 0.37 -2.91
C ALA A 74 -9.12 1.46 -3.89
N LYS A 75 -9.24 1.17 -5.18
CA LYS A 75 -8.85 2.12 -6.23
C LYS A 75 -9.91 3.20 -6.39
N LYS A 76 -11.13 2.80 -6.71
CA LYS A 76 -12.22 3.74 -6.89
C LYS A 76 -12.35 4.67 -5.69
N GLU A 77 -12.13 4.12 -4.50
CA GLU A 77 -12.22 4.91 -3.27
C GLU A 77 -11.04 5.88 -3.16
N TYR A 78 -9.83 5.35 -3.37
CA TYR A 78 -8.63 6.16 -3.28
C TYR A 78 -8.81 7.49 -4.01
N LEU A 79 -9.32 7.43 -5.24
CA LEU A 79 -9.55 8.62 -6.04
C LEU A 79 -10.50 9.58 -5.32
N LYS A 80 -11.55 9.03 -4.73
CA LYS A 80 -12.53 9.83 -4.01
C LYS A 80 -11.91 10.47 -2.78
N GLN A 81 -11.18 9.68 -2.01
CA GLN A 81 -10.53 10.17 -0.80
C GLN A 81 -9.50 11.25 -1.13
N LEU A 82 -8.62 10.95 -2.09
CA LEU A 82 -7.59 11.89 -2.50
C LEU A 82 -8.21 13.17 -3.05
N ALA A 83 -9.13 13.01 -4.00
CA ALA A 83 -9.81 14.15 -4.61
C ALA A 83 -10.12 15.22 -3.58
N ALA A 84 -10.43 14.80 -2.37
CA ALA A 84 -10.75 15.72 -1.28
C ALA A 84 -9.48 16.30 -0.67
N TYR A 85 -8.46 15.46 -0.52
CA TYR A 85 -7.19 15.89 0.06
C TYR A 85 -6.71 17.19 -0.58
N ARG A 86 -6.85 17.28 -1.90
CA ARG A 86 -6.43 18.46 -2.64
C ARG A 86 -7.22 19.69 -2.19
N ALA A 87 -8.55 19.55 -2.14
CA ALA A 87 -9.42 20.64 -1.72
C ALA A 87 -8.84 21.38 -0.51
N SER A 88 -8.10 20.65 0.31
CA SER A 88 -7.49 21.23 1.51
C SER A 88 -6.10 21.77 1.19
N LEU A 89 -5.43 21.17 0.22
CA LEU A 89 -4.10 21.60 -0.17
C LEU A 89 -4.14 22.94 -0.88
N VAL A 90 -5.20 23.16 -1.66
CA VAL A 90 -5.37 24.40 -2.40
C VAL A 90 -5.59 25.57 -1.45
N SER A 91 -5.01 26.73 -1.79
CA SER A 91 -5.15 27.92 -0.97
C SER A 91 -4.36 29.08 -1.58
N LYS A 92 -3.10 28.82 -1.91
CA LYS A 92 -2.23 29.84 -2.49
C LYS A 92 -1.48 29.29 -3.69
N SER A 93 -1.41 30.09 -4.75
CA SER A 93 -0.71 29.68 -5.97
C SER A 93 0.59 30.48 -6.15
N TYR A 94 1.62 29.78 -6.62
CA TYR A 94 2.92 30.43 -6.84
C TYR A 94 3.53 29.98 -8.16
N THR A 95 4.50 30.75 -8.64
CA THR A 95 5.17 30.44 -9.90
C THR A 95 5.42 28.94 -10.04
N ASP A 96 5.65 28.50 -11.26
CA ASP A 96 5.91 27.09 -11.53
C ASP A 96 6.41 26.88 -12.96
N SER A 97 5.74 27.51 -13.91
CA SER A 97 6.10 27.40 -15.32
C SER A 97 5.78 26.01 -15.85
N GLY A 98 5.77 25.88 -17.17
CA GLY A 98 5.48 24.60 -17.79
C GLY A 98 5.85 24.56 -19.26
N PRO A 99 6.94 23.84 -19.58
CA PRO A 99 7.43 23.71 -20.95
C PRO A 99 6.50 22.87 -21.82
N SER A 100 6.53 23.13 -23.13
CA SER A 100 5.68 22.40 -24.07
C SER A 100 6.49 21.37 -24.84
N SER A 101 5.80 20.51 -25.59
CA SER A 101 6.45 19.48 -26.37
C SER A 101 6.38 19.80 -27.86
N GLY A 102 7.43 19.43 -28.59
CA GLY A 102 7.46 19.68 -30.02
C GLY A 102 8.41 20.79 -30.39
N GLY A 1 14.48 8.37 34.41
CA GLY A 1 13.90 7.06 34.61
C GLY A 1 14.85 5.95 34.20
N SER A 2 14.78 5.54 32.94
CA SER A 2 15.63 4.48 32.43
C SER A 2 15.88 4.65 30.93
N SER A 3 16.85 3.90 30.42
CA SER A 3 17.20 3.97 29.00
C SER A 3 16.32 3.04 28.18
N GLY A 4 16.34 1.76 28.53
CA GLY A 4 15.55 0.77 27.82
C GLY A 4 16.30 0.15 26.66
N SER A 5 15.56 -0.29 25.65
CA SER A 5 16.17 -0.91 24.48
C SER A 5 17.19 0.02 23.84
N SER A 6 16.74 1.20 23.43
CA SER A 6 17.61 2.17 22.79
C SER A 6 18.05 1.70 21.42
N GLY A 7 17.28 2.07 20.39
CA GLY A 7 17.60 1.67 19.04
C GLY A 7 16.36 1.36 18.22
N LYS A 8 15.59 2.39 17.89
CA LYS A 8 14.38 2.22 17.11
C LYS A 8 13.74 3.57 16.80
N LYS A 9 13.65 3.91 15.52
CA LYS A 9 13.06 5.16 15.09
C LYS A 9 12.81 5.17 13.58
N LYS A 10 11.83 5.96 13.15
CA LYS A 10 11.50 6.06 11.74
C LYS A 10 10.53 7.21 11.49
N LYS A 11 10.28 7.50 10.22
CA LYS A 11 9.37 8.58 9.85
C LYS A 11 9.15 8.60 8.34
N LYS A 12 8.14 7.87 7.88
CA LYS A 12 7.81 7.80 6.46
C LYS A 12 6.60 6.90 6.22
N LYS A 13 5.41 7.50 6.24
CA LYS A 13 4.18 6.75 6.02
C LYS A 13 3.07 7.67 5.51
N ASP A 14 3.47 8.74 4.84
CA ASP A 14 2.51 9.69 4.28
C ASP A 14 1.51 10.14 5.34
N PRO A 15 1.91 11.13 6.16
CA PRO A 15 1.06 11.67 7.23
C PRO A 15 -0.13 12.45 6.69
N ASN A 16 0.08 13.13 5.56
CA ASN A 16 -0.98 13.92 4.94
C ASN A 16 -1.62 13.15 3.79
N GLU A 17 -0.95 13.14 2.64
CA GLU A 17 -1.46 12.44 1.47
C GLU A 17 -1.82 10.99 1.81
N PRO A 18 -2.90 10.50 1.18
CA PRO A 18 -3.37 9.12 1.40
C PRO A 18 -2.43 8.08 0.82
N GLN A 19 -2.80 6.81 0.94
CA GLN A 19 -1.99 5.72 0.43
C GLN A 19 -2.64 5.08 -0.78
N LYS A 20 -1.88 4.96 -1.87
CA LYS A 20 -2.38 4.36 -3.10
C LYS A 20 -2.29 2.85 -3.05
N PRO A 21 -3.37 2.17 -3.49
CA PRO A 21 -3.42 0.71 -3.51
C PRO A 21 -2.49 0.10 -4.54
N VAL A 22 -2.41 -1.23 -4.55
CA VAL A 22 -1.56 -1.94 -5.49
C VAL A 22 -2.34 -2.98 -6.28
N SER A 23 -1.92 -3.24 -7.51
CA SER A 23 -2.59 -4.21 -8.37
C SER A 23 -2.89 -5.49 -7.60
N ALA A 24 -3.85 -6.26 -8.09
CA ALA A 24 -4.24 -7.51 -7.45
C ALA A 24 -3.01 -8.33 -7.07
N TYR A 25 -2.27 -8.78 -8.08
CA TYR A 25 -1.07 -9.58 -7.85
C TYR A 25 -0.11 -8.87 -6.91
N ALA A 26 -0.25 -7.55 -6.82
CA ALA A 26 0.61 -6.75 -5.96
C ALA A 26 0.16 -6.83 -4.51
N LEU A 27 -1.16 -6.82 -4.31
CA LEU A 27 -1.73 -6.89 -2.97
C LEU A 27 -1.23 -8.12 -2.22
N PHE A 28 -0.88 -9.15 -2.98
CA PHE A 28 -0.38 -10.39 -2.39
C PHE A 28 1.14 -10.36 -2.27
N PHE A 29 1.77 -9.41 -2.95
CA PHE A 29 3.22 -9.27 -2.92
C PHE A 29 3.67 -8.55 -1.66
N ARG A 30 2.85 -7.60 -1.20
CA ARG A 30 3.16 -6.83 0.00
C ARG A 30 2.72 -7.58 1.25
N ASP A 31 1.83 -8.55 1.08
CA ASP A 31 1.32 -9.34 2.20
C ASP A 31 2.21 -10.56 2.44
N THR A 32 2.85 -11.04 1.38
CA THR A 32 3.73 -12.20 1.47
C THR A 32 5.18 -11.78 1.64
N GLN A 33 5.62 -10.85 0.80
CA GLN A 33 7.00 -10.37 0.85
C GLN A 33 7.51 -10.33 2.29
N ALA A 34 6.79 -9.60 3.14
CA ALA A 34 7.17 -9.48 4.54
C ALA A 34 7.53 -10.84 5.13
N ALA A 35 6.65 -11.82 4.93
CA ALA A 35 6.88 -13.16 5.43
C ALA A 35 8.10 -13.80 4.78
N ILE A 36 8.39 -13.40 3.56
CA ILE A 36 9.54 -13.93 2.83
C ILE A 36 10.84 -13.32 3.33
N LYS A 37 10.98 -12.01 3.15
CA LYS A 37 12.18 -11.30 3.60
C LYS A 37 12.43 -11.54 5.08
N GLY A 38 11.38 -11.41 5.89
CA GLY A 38 11.50 -11.60 7.32
C GLY A 38 12.28 -12.86 7.66
N GLN A 39 12.06 -13.92 6.88
CA GLN A 39 12.75 -15.19 7.12
C GLN A 39 14.10 -15.21 6.41
N ASN A 40 14.21 -14.47 5.31
CA ASN A 40 15.44 -14.41 4.54
C ASN A 40 15.72 -12.98 4.09
N PRO A 41 16.28 -12.17 5.00
CA PRO A 41 16.61 -10.76 4.71
C PRO A 41 17.78 -10.64 3.73
N ASN A 42 18.65 -11.64 3.73
CA ASN A 42 19.81 -11.63 2.85
C ASN A 42 19.38 -11.62 1.38
N ALA A 43 18.15 -12.05 1.12
CA ALA A 43 17.61 -12.07 -0.23
C ALA A 43 17.26 -10.67 -0.71
N THR A 44 17.78 -10.29 -1.86
CA THR A 44 17.53 -8.98 -2.44
C THR A 44 16.12 -8.90 -3.02
N PHE A 45 15.62 -7.68 -3.18
CA PHE A 45 14.29 -7.47 -3.73
C PHE A 45 14.00 -8.45 -4.85
N GLY A 46 15.00 -8.69 -5.70
CA GLY A 46 14.83 -9.61 -6.80
C GLY A 46 14.48 -11.02 -6.35
N GLU A 47 15.13 -11.46 -5.27
CA GLU A 47 14.88 -12.80 -4.73
C GLU A 47 13.49 -12.88 -4.12
N VAL A 48 13.27 -12.11 -3.06
CA VAL A 48 11.98 -12.10 -2.38
C VAL A 48 10.83 -12.04 -3.38
N SER A 49 11.07 -11.36 -4.49
CA SER A 49 10.05 -11.22 -5.54
C SER A 49 9.95 -12.50 -6.37
N LYS A 50 11.04 -12.83 -7.05
CA LYS A 50 11.07 -14.03 -7.90
C LYS A 50 10.41 -15.21 -7.19
N ILE A 51 10.39 -15.17 -5.86
CA ILE A 51 9.80 -16.23 -5.07
C ILE A 51 8.28 -16.08 -5.00
N VAL A 52 7.83 -14.87 -4.70
CA VAL A 52 6.39 -14.59 -4.62
C VAL A 52 5.70 -14.87 -5.95
N ALA A 53 6.36 -14.51 -7.04
CA ALA A 53 5.81 -14.72 -8.37
C ALA A 53 5.36 -16.17 -8.56
N SER A 54 6.08 -17.09 -7.93
CA SER A 54 5.76 -18.51 -8.03
C SER A 54 4.63 -18.88 -7.05
N MET A 55 4.49 -18.09 -6.00
CA MET A 55 3.47 -18.34 -4.99
C MET A 55 2.09 -17.91 -5.51
N TRP A 56 2.02 -16.70 -6.06
CA TRP A 56 0.77 -16.18 -6.59
C TRP A 56 0.24 -17.06 -7.72
N ASP A 57 1.14 -17.45 -8.62
CA ASP A 57 0.77 -18.30 -9.75
C ASP A 57 0.17 -19.62 -9.26
N GLY A 58 0.30 -19.88 -7.96
CA GLY A 58 -0.23 -21.11 -7.39
C GLY A 58 -1.25 -20.85 -6.30
N LEU A 59 -1.83 -19.65 -6.30
CA LEU A 59 -2.83 -19.28 -5.31
C LEU A 59 -4.20 -19.81 -5.68
N GLY A 60 -5.10 -19.86 -4.71
CA GLY A 60 -6.45 -20.35 -4.96
C GLY A 60 -7.30 -19.35 -5.73
N GLU A 61 -8.10 -19.85 -6.66
CA GLU A 61 -8.96 -18.99 -7.46
C GLU A 61 -9.75 -18.04 -6.58
N GLU A 62 -9.91 -18.41 -5.31
CA GLU A 62 -10.65 -17.59 -4.36
C GLU A 62 -9.78 -16.44 -3.83
N GLN A 63 -8.52 -16.76 -3.57
CA GLN A 63 -7.58 -15.77 -3.06
C GLN A 63 -7.17 -14.77 -4.15
N LYS A 64 -7.20 -15.24 -5.39
CA LYS A 64 -6.84 -14.40 -6.53
C LYS A 64 -7.99 -13.47 -6.90
N GLN A 65 -9.20 -14.01 -6.95
CA GLN A 65 -10.38 -13.23 -7.30
C GLN A 65 -10.66 -12.18 -6.22
N VAL A 66 -10.36 -12.53 -4.98
CA VAL A 66 -10.59 -11.61 -3.86
C VAL A 66 -9.53 -10.52 -3.83
N TYR A 67 -8.41 -10.75 -4.50
CA TYR A 67 -7.32 -9.78 -4.54
C TYR A 67 -7.63 -8.67 -5.53
N LYS A 68 -8.24 -9.04 -6.66
CA LYS A 68 -8.58 -8.07 -7.68
C LYS A 68 -9.78 -7.22 -7.26
N LYS A 69 -10.80 -7.89 -6.72
CA LYS A 69 -12.01 -7.20 -6.27
C LYS A 69 -11.67 -6.12 -5.25
N LYS A 70 -10.59 -6.32 -4.51
CA LYS A 70 -10.15 -5.36 -3.51
C LYS A 70 -9.40 -4.20 -4.16
N THR A 71 -8.83 -4.45 -5.32
CA THR A 71 -8.07 -3.43 -6.05
C THR A 71 -9.01 -2.38 -6.63
N GLU A 72 -10.11 -2.84 -7.23
CA GLU A 72 -11.08 -1.93 -7.84
C GLU A 72 -11.84 -1.16 -6.76
N ALA A 73 -12.08 -1.81 -5.62
CA ALA A 73 -12.78 -1.18 -4.52
C ALA A 73 -11.86 -0.28 -3.71
N ALA A 74 -10.57 -0.58 -3.74
CA ALA A 74 -9.58 0.20 -3.01
C ALA A 74 -9.02 1.32 -3.88
N LYS A 75 -9.16 1.16 -5.19
CA LYS A 75 -8.67 2.16 -6.14
C LYS A 75 -9.65 3.32 -6.28
N LYS A 76 -10.85 3.01 -6.77
CA LYS A 76 -11.88 4.02 -6.95
C LYS A 76 -12.07 4.84 -5.68
N GLU A 77 -11.89 4.20 -4.53
CA GLU A 77 -12.03 4.88 -3.24
C GLU A 77 -10.85 5.80 -2.98
N TYR A 78 -9.66 5.31 -3.25
CA TYR A 78 -8.44 6.10 -3.04
C TYR A 78 -8.54 7.45 -3.75
N LEU A 79 -8.84 7.41 -5.04
CA LEU A 79 -8.96 8.64 -5.82
C LEU A 79 -9.95 9.60 -5.18
N LYS A 80 -11.10 9.08 -4.77
CA LYS A 80 -12.13 9.89 -4.13
C LYS A 80 -11.59 10.55 -2.86
N GLN A 81 -11.10 9.73 -1.94
CA GLN A 81 -10.56 10.22 -0.68
C GLN A 81 -9.46 11.26 -0.93
N LEU A 82 -8.55 10.94 -1.84
CA LEU A 82 -7.46 11.84 -2.18
C LEU A 82 -7.98 13.14 -2.78
N ALA A 83 -9.03 13.03 -3.59
CA ALA A 83 -9.62 14.20 -4.21
C ALA A 83 -10.08 15.21 -3.17
N ALA A 84 -10.24 14.75 -1.93
CA ALA A 84 -10.66 15.62 -0.85
C ALA A 84 -9.47 16.22 -0.11
N TYR A 85 -8.46 15.38 0.15
CA TYR A 85 -7.27 15.82 0.85
C TYR A 85 -6.81 17.19 0.34
N ARG A 86 -6.95 17.40 -0.97
CA ARG A 86 -6.54 18.66 -1.59
C ARG A 86 -7.49 19.79 -1.19
N ALA A 87 -8.78 19.49 -1.17
CA ALA A 87 -9.80 20.47 -0.81
C ALA A 87 -9.29 21.38 0.32
N SER A 88 -8.42 20.84 1.15
CA SER A 88 -7.86 21.60 2.28
C SER A 88 -6.58 22.32 1.86
N LEU A 89 -5.73 21.62 1.14
CA LEU A 89 -4.46 22.19 0.68
C LEU A 89 -4.70 23.41 -0.20
N VAL A 90 -5.74 23.34 -1.04
CA VAL A 90 -6.08 24.44 -1.93
C VAL A 90 -6.37 25.71 -1.14
N SER A 91 -6.59 25.57 0.17
CA SER A 91 -6.87 26.70 1.03
C SER A 91 -5.60 27.20 1.72
N LYS A 92 -4.85 28.05 1.04
CA LYS A 92 -3.62 28.59 1.58
C LYS A 92 -2.53 27.53 1.66
N SER A 93 -1.42 27.78 0.99
CA SER A 93 -0.31 26.83 0.99
C SER A 93 0.95 27.48 0.42
N TYR A 94 2.00 26.68 0.26
CA TYR A 94 3.27 27.18 -0.26
C TYR A 94 3.57 26.56 -1.63
N THR A 95 4.60 27.08 -2.29
CA THR A 95 4.99 26.59 -3.60
C THR A 95 6.31 27.21 -4.05
N ASP A 96 7.08 26.47 -4.85
CA ASP A 96 8.35 26.96 -5.36
C ASP A 96 8.65 26.36 -6.73
N SER A 97 9.65 26.92 -7.39
CA SER A 97 10.04 26.45 -8.72
C SER A 97 11.47 25.92 -8.71
N GLY A 98 11.86 25.27 -9.81
CA GLY A 98 13.19 24.72 -9.91
C GLY A 98 13.88 25.10 -11.21
N PRO A 99 14.49 26.29 -11.23
CA PRO A 99 15.20 26.80 -12.41
C PRO A 99 16.48 26.03 -12.69
N SER A 100 16.90 25.21 -11.73
CA SER A 100 18.11 24.41 -11.88
C SER A 100 18.26 23.91 -13.31
N SER A 101 19.51 23.77 -13.76
CA SER A 101 19.79 23.30 -15.10
C SER A 101 19.77 21.78 -15.17
N GLY A 102 19.59 21.24 -16.37
CA GLY A 102 19.57 19.80 -16.54
C GLY A 102 20.85 19.13 -16.08
N GLY A 1 6.76 -19.84 13.70
CA GLY A 1 7.42 -20.81 14.56
C GLY A 1 7.00 -20.68 16.01
N SER A 2 7.84 -20.03 16.82
CA SER A 2 7.55 -19.83 18.23
C SER A 2 7.92 -18.43 18.68
N SER A 3 9.20 -18.09 18.56
CA SER A 3 9.68 -16.77 18.96
C SER A 3 11.04 -16.48 18.32
N GLY A 4 11.30 -15.20 18.07
CA GLY A 4 12.56 -14.81 17.47
C GLY A 4 12.37 -13.91 16.27
N SER A 5 13.46 -13.33 15.79
CA SER A 5 13.41 -12.43 14.64
C SER A 5 12.52 -11.23 14.93
N SER A 6 13.07 -10.04 14.78
CA SER A 6 12.33 -8.80 15.02
C SER A 6 12.01 -8.09 13.71
N GLY A 7 11.04 -7.18 13.76
CA GLY A 7 10.65 -6.45 12.57
C GLY A 7 9.77 -5.25 12.89
N LYS A 8 10.37 -4.21 13.44
CA LYS A 8 9.63 -3.00 13.80
C LYS A 8 10.20 -1.78 13.07
N LYS A 9 10.62 -2.00 11.82
CA LYS A 9 11.18 -0.92 11.02
C LYS A 9 10.16 0.19 10.81
N LYS A 10 9.21 -0.04 9.91
CA LYS A 10 8.17 0.94 9.62
C LYS A 10 8.78 2.27 9.20
N LYS A 11 9.16 2.37 7.94
CA LYS A 11 9.76 3.59 7.40
C LYS A 11 9.11 4.82 8.03
N LYS A 12 8.01 5.27 7.44
CA LYS A 12 7.28 6.44 7.93
C LYS A 12 5.93 6.57 7.24
N LYS A 13 5.14 7.54 7.69
CA LYS A 13 3.82 7.78 7.11
C LYS A 13 3.89 8.85 6.04
N ASP A 14 2.86 8.90 5.19
CA ASP A 14 2.80 9.88 4.12
C ASP A 14 1.61 10.82 4.29
N PRO A 15 1.78 11.85 5.13
CA PRO A 15 0.73 12.82 5.41
C PRO A 15 0.44 13.72 4.21
N ASN A 16 1.11 13.45 3.10
CA ASN A 16 0.92 14.24 1.88
C ASN A 16 0.46 13.35 0.74
N GLU A 17 -0.71 13.66 0.19
CA GLU A 17 -1.28 12.88 -0.92
C GLU A 17 -1.53 11.44 -0.50
N PRO A 18 -2.64 10.87 -1.00
CA PRO A 18 -3.02 9.49 -0.70
C PRO A 18 -2.08 8.47 -1.33
N GLN A 19 -2.13 7.24 -0.83
CA GLN A 19 -1.28 6.18 -1.35
C GLN A 19 -2.05 5.29 -2.33
N LYS A 20 -1.68 5.36 -3.60
CA LYS A 20 -2.33 4.57 -4.64
C LYS A 20 -2.14 3.07 -4.39
N PRO A 21 -3.25 2.34 -4.26
CA PRO A 21 -3.23 0.90 -4.02
C PRO A 21 -2.71 0.12 -5.24
N VAL A 22 -1.97 -0.95 -4.98
CA VAL A 22 -1.43 -1.78 -6.05
C VAL A 22 -2.50 -2.68 -6.64
N SER A 23 -2.20 -3.25 -7.80
CA SER A 23 -3.15 -4.14 -8.49
C SER A 23 -3.34 -5.44 -7.69
N ALA A 24 -4.12 -6.34 -8.26
CA ALA A 24 -4.39 -7.63 -7.61
C ALA A 24 -3.10 -8.40 -7.38
N TYR A 25 -2.48 -8.85 -8.46
CA TYR A 25 -1.24 -9.62 -8.39
C TYR A 25 -0.20 -8.86 -7.55
N ALA A 26 -0.39 -7.57 -7.41
CA ALA A 26 0.53 -6.73 -6.64
C ALA A 26 0.16 -6.73 -5.16
N LEU A 27 -1.14 -6.73 -4.88
CA LEU A 27 -1.64 -6.72 -3.51
C LEU A 27 -1.12 -7.94 -2.75
N PHE A 28 -0.94 -9.04 -3.46
CA PHE A 28 -0.44 -10.28 -2.85
C PHE A 28 1.07 -10.24 -2.69
N PHE A 29 1.72 -9.38 -3.47
CA PHE A 29 3.17 -9.25 -3.41
C PHE A 29 3.60 -8.44 -2.19
N ARG A 30 2.86 -7.38 -1.90
CA ARG A 30 3.16 -6.52 -0.76
C ARG A 30 2.74 -7.19 0.55
N ASP A 31 1.84 -8.16 0.44
CA ASP A 31 1.35 -8.87 1.62
C ASP A 31 2.21 -10.10 1.90
N THR A 32 2.65 -10.76 0.83
CA THR A 32 3.47 -11.96 0.96
C THR A 32 4.92 -11.60 1.26
N GLN A 33 5.45 -10.61 0.54
CA GLN A 33 6.82 -10.18 0.74
C GLN A 33 7.21 -10.23 2.21
N ALA A 34 6.44 -9.53 3.05
CA ALA A 34 6.69 -9.50 4.48
C ALA A 34 7.00 -10.89 5.02
N ALA A 35 6.14 -11.85 4.68
CA ALA A 35 6.33 -13.22 5.12
C ALA A 35 7.64 -13.80 4.61
N ILE A 36 8.06 -13.33 3.43
CA ILE A 36 9.29 -13.81 2.83
C ILE A 36 10.51 -13.42 3.67
N LYS A 37 10.76 -12.13 3.78
CA LYS A 37 11.88 -11.63 4.57
C LYS A 37 11.96 -12.33 5.93
N GLY A 38 10.86 -12.30 6.67
CA GLY A 38 10.82 -12.93 7.97
C GLY A 38 11.41 -14.33 7.95
N GLN A 39 11.13 -15.07 6.88
CA GLN A 39 11.63 -16.43 6.73
C GLN A 39 13.01 -16.43 6.05
N ASN A 40 13.32 -15.34 5.37
CA ASN A 40 14.60 -15.22 4.67
C ASN A 40 14.97 -13.76 4.47
N PRO A 41 15.49 -13.13 5.53
CA PRO A 41 15.91 -11.72 5.50
C PRO A 41 17.14 -11.50 4.63
N ASN A 42 17.86 -12.58 4.34
CA ASN A 42 19.06 -12.50 3.51
C ASN A 42 18.72 -12.08 2.09
N ALA A 43 17.49 -12.35 1.68
CA ALA A 43 17.04 -11.99 0.33
C ALA A 43 17.15 -10.50 0.10
N THR A 44 17.50 -10.12 -1.12
CA THR A 44 17.65 -8.71 -1.47
C THR A 44 16.70 -8.33 -2.61
N PHE A 45 15.42 -8.19 -2.28
CA PHE A 45 14.41 -7.82 -3.27
C PHE A 45 14.31 -8.89 -4.36
N GLY A 46 15.27 -8.87 -5.28
CA GLY A 46 15.27 -9.85 -6.36
C GLY A 46 14.95 -11.25 -5.88
N GLU A 47 15.30 -11.54 -4.62
CA GLU A 47 15.05 -12.86 -4.05
C GLU A 47 13.63 -12.95 -3.50
N VAL A 48 13.21 -11.91 -2.77
CA VAL A 48 11.89 -11.88 -2.19
C VAL A 48 10.81 -11.76 -3.27
N SER A 49 11.21 -11.26 -4.43
CA SER A 49 10.29 -11.09 -5.55
C SER A 49 10.12 -12.40 -6.31
N LYS A 50 11.22 -12.95 -6.79
CA LYS A 50 11.20 -14.20 -7.53
C LYS A 50 10.28 -15.22 -6.87
N ILE A 51 10.37 -15.31 -5.54
CA ILE A 51 9.54 -16.25 -4.78
C ILE A 51 8.06 -15.92 -4.96
N VAL A 52 7.72 -14.64 -4.87
CA VAL A 52 6.35 -14.20 -5.01
C VAL A 52 5.81 -14.51 -6.41
N ALA A 53 6.57 -14.12 -7.43
CA ALA A 53 6.17 -14.35 -8.81
C ALA A 53 5.74 -15.80 -9.01
N SER A 54 6.46 -16.72 -8.39
CA SER A 54 6.16 -18.15 -8.51
C SER A 54 4.95 -18.51 -7.65
N MET A 55 4.75 -17.76 -6.57
CA MET A 55 3.63 -18.01 -5.66
C MET A 55 2.31 -17.61 -6.31
N TRP A 56 2.24 -16.37 -6.79
CA TRP A 56 1.03 -15.87 -7.43
C TRP A 56 0.66 -16.74 -8.63
N ASP A 57 1.66 -17.24 -9.34
CA ASP A 57 1.42 -18.08 -10.50
C ASP A 57 0.73 -19.37 -10.11
N GLY A 58 0.72 -19.67 -8.81
CA GLY A 58 0.07 -20.88 -8.32
C GLY A 58 -0.69 -20.65 -7.03
N LEU A 59 -1.39 -19.53 -6.95
CA LEU A 59 -2.16 -19.19 -5.76
C LEU A 59 -3.56 -19.80 -5.82
N GLY A 60 -4.29 -19.71 -4.72
CA GLY A 60 -5.64 -20.26 -4.67
C GLY A 60 -6.65 -19.36 -5.35
N GLU A 61 -7.39 -19.91 -6.30
CA GLU A 61 -8.40 -19.15 -7.02
C GLU A 61 -9.15 -18.22 -6.09
N GLU A 62 -9.44 -18.71 -4.88
CA GLU A 62 -10.17 -17.93 -3.89
C GLU A 62 -9.38 -16.69 -3.50
N GLN A 63 -8.06 -16.84 -3.37
CA GLN A 63 -7.19 -15.74 -2.99
C GLN A 63 -7.08 -14.72 -4.13
N LYS A 64 -6.95 -15.22 -5.34
CA LYS A 64 -6.84 -14.36 -6.52
C LYS A 64 -8.05 -13.44 -6.64
N GLN A 65 -9.23 -14.00 -6.39
CA GLN A 65 -10.47 -13.24 -6.47
C GLN A 65 -10.45 -12.07 -5.49
N VAL A 66 -10.39 -12.38 -4.20
CA VAL A 66 -10.37 -11.35 -3.17
C VAL A 66 -9.37 -10.25 -3.51
N TYR A 67 -8.25 -10.64 -4.10
CA TYR A 67 -7.21 -9.68 -4.48
C TYR A 67 -7.69 -8.78 -5.60
N LYS A 68 -8.32 -9.37 -6.61
CA LYS A 68 -8.83 -8.61 -7.75
C LYS A 68 -10.07 -7.82 -7.36
N LYS A 69 -10.76 -8.29 -6.32
CA LYS A 69 -11.97 -7.61 -5.85
C LYS A 69 -11.62 -6.42 -4.97
N LYS A 70 -10.54 -6.55 -4.20
CA LYS A 70 -10.08 -5.49 -3.31
C LYS A 70 -9.52 -4.31 -4.11
N THR A 71 -8.76 -4.63 -5.16
CA THR A 71 -8.15 -3.61 -6.00
C THR A 71 -9.17 -2.53 -6.37
N GLU A 72 -10.35 -2.96 -6.80
CA GLU A 72 -11.40 -2.03 -7.19
C GLU A 72 -11.85 -1.20 -6.00
N ALA A 73 -12.19 -1.88 -4.90
CA ALA A 73 -12.64 -1.20 -3.69
C ALA A 73 -11.57 -0.24 -3.18
N ALA A 74 -10.31 -0.58 -3.43
CA ALA A 74 -9.20 0.26 -3.00
C ALA A 74 -9.00 1.45 -3.93
N LYS A 75 -8.64 1.18 -5.17
CA LYS A 75 -8.42 2.22 -6.15
C LYS A 75 -9.59 3.19 -6.18
N LYS A 76 -10.80 2.65 -6.16
CA LYS A 76 -12.00 3.47 -6.17
C LYS A 76 -11.98 4.51 -5.06
N GLU A 77 -11.78 4.03 -3.83
CA GLU A 77 -11.73 4.93 -2.67
C GLU A 77 -10.53 5.86 -2.76
N TYR A 78 -9.40 5.33 -3.22
CA TYR A 78 -8.18 6.11 -3.35
C TYR A 78 -8.44 7.39 -4.14
N LEU A 79 -9.30 7.29 -5.14
CA LEU A 79 -9.64 8.45 -5.98
C LEU A 79 -10.41 9.50 -5.18
N LYS A 80 -11.47 9.06 -4.53
CA LYS A 80 -12.30 9.96 -3.72
C LYS A 80 -11.46 10.70 -2.69
N GLN A 81 -10.60 9.96 -1.99
CA GLN A 81 -9.74 10.54 -0.98
C GLN A 81 -8.80 11.57 -1.59
N LEU A 82 -8.32 11.30 -2.79
CA LEU A 82 -7.41 12.20 -3.49
C LEU A 82 -8.14 13.48 -3.90
N ALA A 83 -9.24 13.33 -4.62
CA ALA A 83 -10.03 14.47 -5.06
C ALA A 83 -10.21 15.49 -3.95
N ALA A 84 -10.10 15.02 -2.71
CA ALA A 84 -10.24 15.90 -1.55
C ALA A 84 -8.89 16.42 -1.09
N TYR A 85 -7.86 15.59 -1.22
CA TYR A 85 -6.51 15.98 -0.81
C TYR A 85 -6.11 17.31 -1.44
N ARG A 86 -6.45 17.48 -2.71
CA ARG A 86 -6.12 18.71 -3.42
C ARG A 86 -6.65 19.93 -2.68
N ALA A 87 -7.75 19.75 -1.96
CA ALA A 87 -8.35 20.84 -1.20
C ALA A 87 -7.28 21.70 -0.53
N SER A 88 -6.35 21.05 0.17
CA SER A 88 -5.28 21.75 0.86
C SER A 88 -4.30 22.36 -0.15
N LEU A 89 -4.21 21.75 -1.31
CA LEU A 89 -3.31 22.22 -2.36
C LEU A 89 -3.83 23.50 -2.98
N VAL A 90 -5.14 23.56 -3.23
CA VAL A 90 -5.76 24.73 -3.81
C VAL A 90 -6.02 25.81 -2.77
N SER A 91 -6.35 27.01 -3.23
CA SER A 91 -6.62 28.13 -2.33
C SER A 91 -8.00 28.00 -1.70
N LYS A 92 -8.99 27.67 -2.53
CA LYS A 92 -10.36 27.52 -2.06
C LYS A 92 -10.96 26.20 -2.56
N SER A 93 -11.38 25.36 -1.62
CA SER A 93 -11.97 24.07 -1.96
C SER A 93 -13.46 24.23 -2.30
N TYR A 94 -14.06 23.15 -2.79
CA TYR A 94 -15.47 23.17 -3.15
C TYR A 94 -16.28 22.30 -2.20
N THR A 95 -15.84 21.07 -2.00
CA THR A 95 -16.52 20.14 -1.10
C THR A 95 -17.84 19.67 -1.71
N ASP A 96 -18.80 20.58 -1.80
CA ASP A 96 -20.11 20.25 -2.37
C ASP A 96 -20.65 21.42 -3.18
N SER A 97 -21.45 21.10 -4.19
CA SER A 97 -22.04 22.13 -5.06
C SER A 97 -23.00 21.50 -6.07
N GLY A 98 -24.29 21.82 -5.92
CA GLY A 98 -25.28 21.28 -6.83
C GLY A 98 -26.56 22.09 -6.84
N PRO A 99 -27.20 22.19 -8.01
CA PRO A 99 -28.45 22.95 -8.17
C PRO A 99 -29.63 22.28 -7.46
N SER A 100 -30.66 23.07 -7.17
CA SER A 100 -31.84 22.57 -6.50
C SER A 100 -32.55 21.51 -7.36
N SER A 101 -32.74 21.84 -8.64
CA SER A 101 -33.41 20.93 -9.55
C SER A 101 -32.44 20.42 -10.61
N GLY A 102 -32.68 19.20 -11.09
CA GLY A 102 -31.81 18.62 -12.10
C GLY A 102 -31.90 19.33 -13.43
#